data_6J33
#
_entry.id   6J33
#
_cell.length_a   60.357
_cell.length_b   80.276
_cell.length_c   127.741
_cell.angle_alpha   96.70
_cell.angle_beta   102.30
_cell.angle_gamma   112.10
#
_symmetry.space_group_name_H-M   'P 1'
#
loop_
_entity.id
_entity.type
_entity.pdbx_description
1 polymer pullulanase
2 non-polymer 'MAGNESIUM ION'
3 non-polymer 'ACETATE ION'
4 non-polymer 'CALCIUM ION'
5 water water
#
_entity_poly.entity_id   1
_entity_poly.type   'polypeptide(L)'
_entity_poly.pdbx_seq_one_letter_code
;MDVVVRLPDVAVPGEAVQASARQAVIHLVDIAGITSSTPADYATKNLYLWNNETCDALSAPVADWNDVSTTPTGSDKYGP
YWVIPLTKESGCINVIVRDGTNKLIDSDLRVSFSDFTDRTVSVIAGNSAVYDSRADAFRAAFGVALADAHWVDKTTLLWP
GGENKPIVRLYYSHSSKVAADSNGEFSDKYVKLTPTTVSQQVSMRFPHLASYPAFKLPDDVNVDELLQGETVAIAAESDG
ILSSATQVQTAGVLDDTYAAAAEALSYGAQLTDSGVTFRVWAPTAQQVELVIYSADKKVIASHPMTRDSASGAWSWQGGS
DLKGAFYRYAMTVYHPQSRKVEQYEVTDPYAHSLSTNSEYSQVVDLNDSALKPEGWDGLTMPHAQKTKADLAKMTIHESH
IRDLSAWDQTVPAELRGKYLALTAQESNMVQHLKQLSASGVTHIELLPVFDLATVNEFSDKVADIQQPFSRLCEVNSAVK
SSEFAGYCDSGSTVEEVLTQLKQNDSKDNPQVQALNTLVAQTDSYNWGYDPFHYTVPEGSYATDPEGTARIKEFRTMIQA
IKQDLGMNVIMDVVYNHTNAAGPTDRTSVLDKIVPWYYQRLNETTGSVESATCCSDSAPEHRMFAKLIADSLAVWTTDYK
IDGFRFDLMGYHPKAQILSAWERIKALNPDIYFFGEGWDSNQSDRFEIASQINLKGTGIGTFSDRLRDAVRGGGPFDSGD
ALRQNQGVGSGAGVLPNELTTLSDDQARHLADLTRLGMAGNLADFVLIDKDGAVKRGSEIDYNGAPGGYAADPTEVVNYV
SKHDNQTLWDMISYKAAQEADLDTRVRMQAVSLATVMLGQGIAFDQQGSELLRSKSFTRDSYDSGDWFNRVDYSLQDNNY
NVGMPRSSDDGSNYDIIARVKDAVATPGETELKQMTAFYQELTALRKSSPLFTLGDGATVMKRVDFRNTGADQQTGLLVM
TIDDGMQAGASLDSRVDGIVVAINAAPESRTLQDFAGTSLQLSAIQQAAGDRSLASGVQVAADGSVTLPAWSVAVLELPQ
GESQGAGLPVSSK
;
_entity_poly.pdbx_strand_id   A,B
#
loop_
_chem_comp.id
_chem_comp.type
_chem_comp.name
_chem_comp.formula
ACT non-polymer 'ACETATE ION' 'C2 H3 O2 -1'
CA non-polymer 'CALCIUM ION' 'Ca 2'
MG non-polymer 'MAGNESIUM ION' 'Mg 2'
#
# COMPACT_ATOMS: atom_id res chain seq x y z
N ASP A 2 16.22 -25.53 -25.39
CA ASP A 2 15.58 -24.59 -24.51
C ASP A 2 14.29 -24.06 -25.05
N VAL A 3 13.31 -23.88 -24.20
CA VAL A 3 12.06 -23.34 -24.63
C VAL A 3 12.28 -21.86 -24.95
N VAL A 4 11.65 -21.36 -26.00
CA VAL A 4 11.76 -19.99 -26.35
C VAL A 4 10.76 -19.24 -25.54
N VAL A 5 11.19 -18.12 -24.97
CA VAL A 5 10.29 -17.25 -24.21
C VAL A 5 9.61 -16.29 -25.18
N ARG A 6 8.31 -16.07 -24.99
N ARG A 6 8.33 -16.09 -24.99
CA ARG A 6 7.55 -15.26 -25.93
CA ARG A 6 7.59 -15.23 -25.90
C ARG A 6 6.40 -14.57 -25.22
C ARG A 6 6.43 -14.55 -25.22
N LEU A 7 5.81 -13.61 -25.93
CA LEU A 7 4.67 -12.89 -25.41
C LEU A 7 3.46 -13.79 -25.29
N PRO A 8 2.42 -13.35 -24.53
CA PRO A 8 1.23 -14.21 -24.43
C PRO A 8 0.63 -14.41 -25.81
N ASP A 9 0.27 -15.63 -26.13
CA ASP A 9 -0.37 -15.90 -27.41
C ASP A 9 -1.85 -15.55 -27.41
N VAL A 10 -2.22 -14.52 -26.65
CA VAL A 10 -3.58 -14.05 -26.56
C VAL A 10 -3.71 -12.79 -27.40
N ALA A 11 -4.95 -12.45 -27.75
CA ALA A 11 -5.21 -11.24 -28.52
C ALA A 11 -4.93 -10.02 -27.67
N VAL A 12 -4.35 -9.00 -28.30
CA VAL A 12 -4.07 -7.74 -27.60
C VAL A 12 -5.37 -6.94 -27.52
N PRO A 13 -5.71 -6.40 -26.35
CA PRO A 13 -7.03 -5.77 -26.20
C PRO A 13 -7.17 -4.51 -27.03
N GLY A 14 -8.31 -4.37 -27.68
CA GLY A 14 -8.71 -3.12 -28.28
C GLY A 14 -9.24 -2.17 -27.22
N GLU A 15 -9.65 -1.00 -27.68
CA GLU A 15 -10.26 -0.03 -26.78
C GLU A 15 -11.71 -0.39 -26.53
N ALA A 16 -12.14 -0.22 -25.28
CA ALA A 16 -13.55 -0.50 -24.96
C ALA A 16 -14.44 0.58 -25.53
N VAL A 17 -14.01 1.84 -25.43
CA VAL A 17 -14.72 2.97 -25.99
C VAL A 17 -13.70 4.08 -26.20
N GLN A 18 -13.99 4.96 -27.13
CA GLN A 18 -13.14 6.10 -27.44
C GLN A 18 -13.85 7.36 -26.98
N ALA A 19 -13.11 8.27 -26.37
CA ALA A 19 -13.73 9.49 -25.85
C ALA A 19 -14.31 10.32 -26.98
N SER A 20 -15.54 10.76 -26.80
N SER A 20 -15.55 10.77 -26.81
CA SER A 20 -16.19 11.70 -27.70
CA SER A 20 -16.15 11.70 -27.73
C SER A 20 -15.96 13.12 -27.20
C SER A 20 -15.98 13.12 -27.18
N ALA A 21 -16.68 14.08 -27.79
CA ALA A 21 -16.50 15.48 -27.43
C ALA A 21 -16.81 15.73 -25.95
N ARG A 22 -15.97 16.53 -25.31
CA ARG A 22 -16.15 16.90 -23.89
C ARG A 22 -16.17 15.68 -22.98
N GLN A 23 -15.42 14.65 -23.36
CA GLN A 23 -15.29 13.43 -22.57
C GLN A 23 -13.83 13.03 -22.46
N ALA A 24 -13.48 12.43 -21.33
CA ALA A 24 -12.27 11.64 -21.20
C ALA A 24 -12.70 10.21 -20.88
N VAL A 25 -11.81 9.26 -21.20
CA VAL A 25 -12.05 7.85 -20.91
C VAL A 25 -10.82 7.30 -20.19
N ILE A 26 -11.04 6.57 -19.11
CA ILE A 26 -9.97 5.84 -18.43
C ILE A 26 -10.33 4.36 -18.38
N HIS A 27 -9.44 3.53 -18.91
CA HIS A 27 -9.53 2.07 -18.79
C HIS A 27 -8.65 1.63 -17.64
N LEU A 28 -9.16 0.76 -16.78
CA LEU A 28 -8.34 0.02 -15.82
C LEU A 28 -8.12 -1.37 -16.41
N VAL A 29 -6.91 -1.62 -16.90
CA VAL A 29 -6.62 -2.86 -17.62
C VAL A 29 -6.34 -3.96 -16.61
N ASP A 30 -7.20 -4.97 -16.60
CA ASP A 30 -7.11 -6.05 -15.64
C ASP A 30 -6.08 -7.07 -16.01
N ILE A 31 -4.83 -6.67 -15.85
CA ILE A 31 -3.73 -7.50 -16.19
C ILE A 31 -3.69 -8.74 -15.35
N ALA A 32 -3.99 -8.67 -14.06
CA ALA A 32 -3.92 -9.86 -13.20
C ALA A 32 -4.85 -11.02 -13.54
N GLY A 33 -4.57 -11.73 -14.63
CA GLY A 33 -5.40 -12.78 -15.15
C GLY A 33 -6.50 -12.10 -15.94
N ASP A 41 -15.00 -8.47 -9.73
CA ASP A 41 -14.84 -7.48 -8.69
C ASP A 41 -14.89 -5.98 -9.11
N TYR A 42 -15.51 -5.72 -10.24
CA TYR A 42 -15.55 -4.36 -10.76
C TYR A 42 -16.49 -3.34 -10.13
N ALA A 43 -17.56 -3.74 -9.50
CA ALA A 43 -18.52 -2.85 -8.88
C ALA A 43 -17.96 -1.99 -7.76
N THR A 44 -16.98 -2.47 -7.06
CA THR A 44 -16.38 -1.66 -6.01
C THR A 44 -15.28 -0.73 -6.54
N LYS A 45 -14.92 -0.85 -7.81
CA LYS A 45 -13.95 0.07 -8.40
C LYS A 45 -14.61 1.41 -8.67
N ASN A 46 -13.88 2.48 -8.39
CA ASN A 46 -14.45 3.82 -8.57
C ASN A 46 -13.32 4.83 -8.71
N LEU A 47 -13.69 6.02 -9.18
CA LEU A 47 -12.74 7.10 -9.35
C LEU A 47 -13.07 8.21 -8.36
N TYR A 48 -12.02 8.79 -7.78
CA TYR A 48 -12.12 10.07 -7.11
C TYR A 48 -11.59 11.12 -8.08
N LEU A 49 -12.40 12.14 -8.35
CA LEU A 49 -12.13 13.13 -9.38
C LEU A 49 -12.30 14.52 -8.77
N TRP A 50 -11.37 15.42 -9.10
CA TRP A 50 -11.46 16.76 -8.53
C TRP A 50 -10.67 17.74 -9.40
N ASN A 51 -11.11 18.99 -9.40
CA ASN A 51 -10.41 20.07 -10.07
C ASN A 51 -9.56 20.81 -9.06
N ASN A 52 -8.37 21.22 -9.48
CA ASN A 52 -7.54 22.14 -8.71
C ASN A 52 -7.03 23.23 -9.64
N GLU A 53 -6.00 23.95 -9.20
N GLU A 53 -5.99 23.94 -9.20
CA GLU A 53 -5.51 25.06 -10.02
CA GLU A 53 -5.46 25.06 -9.96
C GLU A 53 -4.86 24.58 -11.31
C GLU A 53 -4.84 24.60 -11.28
N THR A 54 -4.05 23.53 -11.24
CA THR A 54 -3.31 23.09 -12.41
C THR A 54 -4.15 22.23 -13.36
N CYS A 55 -5.05 21.43 -12.81
CA CYS A 55 -5.93 20.58 -13.60
C CYS A 55 -7.33 21.06 -13.29
N ASP A 56 -8.10 21.43 -14.31
CA ASP A 56 -9.43 21.95 -14.03
C ASP A 56 -10.42 21.66 -15.15
N ALA A 57 -10.27 20.53 -15.84
CA ALA A 57 -11.10 20.24 -17.00
C ALA A 57 -12.37 19.45 -16.67
N LEU A 58 -12.52 18.95 -15.44
CA LEU A 58 -13.64 18.09 -15.12
C LEU A 58 -14.94 18.89 -14.99
N SER A 59 -16.02 18.31 -15.48
CA SER A 59 -17.35 18.88 -15.32
C SER A 59 -17.98 18.31 -14.05
N ALA A 60 -18.30 19.19 -13.11
CA ALA A 60 -18.99 18.87 -11.86
C ALA A 60 -18.57 17.55 -11.21
N PRO A 61 -17.30 17.41 -10.86
CA PRO A 61 -16.86 16.17 -10.22
C PRO A 61 -17.45 16.04 -8.82
N VAL A 62 -17.70 14.79 -8.42
CA VAL A 62 -18.28 14.52 -7.11
C VAL A 62 -17.31 14.98 -6.02
N ALA A 63 -17.82 15.79 -5.10
CA ALA A 63 -16.96 16.45 -4.13
C ALA A 63 -16.50 15.53 -3.00
N ASP A 64 -17.38 14.66 -2.51
CA ASP A 64 -17.16 13.91 -1.28
C ASP A 64 -16.24 12.71 -1.52
N TRP A 65 -15.07 12.71 -0.86
CA TRP A 65 -14.14 11.58 -0.94
C TRP A 65 -14.82 10.26 -0.63
N ASN A 66 -15.73 10.25 0.35
CA ASN A 66 -16.38 9.01 0.76
C ASN A 66 -17.39 8.49 -0.24
N ASP A 67 -17.79 9.30 -1.22
CA ASP A 67 -18.72 8.83 -2.26
C ASP A 67 -17.98 7.89 -3.20
N VAL A 68 -18.39 6.63 -3.21
CA VAL A 68 -17.74 5.61 -4.03
C VAL A 68 -18.63 5.20 -5.19
N SER A 69 -19.53 6.10 -5.60
CA SER A 69 -20.53 5.76 -6.60
C SER A 69 -20.12 6.07 -8.04
N THR A 70 -18.97 6.71 -8.27
CA THR A 70 -18.48 6.87 -9.64
C THR A 70 -17.89 5.55 -10.11
N THR A 71 -18.78 4.60 -10.36
CA THR A 71 -18.46 3.22 -10.69
C THR A 71 -18.33 3.10 -12.20
N PRO A 72 -17.83 1.96 -12.70
CA PRO A 72 -17.51 1.87 -14.13
C PRO A 72 -18.70 2.11 -15.05
N THR A 73 -18.43 2.85 -16.13
CA THR A 73 -19.42 3.03 -17.19
C THR A 73 -19.69 1.73 -17.92
N GLY A 74 -18.67 0.89 -18.07
CA GLY A 74 -18.84 -0.43 -18.65
C GLY A 74 -17.62 -1.24 -18.29
N SER A 75 -17.58 -2.46 -18.82
CA SER A 75 -16.48 -3.37 -18.53
C SER A 75 -16.52 -4.52 -19.52
N ASP A 76 -15.38 -5.18 -19.63
CA ASP A 76 -15.29 -6.44 -20.36
C ASP A 76 -14.20 -7.28 -19.70
N LYS A 77 -13.79 -8.33 -20.34
CA LYS A 77 -12.79 -9.22 -19.75
C LYS A 77 -11.45 -8.58 -19.52
N TYR A 78 -11.17 -7.50 -20.22
CA TYR A 78 -9.92 -6.78 -20.01
C TYR A 78 -10.03 -5.70 -18.94
N GLY A 79 -11.18 -5.54 -18.31
CA GLY A 79 -11.33 -4.63 -17.20
C GLY A 79 -12.44 -3.62 -17.38
N PRO A 80 -12.65 -2.79 -16.36
CA PRO A 80 -13.67 -1.74 -16.41
C PRO A 80 -13.10 -0.47 -17.04
N TYR A 81 -14.01 0.45 -17.35
CA TYR A 81 -13.61 1.75 -17.83
C TYR A 81 -14.65 2.79 -17.42
N TRP A 82 -14.23 4.06 -17.47
CA TRP A 82 -15.06 5.18 -17.06
C TRP A 82 -15.09 6.22 -18.17
N VAL A 83 -16.27 6.72 -18.49
CA VAL A 83 -16.42 7.90 -19.34
C VAL A 83 -16.69 9.08 -18.43
N ILE A 84 -15.89 10.14 -18.59
CA ILE A 84 -15.84 11.24 -17.64
C ILE A 84 -16.21 12.53 -18.37
N PRO A 85 -17.21 13.27 -17.90
CA PRO A 85 -17.58 14.52 -18.57
C PRO A 85 -16.60 15.65 -18.25
N LEU A 86 -16.32 16.45 -19.27
CA LEU A 86 -15.39 17.56 -19.19
C LEU A 86 -16.09 18.85 -19.59
N THR A 87 -15.51 19.97 -19.19
CA THR A 87 -15.96 21.28 -19.65
C THR A 87 -15.16 21.79 -20.84
N LYS A 88 -14.02 21.17 -21.14
CA LYS A 88 -13.15 21.57 -22.22
C LYS A 88 -12.27 20.38 -22.56
N GLU A 89 -11.65 20.44 -23.74
CA GLU A 89 -10.80 19.35 -24.22
C GLU A 89 -9.32 19.65 -24.12
N SER A 90 -8.95 20.75 -23.48
CA SER A 90 -7.56 21.07 -23.20
C SER A 90 -7.30 20.97 -21.71
N GLY A 91 -6.01 20.93 -21.36
CA GLY A 91 -5.61 20.87 -19.96
C GLY A 91 -5.40 19.47 -19.45
N CYS A 92 -5.78 19.23 -18.19
CA CYS A 92 -5.61 17.93 -17.58
C CYS A 92 -6.65 17.70 -16.49
N ILE A 93 -6.73 16.46 -16.04
CA ILE A 93 -7.66 16.08 -14.98
C ILE A 93 -6.92 15.33 -13.89
N ASN A 94 -7.42 15.48 -12.65
CA ASN A 94 -6.90 14.75 -11.50
C ASN A 94 -7.74 13.51 -11.28
N VAL A 95 -7.09 12.37 -11.09
CA VAL A 95 -7.77 11.08 -10.96
C VAL A 95 -7.06 10.25 -9.90
N ILE A 96 -7.84 9.66 -8.99
CA ILE A 96 -7.37 8.58 -8.14
C ILE A 96 -8.24 7.36 -8.41
N VAL A 97 -7.60 6.24 -8.73
CA VAL A 97 -8.30 5.00 -9.03
C VAL A 97 -8.38 4.18 -7.76
N ARG A 98 -9.59 3.78 -7.38
CA ARG A 98 -9.83 3.21 -6.07
C ARG A 98 -10.65 1.91 -6.13
N ASP A 99 -10.50 1.12 -5.08
CA ASP A 99 -11.50 0.11 -4.72
C ASP A 99 -12.03 0.54 -3.36
N GLY A 100 -13.32 0.84 -3.27
CA GLY A 100 -13.80 1.51 -2.08
C GLY A 100 -13.13 2.86 -1.96
N THR A 101 -12.65 3.19 -0.75
CA THR A 101 -11.86 4.40 -0.56
C THR A 101 -10.37 4.12 -0.43
N ASN A 102 -9.91 2.99 -0.97
CA ASN A 102 -8.49 2.64 -0.97
C ASN A 102 -7.90 2.85 -2.37
N LYS A 103 -6.72 3.47 -2.42
CA LYS A 103 -6.07 3.71 -3.69
C LYS A 103 -5.56 2.40 -4.28
N LEU A 104 -5.79 2.20 -5.57
CA LEU A 104 -5.25 1.07 -6.29
C LEU A 104 -3.96 1.40 -7.00
N ILE A 105 -3.67 2.68 -7.20
CA ILE A 105 -2.39 3.18 -7.66
C ILE A 105 -1.93 4.20 -6.62
N ASP A 106 -0.71 4.02 -6.11
CA ASP A 106 -0.24 4.91 -5.04
C ASP A 106 -0.02 6.33 -5.54
N SER A 107 0.38 6.49 -6.80
CA SER A 107 0.54 7.82 -7.37
C SER A 107 -0.82 8.47 -7.58
N ASP A 108 -0.89 9.78 -7.32
CA ASP A 108 -2.07 10.56 -7.67
C ASP A 108 -1.93 10.95 -9.13
N LEU A 109 -2.83 10.43 -9.96
CA LEU A 109 -2.64 10.50 -11.41
C LEU A 109 -3.03 11.85 -11.97
N ARG A 110 -2.32 12.24 -13.03
N ARG A 110 -2.31 12.25 -13.03
CA ARG A 110 -2.60 13.46 -13.78
CA ARG A 110 -2.59 13.46 -13.78
C ARG A 110 -2.69 13.02 -15.23
C ARG A 110 -2.66 13.07 -15.25
N VAL A 111 -3.86 13.15 -15.83
CA VAL A 111 -4.08 12.75 -17.22
C VAL A 111 -3.99 14.01 -18.09
N SER A 112 -2.92 14.10 -18.86
CA SER A 112 -2.64 15.28 -19.67
C SER A 112 -3.27 15.13 -21.04
N PHE A 113 -4.15 16.06 -21.39
CA PHE A 113 -4.77 16.06 -22.72
C PHE A 113 -3.84 16.56 -23.81
N SER A 114 -2.63 16.98 -23.47
CA SER A 114 -1.61 17.27 -24.47
C SER A 114 -0.72 16.07 -24.75
N ASP A 115 -0.43 15.26 -23.73
CA ASP A 115 0.26 13.99 -23.94
C ASP A 115 -0.67 12.93 -24.53
N PHE A 116 -1.97 13.04 -24.31
CA PHE A 116 -2.96 12.07 -24.81
C PHE A 116 -4.08 12.90 -25.43
N THR A 117 -3.87 13.29 -26.70
CA THR A 117 -4.80 14.20 -27.37
C THR A 117 -6.18 13.59 -27.58
N ASP A 118 -6.30 12.26 -27.61
CA ASP A 118 -7.61 11.64 -27.74
C ASP A 118 -8.33 11.47 -26.41
N ARG A 119 -7.70 11.85 -25.30
CA ARG A 119 -8.32 11.84 -23.98
C ARG A 119 -8.82 10.47 -23.55
N THR A 120 -8.26 9.40 -24.13
CA THR A 120 -8.69 8.03 -23.88
C THR A 120 -7.45 7.27 -23.43
N VAL A 121 -7.33 7.02 -22.13
CA VAL A 121 -6.12 6.49 -21.54
C VAL A 121 -6.40 5.18 -20.79
N SER A 122 -5.32 4.50 -20.41
CA SER A 122 -5.37 3.22 -19.74
C SER A 122 -4.34 3.18 -18.62
N VAL A 123 -4.69 2.53 -17.51
CA VAL A 123 -3.80 2.33 -16.38
C VAL A 123 -3.94 0.90 -15.89
N ILE A 124 -2.97 0.48 -15.07
CA ILE A 124 -2.93 -0.83 -14.45
C ILE A 124 -2.76 -0.63 -12.95
N ALA A 125 -3.50 -1.39 -12.15
CA ALA A 125 -3.36 -1.27 -10.70
C ALA A 125 -1.92 -1.55 -10.28
N GLY A 126 -1.44 -0.77 -9.32
CA GLY A 126 -0.07 -0.92 -8.83
C GLY A 126 0.99 -0.35 -9.76
N ASN A 127 0.60 0.40 -10.77
CA ASN A 127 1.49 0.93 -11.80
C ASN A 127 1.14 2.40 -11.98
N SER A 128 2.15 3.27 -11.91
CA SER A 128 1.91 4.70 -11.97
C SER A 128 1.92 5.27 -13.38
N ALA A 129 2.11 4.45 -14.41
CA ALA A 129 2.20 4.94 -15.77
C ALA A 129 0.82 5.10 -16.40
N VAL A 130 0.71 6.05 -17.32
CA VAL A 130 -0.51 6.29 -18.09
C VAL A 130 -0.23 5.97 -19.56
N TYR A 131 -1.04 5.08 -20.12
CA TYR A 131 -0.86 4.59 -21.48
C TYR A 131 -1.98 5.12 -22.40
N ASP A 132 -1.67 5.17 -23.69
CA ASP A 132 -2.60 5.71 -24.69
C ASP A 132 -3.64 4.70 -25.15
N SER A 133 -3.51 3.43 -24.78
CA SER A 133 -4.44 2.41 -25.21
C SER A 133 -4.28 1.20 -24.32
N ARG A 134 -5.30 0.34 -24.30
CA ARG A 134 -5.17 -0.92 -23.57
C ARG A 134 -4.13 -1.81 -24.20
N ALA A 135 -3.93 -1.70 -25.51
CA ALA A 135 -2.87 -2.43 -26.18
C ALA A 135 -1.50 -2.03 -25.64
N ASP A 136 -1.23 -0.72 -25.54
CA ASP A 136 0.04 -0.27 -24.98
C ASP A 136 0.23 -0.74 -23.55
N ALA A 137 -0.83 -0.64 -22.73
CA ALA A 137 -0.74 -1.11 -21.36
C ALA A 137 -0.45 -2.60 -21.31
N PHE A 138 -1.07 -3.36 -22.21
CA PHE A 138 -0.86 -4.80 -22.25
C PHE A 138 0.59 -5.13 -22.62
N ARG A 139 1.11 -4.50 -23.68
CA ARG A 139 2.48 -4.75 -24.09
C ARG A 139 3.48 -4.29 -23.02
N ALA A 140 3.16 -3.23 -22.29
CA ALA A 140 4.03 -2.81 -21.19
C ALA A 140 3.99 -3.83 -20.05
N ALA A 141 2.82 -4.41 -19.79
CA ALA A 141 2.70 -5.36 -18.69
C ALA A 141 3.48 -6.64 -18.97
N PHE A 142 3.69 -6.98 -20.23
CA PHE A 142 4.47 -8.15 -20.63
C PHE A 142 5.75 -7.73 -21.35
N GLY A 143 6.34 -6.63 -20.92
CA GLY A 143 7.61 -6.17 -21.46
C GLY A 143 8.56 -5.79 -20.33
N VAL A 144 9.73 -5.32 -20.72
CA VAL A 144 10.73 -4.89 -19.74
C VAL A 144 10.15 -3.72 -18.95
N ALA A 145 10.11 -3.88 -17.63
CA ALA A 145 9.50 -2.88 -16.76
C ALA A 145 10.25 -2.81 -15.44
N LEU A 146 10.51 -1.58 -14.99
CA LEU A 146 11.17 -1.31 -13.71
C LEU A 146 12.59 -1.87 -13.71
N ALA A 147 13.19 -2.00 -12.53
CA ALA A 147 14.55 -2.49 -12.42
C ALA A 147 14.73 -3.15 -11.06
N ASP A 148 13.94 -4.20 -10.78
CA ASP A 148 13.92 -4.81 -9.47
C ASP A 148 14.77 -6.08 -9.35
N ALA A 149 15.61 -6.36 -10.34
CA ALA A 149 16.58 -7.45 -10.27
C ALA A 149 17.96 -6.88 -9.96
N HIS A 150 18.69 -7.54 -9.08
CA HIS A 150 19.99 -7.06 -8.60
C HIS A 150 21.05 -8.12 -8.83
N TRP A 151 22.01 -7.82 -9.69
CA TRP A 151 23.14 -8.71 -9.95
C TRP A 151 24.24 -8.27 -8.98
N VAL A 152 24.38 -9.03 -7.88
CA VAL A 152 25.09 -8.53 -6.70
C VAL A 152 26.49 -9.12 -6.53
N ASP A 153 26.78 -10.26 -7.13
CA ASP A 153 28.14 -10.77 -7.22
C ASP A 153 28.24 -11.56 -8.51
N LYS A 154 29.42 -12.15 -8.75
CA LYS A 154 29.69 -12.81 -10.03
C LYS A 154 28.55 -13.72 -10.46
N THR A 155 28.06 -14.56 -9.54
CA THR A 155 27.09 -15.59 -9.91
C THR A 155 25.70 -15.44 -9.29
N THR A 156 25.42 -14.36 -8.55
CA THR A 156 24.18 -14.27 -7.80
C THR A 156 23.31 -13.13 -8.32
N LEU A 157 22.07 -13.46 -8.67
CA LEU A 157 21.04 -12.47 -8.97
C LEU A 157 19.94 -12.56 -7.91
N LEU A 158 19.57 -11.42 -7.34
CA LEU A 158 18.49 -11.35 -6.36
C LEU A 158 17.29 -10.70 -7.05
N TRP A 159 16.17 -11.43 -7.11
CA TRP A 159 15.05 -10.94 -7.90
C TRP A 159 13.72 -11.54 -7.43
N PRO A 160 12.79 -10.72 -6.94
CA PRO A 160 11.48 -11.28 -6.55
C PRO A 160 10.70 -11.84 -7.71
N GLY A 161 10.90 -11.33 -8.92
CA GLY A 161 10.13 -11.77 -10.07
C GLY A 161 10.38 -13.21 -10.49
N GLY A 162 11.52 -13.78 -10.10
CA GLY A 162 11.85 -15.13 -10.49
C GLY A 162 11.32 -16.23 -9.58
N GLU A 163 10.62 -15.88 -8.51
CA GLU A 163 10.23 -16.86 -7.51
C GLU A 163 9.15 -17.77 -8.06
N ASN A 164 9.32 -19.08 -7.84
CA ASN A 164 8.36 -20.11 -8.24
C ASN A 164 8.11 -20.14 -9.74
N LYS A 165 9.05 -19.65 -10.54
CA LYS A 165 8.93 -19.74 -11.97
C LYS A 165 9.95 -20.72 -12.52
N PRO A 166 9.55 -21.59 -13.46
CA PRO A 166 10.50 -22.59 -13.95
C PRO A 166 11.58 -22.02 -14.85
N ILE A 167 11.29 -20.95 -15.59
CA ILE A 167 12.25 -20.32 -16.48
C ILE A 167 12.65 -18.98 -15.89
N VAL A 168 13.93 -18.86 -15.51
CA VAL A 168 14.50 -17.62 -15.01
C VAL A 168 15.81 -17.41 -15.76
N ARG A 169 15.91 -16.29 -16.48
CA ARG A 169 17.03 -16.08 -17.39
C ARG A 169 17.51 -14.64 -17.32
N LEU A 170 18.78 -14.46 -17.66
CA LEU A 170 19.40 -13.14 -17.78
C LEU A 170 19.67 -12.95 -19.27
N TYR A 171 18.82 -12.16 -19.93
CA TYR A 171 18.99 -11.83 -21.33
C TYR A 171 19.86 -10.58 -21.46
N TYR A 172 20.55 -10.46 -22.59
CA TYR A 172 21.47 -9.35 -22.75
C TYR A 172 21.62 -9.00 -24.23
N SER A 173 21.89 -7.73 -24.49
CA SER A 173 22.17 -7.22 -25.82
C SER A 173 23.23 -6.15 -25.70
N HIS A 174 24.28 -6.29 -26.51
CA HIS A 174 25.40 -5.37 -26.45
C HIS A 174 25.01 -3.98 -26.93
N SER A 175 24.31 -3.88 -28.05
CA SER A 175 24.11 -2.62 -28.74
C SER A 175 22.66 -2.17 -28.89
N SER A 176 21.70 -2.95 -28.40
N SER A 176 21.70 -2.96 -28.41
CA SER A 176 20.29 -2.57 -28.49
CA SER A 176 20.28 -2.61 -28.52
C SER A 176 19.59 -2.99 -27.21
C SER A 176 19.59 -3.01 -27.22
N LYS A 177 18.29 -2.81 -27.18
N LYS A 177 18.28 -2.80 -27.18
CA LYS A 177 17.51 -3.16 -26.04
CA LYS A 177 17.49 -3.16 -26.04
C LYS A 177 17.02 -4.58 -26.15
C LYS A 177 16.95 -4.57 -26.15
N VAL A 178 16.91 -5.28 -25.05
CA VAL A 178 16.27 -6.60 -25.02
C VAL A 178 14.78 -6.38 -25.22
N ALA A 179 14.23 -7.01 -26.24
CA ALA A 179 12.82 -6.83 -26.56
C ALA A 179 12.38 -8.01 -27.40
N ALA A 180 11.07 -8.21 -27.42
CA ALA A 180 10.49 -9.26 -28.24
C ALA A 180 10.54 -8.84 -29.70
N ASP A 181 10.84 -9.79 -30.57
CA ASP A 181 10.90 -9.51 -31.98
C ASP A 181 9.51 -9.49 -32.62
N SER A 182 9.45 -9.39 -33.95
CA SER A 182 8.16 -9.34 -34.66
C SER A 182 7.28 -10.59 -34.57
N ASN A 183 7.93 -11.70 -34.34
CA ASN A 183 7.31 -12.99 -34.09
C ASN A 183 6.84 -13.04 -32.65
N GLY A 184 7.42 -12.21 -31.81
CA GLY A 184 7.02 -12.14 -30.43
C GLY A 184 7.93 -12.96 -29.57
N GLU A 185 9.08 -13.28 -30.09
CA GLU A 185 9.98 -14.06 -29.33
C GLU A 185 11.18 -13.26 -28.85
N PHE A 186 11.61 -13.54 -27.64
CA PHE A 186 12.82 -12.90 -27.13
C PHE A 186 14.01 -13.66 -27.66
N SER A 187 14.62 -13.16 -28.73
CA SER A 187 15.74 -13.79 -29.38
C SER A 187 17.14 -13.37 -29.06
N ASP A 188 17.27 -12.46 -28.13
CA ASP A 188 18.61 -12.10 -27.71
C ASP A 188 19.23 -13.25 -26.92
N LYS A 189 20.56 -13.21 -26.83
N LYS A 189 20.55 -13.20 -26.80
CA LYS A 189 21.28 -14.21 -26.03
CA LYS A 189 21.30 -14.19 -26.05
C LYS A 189 20.86 -14.12 -24.58
C LYS A 189 20.92 -14.11 -24.57
N TYR A 190 21.00 -15.23 -23.87
CA TYR A 190 20.67 -15.25 -22.44
C TYR A 190 21.57 -16.24 -21.73
N VAL A 191 21.53 -16.15 -20.40
CA VAL A 191 22.20 -17.08 -19.49
C VAL A 191 21.12 -17.65 -18.58
N LYS A 192 21.12 -18.97 -18.41
CA LYS A 192 20.11 -19.62 -17.59
C LYS A 192 20.46 -19.51 -16.11
N LEU A 193 19.46 -19.17 -15.30
CA LEU A 193 19.59 -19.02 -13.86
C LEU A 193 18.84 -20.14 -13.15
N THR A 194 19.34 -20.52 -11.98
N THR A 194 19.35 -20.52 -11.99
CA THR A 194 18.84 -21.62 -11.17
CA THR A 194 18.71 -21.54 -11.18
C THR A 194 18.67 -21.14 -9.73
C THR A 194 18.60 -21.08 -9.76
N PRO A 195 17.64 -21.60 -9.02
CA PRO A 195 17.50 -21.21 -7.61
C PRO A 195 18.74 -21.59 -6.81
N THR A 196 19.09 -20.72 -5.86
CA THR A 196 20.23 -20.97 -4.99
C THR A 196 19.97 -20.31 -3.64
N THR A 197 20.94 -20.42 -2.75
CA THR A 197 20.90 -19.76 -1.46
C THR A 197 21.95 -18.65 -1.45
N VAL A 198 21.55 -17.46 -0.98
CA VAL A 198 22.47 -16.34 -0.95
C VAL A 198 23.63 -16.65 -0.01
N SER A 199 24.82 -16.20 -0.39
CA SER A 199 25.98 -16.38 0.47
C SER A 199 25.91 -15.41 1.64
N GLN A 200 26.63 -15.76 2.71
N GLN A 200 26.58 -15.68 2.69
CA GLN A 200 26.74 -14.86 3.85
CA GLN A 200 26.68 -14.78 3.82
C GLN A 200 27.44 -13.56 3.46
C GLN A 200 27.39 -13.48 3.43
N GLN A 201 28.41 -13.64 2.53
CA GLN A 201 29.10 -12.44 2.08
C GLN A 201 28.12 -11.46 1.43
N VAL A 202 27.27 -11.97 0.54
CA VAL A 202 26.31 -11.09 -0.13
C VAL A 202 25.29 -10.53 0.86
N SER A 203 24.83 -11.37 1.79
N SER A 203 24.84 -11.36 1.81
CA SER A 203 23.84 -10.91 2.76
CA SER A 203 23.84 -10.93 2.78
C SER A 203 24.38 -9.77 3.63
C SER A 203 24.37 -9.80 3.66
N MET A 204 25.67 -9.82 3.98
CA MET A 204 26.25 -8.74 4.76
C MET A 204 26.43 -7.48 3.93
N ARG A 205 26.70 -7.62 2.63
CA ARG A 205 26.87 -6.44 1.78
C ARG A 205 25.54 -5.76 1.51
N PHE A 206 24.48 -6.54 1.33
CA PHE A 206 23.17 -6.00 0.94
C PHE A 206 22.08 -6.56 1.86
N PRO A 207 22.09 -6.17 3.13
CA PRO A 207 21.09 -6.71 4.07
C PRO A 207 19.65 -6.38 3.68
N HIS A 208 19.43 -5.25 3.00
CA HIS A 208 18.10 -4.87 2.56
C HIS A 208 17.59 -5.73 1.42
N LEU A 209 18.43 -6.51 0.80
CA LEU A 209 18.02 -7.40 -0.29
C LEU A 209 18.12 -8.85 0.13
N ALA A 210 18.59 -9.14 1.33
CA ALA A 210 18.82 -10.51 1.77
C ALA A 210 17.63 -11.49 1.75
N SER A 211 16.43 -10.97 1.83
CA SER A 211 15.22 -11.76 1.73
C SER A 211 14.67 -11.92 0.29
N TYR A 212 15.37 -11.40 -0.71
CA TYR A 212 14.94 -11.55 -2.07
C TYR A 212 15.32 -12.96 -2.52
N PRO A 213 14.52 -13.56 -3.41
CA PRO A 213 14.88 -14.87 -3.98
C PRO A 213 16.19 -14.80 -4.73
N ALA A 214 17.05 -15.78 -4.49
CA ALA A 214 18.40 -15.81 -5.05
C ALA A 214 18.49 -16.79 -6.20
N PHE A 215 19.26 -16.43 -7.22
CA PHE A 215 19.42 -17.25 -8.40
C PHE A 215 20.89 -17.25 -8.80
N LYS A 216 21.35 -18.37 -9.34
N LYS A 216 21.35 -18.36 -9.33
CA LYS A 216 22.76 -18.57 -9.65
CA LYS A 216 22.74 -18.54 -9.68
C LYS A 216 22.98 -18.57 -11.15
C LYS A 216 23.07 -18.68 -11.15
N LEU A 217 24.00 -17.85 -11.59
CA LEU A 217 24.55 -17.93 -12.93
C LEU A 217 25.61 -19.04 -12.97
N PRO A 218 25.84 -19.65 -14.14
CA PRO A 218 26.93 -20.63 -14.26
C PRO A 218 28.25 -20.01 -13.85
N ASP A 219 29.13 -20.84 -13.27
CA ASP A 219 30.41 -20.34 -12.79
C ASP A 219 31.30 -19.84 -13.92
N ASP A 220 31.06 -20.30 -15.16
CA ASP A 220 31.85 -19.90 -16.30
C ASP A 220 31.26 -18.73 -17.07
N VAL A 221 30.35 -17.96 -16.46
CA VAL A 221 29.71 -16.85 -17.16
C VAL A 221 30.74 -15.78 -17.49
N ASN A 222 30.64 -15.22 -18.69
CA ASN A 222 31.53 -14.15 -19.14
C ASN A 222 30.90 -12.84 -18.68
N VAL A 223 31.24 -12.43 -17.45
N VAL A 223 31.16 -12.45 -17.44
CA VAL A 223 30.58 -11.29 -16.85
CA VAL A 223 30.52 -11.24 -16.92
C VAL A 223 30.82 -10.02 -17.66
C VAL A 223 30.81 -10.00 -17.71
N ASP A 224 32.03 -9.84 -18.18
N ASP A 224 32.05 -9.86 -18.17
CA ASP A 224 32.31 -8.61 -18.93
CA ASP A 224 32.42 -8.68 -18.93
C ASP A 224 31.38 -8.43 -20.11
C ASP A 224 31.60 -8.54 -20.20
N GLU A 225 31.13 -9.49 -20.86
N GLU A 225 31.25 -9.67 -20.84
CA GLU A 225 30.35 -9.36 -22.09
CA GLU A 225 30.36 -9.63 -22.00
C GLU A 225 28.85 -9.19 -21.84
C GLU A 225 29.06 -8.92 -21.64
N LEU A 226 28.37 -9.45 -20.63
CA LEU A 226 27.03 -8.97 -20.30
C LEU A 226 27.04 -7.52 -19.81
N LEU A 227 28.08 -7.13 -19.07
CA LEU A 227 28.08 -5.82 -18.43
C LEU A 227 28.36 -4.67 -19.38
N GLN A 228 28.71 -4.97 -20.64
CA GLN A 228 28.98 -3.96 -21.65
C GLN A 228 27.73 -3.37 -22.29
N GLY A 229 26.56 -3.94 -22.04
CA GLY A 229 25.34 -3.45 -22.64
C GLY A 229 24.15 -3.62 -21.72
N GLU A 230 22.98 -3.81 -22.31
CA GLU A 230 21.77 -3.98 -21.53
C GLU A 230 21.65 -5.41 -21.04
N THR A 231 21.27 -5.58 -19.78
CA THR A 231 20.92 -6.87 -19.21
C THR A 231 19.52 -6.79 -18.63
N VAL A 232 18.72 -7.83 -18.88
CA VAL A 232 17.33 -7.87 -18.44
C VAL A 232 17.07 -9.25 -17.84
N ALA A 233 16.46 -9.27 -16.66
CA ALA A 233 16.02 -10.52 -16.05
C ALA A 233 14.62 -10.84 -16.55
N ILE A 234 14.40 -12.10 -16.91
CA ILE A 234 13.15 -12.54 -17.54
C ILE A 234 12.72 -13.83 -16.86
N ALA A 235 11.47 -13.87 -16.42
CA ALA A 235 10.87 -15.07 -15.84
C ALA A 235 9.70 -15.51 -16.71
N ALA A 236 9.49 -16.82 -16.76
CA ALA A 236 8.45 -17.38 -17.62
C ALA A 236 7.94 -18.69 -17.04
N GLU A 237 6.79 -19.12 -17.54
CA GLU A 237 6.19 -20.38 -17.14
C GLU A 237 6.81 -21.52 -17.96
N SER A 238 6.38 -22.76 -17.65
CA SER A 238 6.97 -23.92 -18.31
C SER A 238 6.70 -23.91 -19.80
N ASP A 239 5.49 -23.51 -20.20
CA ASP A 239 5.17 -23.39 -21.61
C ASP A 239 6.03 -22.33 -22.30
N GLY A 240 6.53 -21.36 -21.55
CA GLY A 240 7.43 -20.37 -22.11
C GLY A 240 6.84 -19.02 -22.38
N ILE A 241 5.68 -18.70 -21.84
CA ILE A 241 5.12 -17.37 -21.98
C ILE A 241 5.73 -16.49 -20.89
N LEU A 242 6.08 -15.28 -21.27
CA LEU A 242 6.69 -14.39 -20.32
C LEU A 242 5.81 -14.09 -19.18
N SER A 243 6.38 -14.10 -17.99
CA SER A 243 5.74 -13.77 -16.78
C SER A 243 6.06 -12.31 -16.36
N SER A 244 7.34 -11.96 -16.34
CA SER A 244 7.78 -10.60 -16.09
C SER A 244 9.19 -10.42 -16.60
N ALA A 245 9.54 -9.17 -16.89
CA ALA A 245 10.87 -8.82 -17.35
C ALA A 245 11.24 -7.48 -16.73
N THR A 246 12.51 -7.33 -16.37
CA THR A 246 12.94 -6.14 -15.66
C THR A 246 14.42 -5.86 -15.91
N GLN A 247 14.79 -4.59 -15.75
CA GLN A 247 16.19 -4.21 -15.87
C GLN A 247 16.95 -4.62 -14.62
N VAL A 248 18.28 -4.68 -14.76
CA VAL A 248 19.16 -5.26 -13.76
C VAL A 248 20.09 -4.20 -13.19
N GLN A 249 20.10 -4.06 -11.85
CA GLN A 249 21.04 -3.20 -11.15
C GLN A 249 22.33 -3.98 -10.91
N THR A 250 23.44 -3.44 -11.40
CA THR A 250 24.70 -4.17 -11.51
C THR A 250 25.80 -3.68 -10.57
N ALA A 251 25.53 -2.72 -9.68
CA ALA A 251 26.62 -2.16 -8.88
C ALA A 251 27.33 -3.24 -8.05
N GLY A 252 26.57 -4.19 -7.51
CA GLY A 252 27.17 -5.22 -6.67
C GLY A 252 28.17 -6.10 -7.43
N VAL A 253 27.76 -6.59 -8.60
CA VAL A 253 28.68 -7.39 -9.39
C VAL A 253 29.84 -6.56 -9.91
N LEU A 254 29.64 -5.26 -10.15
CA LEU A 254 30.77 -4.43 -10.53
C LEU A 254 31.81 -4.39 -9.42
N ASP A 255 31.38 -4.24 -8.18
CA ASP A 255 32.33 -4.27 -7.06
C ASP A 255 32.97 -5.64 -6.94
N ASP A 256 32.16 -6.71 -7.01
CA ASP A 256 32.70 -8.06 -6.82
C ASP A 256 33.71 -8.41 -7.90
N THR A 257 33.50 -7.92 -9.13
CA THR A 257 34.36 -8.27 -10.25
C THR A 257 35.61 -7.38 -10.30
N TYR A 258 35.43 -6.07 -10.12
CA TYR A 258 36.48 -5.11 -10.48
C TYR A 258 37.05 -4.30 -9.33
N ALA A 259 36.36 -4.20 -8.20
CA ALA A 259 36.71 -3.15 -7.24
C ALA A 259 38.09 -3.35 -6.62
N ALA A 260 38.46 -4.58 -6.24
CA ALA A 260 39.77 -4.73 -5.62
C ALA A 260 40.88 -4.35 -6.59
N ALA A 261 40.81 -4.85 -7.83
CA ALA A 261 41.81 -4.49 -8.83
C ALA A 261 41.82 -2.99 -9.09
N ALA A 262 40.63 -2.37 -9.13
CA ALA A 262 40.54 -0.94 -9.40
C ALA A 262 41.00 -0.10 -8.21
N GLU A 263 40.78 -0.60 -6.98
N GLU A 263 40.78 -0.59 -6.97
CA GLU A 263 41.19 0.12 -5.78
CA GLU A 263 41.19 0.16 -5.80
C GLU A 263 42.69 0.25 -5.69
C GLU A 263 42.71 0.27 -5.70
N ALA A 264 43.42 -0.70 -6.28
CA ALA A 264 44.88 -0.70 -6.22
C ALA A 264 45.52 0.32 -7.15
N LEU A 265 44.74 1.02 -7.97
CA LEU A 265 45.26 2.00 -8.92
C LEU A 265 44.93 3.42 -8.47
N SER A 266 45.62 4.38 -9.08
CA SER A 266 45.34 5.79 -8.86
C SER A 266 44.76 6.42 -10.12
N TYR A 267 43.97 7.48 -9.92
CA TYR A 267 43.10 8.02 -10.94
C TYR A 267 43.35 9.50 -11.22
N GLY A 268 42.82 9.95 -12.36
CA GLY A 268 42.96 11.33 -12.79
C GLY A 268 44.07 11.49 -13.81
N ALA A 269 44.40 12.76 -14.09
CA ALA A 269 45.53 13.11 -14.95
C ALA A 269 46.73 13.29 -14.03
N GLN A 270 47.54 12.24 -13.94
CA GLN A 270 48.61 12.14 -12.93
C GLN A 270 49.90 12.61 -13.59
N LEU A 271 50.20 13.88 -13.41
CA LEU A 271 51.32 14.54 -14.05
C LEU A 271 52.49 14.59 -13.09
N THR A 272 53.63 14.07 -13.53
CA THR A 272 54.90 14.15 -12.82
C THR A 272 55.95 14.62 -13.81
N ASP A 273 57.21 14.69 -13.37
CA ASP A 273 58.26 15.23 -14.23
C ASP A 273 58.51 14.34 -15.45
N SER A 274 58.37 13.02 -15.30
CA SER A 274 58.61 12.10 -16.40
C SER A 274 57.50 12.08 -17.44
N GLY A 275 56.29 12.53 -17.08
CA GLY A 275 55.19 12.47 -18.01
C GLY A 275 53.85 12.48 -17.29
N VAL A 276 52.83 11.98 -17.97
CA VAL A 276 51.48 11.99 -17.45
C VAL A 276 50.83 10.64 -17.72
N THR A 277 50.12 10.13 -16.72
CA THR A 277 49.25 8.97 -16.90
C THR A 277 47.83 9.40 -16.57
N PHE A 278 46.94 9.24 -17.53
CA PHE A 278 45.51 9.47 -17.29
C PHE A 278 44.86 8.14 -16.98
N ARG A 279 43.98 8.12 -15.97
CA ARG A 279 43.24 6.90 -15.69
C ARG A 279 41.83 7.26 -15.22
N VAL A 280 40.83 6.55 -15.74
CA VAL A 280 39.42 6.71 -15.36
C VAL A 280 38.82 5.32 -15.18
N TRP A 281 38.05 5.14 -14.11
CA TRP A 281 37.36 3.87 -13.92
C TRP A 281 36.08 3.86 -14.76
N ALA A 282 35.94 2.90 -15.68
CA ALA A 282 34.73 2.82 -16.49
C ALA A 282 34.52 1.38 -16.91
N PRO A 283 34.16 0.51 -15.97
CA PRO A 283 34.17 -0.93 -16.23
C PRO A 283 33.07 -1.41 -17.15
N THR A 284 32.06 -0.59 -17.43
CA THR A 284 31.00 -1.00 -18.36
C THR A 284 31.11 -0.33 -19.72
N ALA A 285 31.99 0.66 -19.86
CA ALA A 285 32.08 1.40 -21.11
C ALA A 285 32.54 0.48 -22.25
N GLN A 286 31.98 0.72 -23.43
CA GLN A 286 32.43 0.02 -24.63
C GLN A 286 33.65 0.68 -25.24
N GLN A 287 33.79 1.99 -25.09
N GLN A 287 33.76 1.99 -25.13
CA GLN A 287 34.97 2.67 -25.58
CA GLN A 287 34.91 2.74 -25.63
C GLN A 287 35.15 3.95 -24.78
C GLN A 287 35.14 3.91 -24.70
N VAL A 288 36.40 4.32 -24.55
CA VAL A 288 36.76 5.57 -23.88
C VAL A 288 37.89 6.19 -24.67
N GLU A 289 37.72 7.45 -25.07
CA GLU A 289 38.79 8.19 -25.70
C GLU A 289 39.13 9.38 -24.83
N LEU A 290 40.41 9.73 -24.80
CA LEU A 290 40.89 10.93 -24.13
C LEU A 290 40.98 12.05 -25.16
N VAL A 291 40.19 13.10 -24.97
CA VAL A 291 40.13 14.23 -25.91
C VAL A 291 40.91 15.40 -25.31
N ILE A 292 41.98 15.80 -25.99
CA ILE A 292 42.87 16.88 -25.57
C ILE A 292 42.46 18.15 -26.30
N TYR A 293 42.28 19.24 -25.56
CA TYR A 293 41.84 20.51 -26.11
C TYR A 293 42.91 21.58 -25.91
N SER A 294 43.01 22.49 -26.89
CA SER A 294 43.86 23.65 -26.76
C SER A 294 43.26 24.63 -25.76
N ALA A 295 44.04 25.66 -25.44
CA ALA A 295 43.56 26.73 -24.57
C ALA A 295 42.27 27.35 -25.12
N ASP A 296 42.14 27.43 -26.43
CA ASP A 296 40.93 27.95 -27.07
C ASP A 296 39.87 26.89 -27.29
N LYS A 297 40.02 25.71 -26.68
CA LYS A 297 38.99 24.66 -26.68
C LYS A 297 38.73 24.09 -28.07
N LYS A 298 39.78 23.98 -28.87
N LYS A 298 39.80 23.91 -28.83
CA LYS A 298 39.73 23.21 -30.09
CA LYS A 298 39.72 23.22 -30.10
C LYS A 298 40.36 21.85 -29.83
C LYS A 298 40.38 21.85 -29.87
N VAL A 299 39.78 20.80 -30.41
CA VAL A 299 40.35 19.47 -30.27
C VAL A 299 41.71 19.44 -30.95
N ILE A 300 42.74 19.04 -30.22
CA ILE A 300 44.03 18.83 -30.83
C ILE A 300 44.40 17.35 -30.93
N ALA A 301 43.80 16.48 -30.11
CA ALA A 301 43.95 15.04 -30.27
C ALA A 301 42.78 14.35 -29.60
N SER A 302 42.40 13.18 -30.11
CA SER A 302 41.50 12.26 -29.44
C SER A 302 42.17 10.90 -29.44
N HIS A 303 42.49 10.38 -28.26
CA HIS A 303 43.31 9.18 -28.10
C HIS A 303 42.46 8.03 -27.61
N PRO A 304 42.31 6.93 -28.33
CA PRO A 304 41.69 5.75 -27.71
C PRO A 304 42.49 5.33 -26.48
N MET A 305 41.78 5.10 -25.38
CA MET A 305 42.46 4.70 -24.16
C MET A 305 42.61 3.17 -24.15
N THR A 306 43.38 2.68 -23.19
CA THR A 306 43.67 1.25 -23.07
C THR A 306 42.93 0.70 -21.87
N ARG A 307 42.06 -0.27 -22.09
CA ARG A 307 41.29 -0.86 -21.01
C ARG A 307 42.09 -1.94 -20.31
N ASP A 308 42.10 -1.91 -18.97
CA ASP A 308 42.73 -2.94 -18.16
C ASP A 308 41.65 -3.96 -17.79
N SER A 309 41.90 -5.23 -18.12
N SER A 309 41.90 -5.23 -18.12
CA SER A 309 40.88 -6.26 -17.97
CA SER A 309 40.87 -6.25 -17.97
C SER A 309 40.54 -6.54 -16.51
C SER A 309 40.54 -6.52 -16.51
N ALA A 310 41.55 -6.51 -15.62
CA ALA A 310 41.28 -6.85 -14.22
C ALA A 310 40.42 -5.80 -13.53
N SER A 311 40.65 -4.52 -13.82
CA SER A 311 40.04 -3.44 -13.07
C SER A 311 38.89 -2.76 -13.79
N GLY A 312 38.82 -2.86 -15.11
CA GLY A 312 37.87 -2.04 -15.84
C GLY A 312 38.22 -0.57 -15.87
N ALA A 313 39.45 -0.21 -15.49
CA ALA A 313 39.97 1.13 -15.67
C ALA A 313 40.55 1.30 -17.06
N TRP A 314 40.56 2.54 -17.53
CA TRP A 314 41.12 2.88 -18.82
C TRP A 314 42.24 3.88 -18.60
N SER A 315 43.37 3.69 -19.29
CA SER A 315 44.52 4.54 -19.07
C SER A 315 45.10 5.01 -20.39
N TRP A 316 45.87 6.10 -20.31
CA TRP A 316 46.63 6.58 -21.46
C TRP A 316 47.83 7.35 -20.91
N GLN A 317 49.02 7.05 -21.43
CA GLN A 317 50.25 7.62 -20.92
C GLN A 317 50.90 8.49 -21.99
N GLY A 318 51.30 9.70 -21.61
CA GLY A 318 51.93 10.62 -22.54
C GLY A 318 53.03 11.42 -21.90
N GLY A 319 53.45 12.50 -22.56
CA GLY A 319 54.59 13.27 -22.11
C GLY A 319 54.20 14.42 -21.20
N SER A 320 55.20 14.97 -20.52
CA SER A 320 54.98 16.11 -19.62
C SER A 320 54.58 17.37 -20.37
N ASP A 321 54.69 17.41 -21.66
CA ASP A 321 54.24 18.55 -22.44
C ASP A 321 52.71 18.72 -22.35
N LEU A 322 52.00 17.71 -21.84
CA LEU A 322 50.56 17.84 -21.62
C LEU A 322 50.22 18.62 -20.36
N LYS A 323 51.23 19.04 -19.59
CA LYS A 323 50.98 19.96 -18.48
C LYS A 323 50.14 21.14 -18.96
N GLY A 324 49.06 21.42 -18.22
CA GLY A 324 48.20 22.55 -18.54
C GLY A 324 47.15 22.28 -19.60
N ALA A 325 47.19 21.14 -20.27
CA ALA A 325 46.22 20.87 -21.33
C ALA A 325 44.83 20.64 -20.75
N PHE A 326 43.81 21.03 -21.52
CA PHE A 326 42.44 20.73 -21.19
C PHE A 326 42.06 19.38 -21.77
N TYR A 327 41.11 18.71 -21.11
CA TYR A 327 40.78 17.36 -21.56
C TYR A 327 39.38 16.98 -21.08
N ARG A 328 38.80 16.03 -21.78
CA ARG A 328 37.60 15.33 -21.36
C ARG A 328 37.73 13.87 -21.81
N TYR A 329 36.90 13.01 -21.22
CA TYR A 329 36.78 11.62 -21.63
C TYR A 329 35.55 11.48 -22.51
N ALA A 330 35.75 11.00 -23.74
CA ALA A 330 34.64 10.69 -24.64
C ALA A 330 34.20 9.26 -24.37
N MET A 331 33.01 9.10 -23.81
CA MET A 331 32.48 7.80 -23.40
C MET A 331 31.55 7.26 -24.46
N THR A 332 31.64 5.94 -24.70
CA THR A 332 30.61 5.17 -25.38
C THR A 332 30.13 4.14 -24.37
N VAL A 333 28.94 4.33 -23.81
CA VAL A 333 28.57 3.56 -22.63
C VAL A 333 27.05 3.41 -22.53
N TYR A 334 26.59 2.20 -22.25
CA TYR A 334 25.18 1.96 -22.01
C TYR A 334 24.75 2.65 -20.73
N HIS A 335 23.66 3.43 -20.81
CA HIS A 335 23.10 4.02 -19.62
C HIS A 335 21.74 3.39 -19.35
N PRO A 336 21.57 2.68 -18.24
CA PRO A 336 20.30 1.98 -18.00
C PRO A 336 19.11 2.90 -17.87
N GLN A 337 19.30 4.18 -17.54
CA GLN A 337 18.14 5.06 -17.42
C GLN A 337 17.51 5.32 -18.78
N SER A 338 18.34 5.60 -19.79
CA SER A 338 17.87 5.84 -21.14
C SER A 338 17.77 4.56 -21.96
N ARG A 339 18.40 3.48 -21.51
CA ARG A 339 18.51 2.22 -22.24
C ARG A 339 19.20 2.39 -23.59
N LYS A 340 20.05 3.40 -23.71
CA LYS A 340 20.79 3.68 -24.93
C LYS A 340 22.29 3.54 -24.65
N VAL A 341 23.04 3.14 -25.68
CA VAL A 341 24.48 3.26 -25.67
C VAL A 341 24.79 4.73 -25.96
N GLU A 342 25.09 5.49 -24.91
CA GLU A 342 25.27 6.92 -25.04
C GLU A 342 26.68 7.26 -25.51
N GLN A 343 26.82 8.44 -26.13
N GLN A 343 26.80 8.44 -26.09
CA GLN A 343 28.12 8.95 -26.56
CA GLN A 343 28.06 8.98 -26.57
C GLN A 343 28.23 10.41 -26.15
C GLN A 343 28.14 10.40 -26.05
N TYR A 344 29.10 10.69 -25.18
CA TYR A 344 29.23 12.03 -24.63
C TYR A 344 30.63 12.22 -24.06
N GLU A 345 31.04 13.48 -24.00
CA GLU A 345 32.30 13.84 -23.35
C GLU A 345 32.02 14.31 -21.93
N VAL A 346 32.84 13.84 -21.00
CA VAL A 346 32.65 14.10 -19.59
C VAL A 346 33.96 14.57 -18.98
N THR A 347 33.88 15.52 -18.06
CA THR A 347 35.05 15.90 -17.28
C THR A 347 35.47 14.77 -16.33
N ASP A 348 36.69 14.88 -15.84
CA ASP A 348 37.28 13.85 -14.99
C ASP A 348 36.72 13.94 -13.58
N PRO A 349 36.13 12.88 -13.04
CA PRO A 349 35.73 12.95 -11.63
C PRO A 349 36.90 13.16 -10.68
N TYR A 350 38.12 12.81 -11.10
CA TYR A 350 39.33 13.10 -10.36
C TYR A 350 40.02 14.37 -10.86
N ALA A 351 39.27 15.28 -11.49
CA ALA A 351 39.88 16.53 -11.92
C ALA A 351 40.51 17.25 -10.75
N HIS A 352 41.68 17.82 -10.98
CA HIS A 352 42.32 18.69 -10.00
C HIS A 352 42.46 20.12 -10.50
N SER A 353 42.11 20.37 -11.75
CA SER A 353 42.01 21.72 -12.28
C SER A 353 40.95 21.71 -13.37
N LEU A 354 40.36 22.88 -13.63
CA LEU A 354 39.22 23.01 -14.52
C LEU A 354 39.33 24.32 -15.31
N SER A 355 38.68 24.34 -16.48
CA SER A 355 38.39 25.58 -17.18
C SER A 355 37.24 26.32 -16.50
N THR A 356 36.97 27.52 -17.00
CA THR A 356 35.88 28.34 -16.45
C THR A 356 34.57 27.57 -16.51
N ASN A 357 33.85 27.55 -15.39
CA ASN A 357 32.55 26.90 -15.28
C ASN A 357 32.62 25.39 -15.44
N SER A 358 33.82 24.82 -15.31
CA SER A 358 34.02 23.37 -15.18
C SER A 358 33.74 22.61 -16.47
N GLU A 359 33.84 23.28 -17.62
CA GLU A 359 33.49 22.63 -18.88
C GLU A 359 34.53 21.60 -19.30
N TYR A 360 35.79 21.82 -18.97
CA TYR A 360 36.88 20.92 -19.32
C TYR A 360 37.73 20.72 -18.07
N SER A 361 38.24 19.50 -17.88
N SER A 361 38.27 19.51 -17.93
CA SER A 361 39.27 19.33 -16.87
CA SER A 361 39.30 19.27 -16.93
C SER A 361 40.65 19.69 -17.43
C SER A 361 40.64 19.78 -17.44
N GLN A 362 41.62 19.85 -16.55
CA GLN A 362 42.93 20.34 -16.92
C GLN A 362 44.02 19.57 -16.20
N VAL A 363 45.08 19.24 -16.93
CA VAL A 363 46.22 18.50 -16.37
C VAL A 363 47.02 19.43 -15.46
N VAL A 364 47.21 19.03 -14.21
CA VAL A 364 47.97 19.82 -13.26
C VAL A 364 48.80 18.92 -12.35
N ASP A 365 49.94 19.45 -11.90
CA ASP A 365 50.72 18.88 -10.81
C ASP A 365 50.61 19.86 -9.65
N LEU A 366 49.82 19.50 -8.64
CA LEU A 366 49.58 20.40 -7.52
C LEU A 366 50.85 20.67 -6.71
N ASN A 367 51.88 19.84 -6.84
CA ASN A 367 53.15 20.09 -6.17
C ASN A 367 53.96 21.21 -6.80
N ASP A 368 53.58 21.67 -7.99
N ASP A 368 53.56 21.71 -7.97
CA ASP A 368 54.35 22.73 -8.65
CA ASP A 368 54.36 22.69 -8.69
C ASP A 368 54.50 23.95 -7.80
C ASP A 368 54.48 23.99 -7.90
N SER A 369 55.70 24.49 -7.77
CA SER A 369 55.96 25.69 -6.98
C SER A 369 55.25 26.91 -7.53
N ALA A 370 54.96 26.94 -8.83
CA ALA A 370 54.24 28.08 -9.38
C ALA A 370 52.80 28.17 -8.87
N LEU A 371 52.28 27.11 -8.28
CA LEU A 371 50.91 27.08 -7.78
C LEU A 371 50.86 27.27 -6.27
N LYS A 372 51.95 27.73 -5.67
CA LYS A 372 52.06 27.83 -4.22
C LYS A 372 52.47 29.24 -3.84
N PRO A 373 51.85 29.82 -2.82
CA PRO A 373 52.35 31.08 -2.28
C PRO A 373 53.71 30.84 -1.62
N GLU A 374 54.46 31.94 -1.45
N GLU A 374 54.46 31.94 -1.45
CA GLU A 374 55.77 31.84 -0.84
CA GLU A 374 55.77 31.85 -0.85
C GLU A 374 55.66 31.27 0.56
C GLU A 374 55.67 31.28 0.56
N GLY A 375 56.51 30.28 0.85
CA GLY A 375 56.52 29.64 2.15
C GLY A 375 55.44 28.60 2.38
N TRP A 376 54.67 28.25 1.35
CA TRP A 376 53.55 27.31 1.49
C TRP A 376 53.96 26.01 2.16
N ASP A 377 55.06 25.40 1.71
CA ASP A 377 55.42 24.06 2.19
C ASP A 377 55.66 24.03 3.69
N GLY A 378 56.06 25.14 4.30
CA GLY A 378 56.31 25.19 5.72
C GLY A 378 55.12 25.63 6.57
N LEU A 379 53.94 25.78 5.97
CA LEU A 379 52.77 26.24 6.71
C LEU A 379 52.38 25.23 7.77
N THR A 380 52.24 25.71 9.00
CA THR A 380 51.91 24.86 10.13
C THR A 380 50.53 25.19 10.66
N MET A 381 49.90 24.19 11.27
CA MET A 381 48.60 24.35 11.89
C MET A 381 48.75 25.15 13.18
N PRO A 382 48.09 26.30 13.32
CA PRO A 382 48.34 27.14 14.51
C PRO A 382 47.77 26.57 15.80
N HIS A 383 46.77 25.70 15.76
CA HIS A 383 46.18 25.12 16.96
C HIS A 383 46.33 23.61 16.96
N ALA A 384 46.79 23.07 18.07
CA ALA A 384 46.98 21.63 18.18
C ALA A 384 45.64 20.90 18.10
N GLN A 385 45.71 19.69 17.53
CA GLN A 385 44.57 18.79 17.41
C GLN A 385 44.94 17.35 17.76
N LYS A 386 46.00 17.17 18.51
CA LYS A 386 46.47 15.82 18.80
C LYS A 386 45.71 15.08 19.90
N THR A 387 45.66 15.65 21.08
CA THR A 387 44.98 15.02 22.20
C THR A 387 43.52 15.46 22.27
N LYS A 388 42.74 14.76 23.09
CA LYS A 388 41.35 15.17 23.26
C LYS A 388 41.26 16.55 23.92
N ALA A 389 42.17 16.85 24.86
CA ALA A 389 42.21 18.19 25.43
C ALA A 389 42.50 19.25 24.36
N ASP A 390 43.39 18.92 23.41
CA ASP A 390 43.64 19.84 22.29
C ASP A 390 42.37 20.07 21.49
N LEU A 391 41.68 18.98 21.14
CA LEU A 391 40.51 19.09 20.28
C LEU A 391 39.40 19.87 20.96
N ALA A 392 39.24 19.69 22.27
CA ALA A 392 38.15 20.35 22.98
C ALA A 392 38.26 21.86 22.93
N LYS A 393 39.45 22.38 22.67
CA LYS A 393 39.62 23.82 22.56
C LYS A 393 39.04 24.39 21.27
N MET A 394 38.68 23.51 20.34
CA MET A 394 38.19 23.94 19.04
C MET A 394 36.97 24.84 19.20
N THR A 395 37.03 26.01 18.57
CA THR A 395 36.01 27.05 18.66
C THR A 395 35.85 27.58 17.23
N ILE A 396 34.75 27.20 16.58
CA ILE A 396 34.62 27.28 15.13
C ILE A 396 33.75 28.46 14.72
N HIS A 397 34.19 29.18 13.68
CA HIS A 397 33.46 30.30 13.09
C HIS A 397 33.11 29.87 11.66
N GLU A 398 31.84 29.54 11.44
CA GLU A 398 31.37 28.97 10.18
C GLU A 398 31.07 30.09 9.20
N SER A 399 31.83 30.14 8.11
CA SER A 399 31.91 31.31 7.23
C SER A 399 31.72 30.94 5.77
N HIS A 400 31.33 31.93 4.98
CA HIS A 400 31.08 31.77 3.55
C HIS A 400 31.84 32.87 2.81
N ILE A 401 32.38 32.53 1.64
CA ILE A 401 33.28 33.45 0.94
C ILE A 401 32.59 34.77 0.60
N ARG A 402 31.35 34.72 0.14
CA ARG A 402 30.66 35.98 -0.14
C ARG A 402 30.15 36.64 1.13
N ASP A 403 29.64 35.86 2.09
CA ASP A 403 29.16 36.48 3.32
C ASP A 403 30.26 37.30 3.99
N LEU A 404 31.51 36.85 3.88
CA LEU A 404 32.62 37.58 4.48
C LEU A 404 32.80 38.95 3.86
N SER A 405 32.90 39.03 2.52
CA SER A 405 33.43 40.24 1.90
C SER A 405 32.55 40.94 0.88
N ALA A 406 31.39 40.38 0.51
CA ALA A 406 30.60 40.96 -0.56
C ALA A 406 30.20 42.40 -0.26
N TRP A 407 30.03 42.76 1.01
CA TRP A 407 29.53 44.07 1.39
C TRP A 407 30.61 44.99 1.93
N ASP A 408 31.84 44.50 2.09
CA ASP A 408 32.86 45.27 2.80
C ASP A 408 33.53 46.25 1.85
N GLN A 409 33.16 47.52 1.97
CA GLN A 409 33.74 48.56 1.12
C GLN A 409 35.20 48.83 1.42
N THR A 410 35.74 48.27 2.52
CA THR A 410 37.15 48.39 2.81
C THR A 410 37.96 47.22 2.27
N VAL A 411 37.31 46.20 1.72
CA VAL A 411 38.00 45.21 0.89
C VAL A 411 38.09 45.77 -0.53
N PRO A 412 39.25 45.70 -1.18
CA PRO A 412 39.34 46.19 -2.57
C PRO A 412 38.27 45.53 -3.43
N ALA A 413 37.68 46.33 -4.32
CA ALA A 413 36.50 45.90 -5.05
C ALA A 413 36.74 44.58 -5.79
N GLU A 414 37.93 44.41 -6.35
CA GLU A 414 38.20 43.22 -7.16
C GLU A 414 38.37 41.96 -6.30
N LEU A 415 38.43 42.10 -4.98
CA LEU A 415 38.54 40.96 -4.08
C LEU A 415 37.24 40.66 -3.33
N ARG A 416 36.21 41.48 -3.51
CA ARG A 416 34.94 41.22 -2.82
C ARG A 416 34.32 39.92 -3.34
N GLY A 417 33.96 39.03 -2.42
CA GLY A 417 33.45 37.74 -2.82
C GLY A 417 34.49 36.74 -3.26
N LYS A 418 35.76 36.98 -2.97
CA LYS A 418 36.86 36.15 -3.46
C LYS A 418 37.67 35.56 -2.31
N TYR A 419 38.31 34.42 -2.58
CA TYR A 419 39.25 33.86 -1.59
C TYR A 419 40.22 34.91 -1.10
N LEU A 420 40.72 35.76 -2.01
CA LEU A 420 41.80 36.67 -1.67
C LEU A 420 41.36 37.82 -0.77
N ALA A 421 40.07 38.01 -0.54
CA ALA A 421 39.65 39.03 0.42
C ALA A 421 40.29 38.78 1.78
N LEU A 422 40.58 37.53 2.12
CA LEU A 422 41.20 37.23 3.41
C LEU A 422 42.59 37.79 3.56
N THR A 423 43.21 38.23 2.45
CA THR A 423 44.53 38.84 2.50
C THR A 423 44.47 40.35 2.67
N ALA A 424 43.28 40.94 2.68
CA ALA A 424 43.13 42.40 2.76
C ALA A 424 43.22 42.81 4.24
N GLN A 425 44.46 42.89 4.73
CA GLN A 425 44.69 43.17 6.15
C GLN A 425 44.13 44.52 6.58
N GLU A 426 43.97 45.45 5.64
CA GLU A 426 43.43 46.78 5.90
C GLU A 426 41.92 46.80 6.08
N SER A 427 41.23 45.68 5.79
CA SER A 427 39.79 45.69 5.74
C SER A 427 39.15 45.49 7.11
N ASN A 428 37.93 46.02 7.23
CA ASN A 428 37.13 45.79 8.43
C ASN A 428 36.93 44.30 8.68
N MET A 429 36.64 43.52 7.63
CA MET A 429 36.35 42.11 7.82
C MET A 429 37.58 41.38 8.35
N VAL A 430 38.74 41.60 7.73
CA VAL A 430 39.91 40.86 8.16
C VAL A 430 40.34 41.28 9.56
N GLN A 431 40.30 42.59 9.84
CA GLN A 431 40.65 43.05 11.19
C GLN A 431 39.71 42.47 12.24
N HIS A 432 38.44 42.32 11.88
CA HIS A 432 37.47 41.73 12.80
C HIS A 432 37.79 40.27 13.07
N LEU A 433 38.07 39.49 12.02
CA LEU A 433 38.46 38.09 12.20
C LEU A 433 39.76 37.99 13.01
N LYS A 434 40.69 38.91 12.77
CA LYS A 434 41.94 38.88 13.53
C LYS A 434 41.68 39.07 15.01
N GLN A 435 40.77 39.98 15.36
N GLN A 435 40.77 39.96 15.36
CA GLN A 435 40.44 40.19 16.76
CA GLN A 435 40.45 40.18 16.77
C GLN A 435 39.70 38.99 17.34
C GLN A 435 39.68 39.00 17.36
N LEU A 436 38.79 38.38 16.59
CA LEU A 436 38.12 37.17 17.06
C LEU A 436 39.12 36.07 17.35
N SER A 437 40.12 35.91 16.49
CA SER A 437 41.16 34.92 16.71
C SER A 437 41.94 35.24 17.99
N ALA A 438 42.34 36.50 18.14
CA ALA A 438 43.11 36.90 19.32
C ALA A 438 42.35 36.61 20.62
N SER A 439 41.02 36.68 20.56
N SER A 439 41.02 36.70 20.61
CA SER A 439 40.15 36.48 21.71
CA SER A 439 40.28 36.44 21.82
C SER A 439 39.74 35.03 21.93
C SER A 439 39.67 35.04 21.90
N GLY A 440 40.10 34.13 21.03
CA GLY A 440 39.78 32.72 21.27
C GLY A 440 38.94 31.95 20.26
N VAL A 441 38.57 32.56 19.13
CA VAL A 441 38.10 31.76 18.01
C VAL A 441 39.31 31.07 17.41
N THR A 442 39.23 29.74 17.25
CA THR A 442 40.39 28.97 16.83
C THR A 442 40.33 28.44 15.39
N HIS A 443 39.13 28.25 14.83
CA HIS A 443 38.99 27.59 13.53
C HIS A 443 38.00 28.38 12.68
N ILE A 444 38.33 28.55 11.41
CA ILE A 444 37.36 28.97 10.40
C ILE A 444 36.87 27.72 9.70
N GLU A 445 35.56 27.55 9.60
CA GLU A 445 34.96 26.50 8.80
C GLU A 445 34.37 27.14 7.54
N LEU A 446 34.79 26.65 6.40
CA LEU A 446 34.35 27.21 5.16
C LEU A 446 33.21 26.40 4.61
N LEU A 447 32.17 27.13 4.24
CA LEU A 447 31.06 26.61 3.45
C LEU A 447 31.66 26.26 2.05
N PRO A 448 31.02 25.37 1.34
CA PRO A 448 31.56 24.81 0.08
C PRO A 448 32.51 25.62 -0.81
N VAL A 449 33.75 25.19 -0.76
CA VAL A 449 34.81 25.78 -1.57
C VAL A 449 35.40 24.81 -2.59
N PHE A 450 34.91 23.57 -2.59
CA PHE A 450 35.11 22.71 -3.75
C PHE A 450 34.25 23.25 -4.88
N ASP A 451 34.33 22.63 -6.06
CA ASP A 451 33.70 23.22 -7.24
C ASP A 451 32.20 22.99 -7.20
N LEU A 452 31.44 24.04 -6.91
N LEU A 452 31.46 24.08 -7.01
CA LEU A 452 29.99 23.93 -6.92
CA LEU A 452 30.00 24.11 -6.95
C LEU A 452 29.44 24.22 -8.31
C LEU A 452 29.46 24.21 -8.35
N ALA A 453 28.21 23.79 -8.54
CA ALA A 453 27.56 23.86 -9.84
C ALA A 453 26.69 25.09 -10.06
N THR A 454 26.13 25.66 -8.99
N THR A 454 26.07 25.54 -9.00
CA THR A 454 24.97 26.56 -9.02
CA THR A 454 25.04 26.52 -9.10
C THR A 454 25.30 28.04 -9.06
C THR A 454 25.44 27.89 -9.70
N VAL A 455 26.54 28.38 -9.36
N VAL A 455 26.51 28.46 -9.24
CA VAL A 455 26.93 29.73 -9.76
CA VAL A 455 26.93 29.74 -9.75
C VAL A 455 27.61 29.60 -11.12
C VAL A 455 27.62 29.61 -11.11
N ASN A 456 27.25 30.48 -12.05
CA ASN A 456 27.90 30.48 -13.35
C ASN A 456 29.24 31.21 -13.22
N GLU A 457 30.33 30.53 -13.58
CA GLU A 457 31.65 31.11 -13.43
C GLU A 457 32.03 32.01 -14.60
N PHE A 458 31.23 32.07 -15.65
CA PHE A 458 31.45 33.05 -16.73
C PHE A 458 30.88 34.38 -16.27
N SER A 459 31.76 35.35 -15.99
N SER A 459 31.76 35.35 -16.02
CA SER A 459 31.32 36.59 -15.38
CA SER A 459 31.34 36.62 -15.42
C SER A 459 30.36 37.38 -16.25
C SER A 459 30.28 37.32 -16.27
N ASP A 460 30.39 37.20 -17.57
N ASP A 460 30.39 37.23 -17.60
CA ASP A 460 29.46 37.91 -18.44
CA ASP A 460 29.43 37.94 -18.46
C ASP A 460 28.03 37.43 -18.28
C ASP A 460 28.04 37.34 -18.43
N LYS A 461 27.83 36.23 -17.73
CA LYS A 461 26.51 35.63 -17.55
C LYS A 461 25.89 35.95 -16.19
N VAL A 462 26.56 36.74 -15.39
CA VAL A 462 26.19 36.96 -14.00
C VAL A 462 25.95 38.44 -13.79
N ALA A 463 24.98 38.75 -12.92
CA ALA A 463 24.73 40.11 -12.48
C ALA A 463 24.56 40.09 -10.97
N ASP A 464 25.27 40.97 -10.28
CA ASP A 464 25.17 41.09 -8.84
C ASP A 464 24.53 42.40 -8.45
N ILE A 465 24.12 42.51 -7.19
CA ILE A 465 23.24 43.61 -6.82
C ILE A 465 23.96 44.95 -6.82
N GLN A 466 25.28 44.93 -6.75
CA GLN A 466 26.05 46.17 -6.81
C GLN A 466 26.13 46.75 -8.22
N GLN A 467 25.67 46.01 -9.22
CA GLN A 467 25.79 46.38 -10.62
C GLN A 467 24.50 47.00 -11.14
N PRO A 468 24.55 47.69 -12.29
CA PRO A 468 23.34 48.32 -12.83
C PRO A 468 22.20 47.34 -13.05
N PHE A 469 20.99 47.82 -12.80
CA PHE A 469 19.79 47.05 -13.15
C PHE A 469 19.80 46.69 -14.63
N SER A 470 20.35 47.56 -15.48
CA SER A 470 20.42 47.26 -16.90
C SER A 470 21.21 45.99 -17.16
N ARG A 471 22.27 45.75 -16.37
CA ARG A 471 23.03 44.51 -16.54
C ARG A 471 22.18 43.31 -16.15
N LEU A 472 21.44 43.43 -15.04
CA LEU A 472 20.54 42.36 -14.62
C LEU A 472 19.57 42.00 -15.73
N CYS A 473 18.96 42.98 -16.37
CA CYS A 473 18.04 42.68 -17.44
C CYS A 473 18.69 42.00 -18.65
N GLU A 474 19.90 42.40 -18.94
N GLU A 474 19.90 42.39 -18.94
CA GLU A 474 20.63 41.81 -20.06
CA GLU A 474 20.67 41.82 -20.04
C GLU A 474 20.90 40.31 -19.82
C GLU A 474 20.99 40.33 -19.83
N VAL A 475 21.22 39.92 -18.58
CA VAL A 475 21.60 38.54 -18.29
C VAL A 475 20.44 37.68 -17.81
N ASN A 476 19.31 38.28 -17.42
CA ASN A 476 18.24 37.56 -16.76
C ASN A 476 16.92 37.91 -17.46
N SER A 477 16.47 37.02 -18.35
CA SER A 477 15.24 37.28 -19.08
C SER A 477 14.00 37.21 -18.18
N ALA A 478 14.06 36.48 -17.07
CA ALA A 478 12.94 36.48 -16.14
C ALA A 478 12.71 37.86 -15.54
N VAL A 479 13.78 38.59 -15.23
CA VAL A 479 13.63 39.96 -14.75
C VAL A 479 13.05 40.84 -15.86
N LYS A 480 13.59 40.70 -17.06
CA LYS A 480 13.16 41.56 -18.15
C LYS A 480 11.71 41.31 -18.54
N SER A 481 11.15 40.15 -18.22
N SER A 481 11.15 40.14 -18.22
CA SER A 481 9.75 39.88 -18.48
CA SER A 481 9.76 39.80 -18.46
C SER A 481 8.86 40.03 -17.25
C SER A 481 8.87 40.06 -17.25
N SER A 482 9.43 40.51 -16.14
CA SER A 482 8.71 40.60 -14.87
C SER A 482 8.08 41.98 -14.69
N GLU A 483 7.38 42.13 -13.56
CA GLU A 483 6.82 43.41 -13.15
C GLU A 483 7.89 44.45 -12.85
N PHE A 484 9.16 44.05 -12.73
CA PHE A 484 10.27 44.96 -12.47
C PHE A 484 10.96 45.44 -13.75
N ALA A 485 10.41 45.09 -14.92
CA ALA A 485 11.07 45.41 -16.19
C ALA A 485 11.25 46.92 -16.37
N GLY A 486 10.40 47.74 -15.77
CA GLY A 486 10.53 49.18 -15.87
C GLY A 486 11.81 49.73 -15.26
N TYR A 487 12.48 48.95 -14.42
CA TYR A 487 13.78 49.38 -13.91
C TYR A 487 14.92 49.11 -14.88
N CYS A 488 14.66 48.34 -15.94
CA CYS A 488 15.67 47.98 -16.92
C CYS A 488 16.49 49.16 -17.45
N ASP A 489 15.81 50.22 -17.85
CA ASP A 489 16.48 51.40 -18.41
C ASP A 489 16.53 52.55 -17.41
N SER A 490 16.31 52.27 -16.11
CA SER A 490 16.68 53.23 -15.07
C SER A 490 18.20 53.33 -14.98
N GLY A 491 18.66 54.29 -14.21
CA GLY A 491 20.08 54.37 -13.97
C GLY A 491 20.47 53.81 -12.61
N SER A 492 19.60 52.99 -12.01
CA SER A 492 19.83 52.49 -10.67
C SER A 492 20.56 51.15 -10.68
N THR A 493 21.31 50.90 -9.62
CA THR A 493 21.79 49.55 -9.38
C THR A 493 20.68 48.70 -8.78
N VAL A 494 20.87 47.38 -8.81
CA VAL A 494 19.87 46.50 -8.23
C VAL A 494 19.70 46.78 -6.74
N GLU A 495 20.80 46.97 -6.02
N GLU A 495 20.80 46.96 -6.03
CA GLU A 495 20.68 47.22 -4.59
CA GLU A 495 20.75 47.25 -4.58
C GLU A 495 20.02 48.55 -4.30
C GLU A 495 20.00 48.55 -4.31
N GLU A 496 20.16 49.54 -5.18
CA GLU A 496 19.43 50.80 -5.00
C GLU A 496 17.92 50.58 -5.16
N VAL A 497 17.53 49.73 -6.11
CA VAL A 497 16.12 49.42 -6.28
C VAL A 497 15.58 48.66 -5.08
N LEU A 498 16.30 47.63 -4.64
CA LEU A 498 15.87 46.87 -3.46
C LEU A 498 15.70 47.78 -2.26
N THR A 499 16.62 48.73 -2.09
CA THR A 499 16.54 49.66 -0.97
C THR A 499 15.26 50.50 -1.02
N GLN A 500 14.94 51.06 -2.20
CA GLN A 500 13.71 51.84 -2.30
C GLN A 500 12.47 50.99 -2.11
N LEU A 501 12.54 49.68 -2.36
CA LEU A 501 11.41 48.79 -2.17
C LEU A 501 11.12 48.49 -0.70
N LYS A 502 12.03 48.81 0.23
CA LYS A 502 11.85 48.40 1.62
C LYS A 502 10.65 49.05 2.27
N GLN A 503 10.42 50.36 2.03
CA GLN A 503 9.41 51.07 2.81
C GLN A 503 8.02 50.48 2.61
N ASN A 504 7.66 50.17 1.39
CA ASN A 504 6.35 49.61 1.05
C ASN A 504 6.34 48.08 1.06
N ASP A 505 7.42 47.44 1.52
CA ASP A 505 7.44 46.00 1.66
C ASP A 505 6.75 45.58 2.96
N SER A 506 5.91 44.56 2.88
CA SER A 506 5.28 44.00 4.06
C SER A 506 4.70 42.64 3.69
N LYS A 507 4.03 42.00 4.62
N LYS A 507 4.03 42.00 4.62
CA LYS A 507 3.40 40.73 4.36
CA LYS A 507 3.41 40.72 4.35
C LYS A 507 2.40 40.78 3.23
C LYS A 507 2.41 40.79 3.22
N ASP A 508 1.77 41.93 3.04
CA ASP A 508 0.81 42.05 1.96
C ASP A 508 1.46 42.42 0.65
N ASN A 509 2.74 42.78 0.66
CA ASN A 509 3.45 43.20 -0.54
C ASN A 509 4.92 42.87 -0.36
N PRO A 510 5.27 41.56 -0.47
CA PRO A 510 6.66 41.13 -0.24
C PRO A 510 7.51 41.36 -1.48
N GLN A 511 7.68 42.64 -1.82
CA GLN A 511 8.28 43.00 -3.10
C GLN A 511 9.79 42.90 -3.09
N VAL A 512 10.45 43.09 -1.93
CA VAL A 512 11.89 42.90 -1.87
C VAL A 512 12.26 41.47 -2.26
N GLN A 513 11.62 40.48 -1.63
CA GLN A 513 11.93 39.10 -1.99
C GLN A 513 11.43 38.74 -3.37
N ALA A 514 10.38 39.39 -3.86
CA ALA A 514 9.90 39.13 -5.21
C ALA A 514 10.98 39.46 -6.23
N LEU A 515 11.61 40.62 -6.11
CA LEU A 515 12.72 40.94 -7.00
C LEU A 515 13.94 40.06 -6.71
N ASN A 516 14.25 39.89 -5.43
CA ASN A 516 15.46 39.15 -5.08
C ASN A 516 15.41 37.70 -5.52
N THR A 517 14.24 37.09 -5.55
CA THR A 517 14.12 35.71 -6.02
C THR A 517 14.50 35.60 -7.49
N LEU A 518 14.19 36.63 -8.28
CA LEU A 518 14.63 36.63 -9.67
C LEU A 518 16.13 36.86 -9.77
N VAL A 519 16.67 37.81 -8.99
CA VAL A 519 18.09 38.09 -8.96
C VAL A 519 18.89 36.83 -8.69
N ALA A 520 18.38 35.98 -7.79
CA ALA A 520 19.09 34.80 -7.33
C ALA A 520 19.44 33.86 -8.48
N GLN A 521 18.67 33.89 -9.58
CA GLN A 521 18.89 32.98 -10.69
C GLN A 521 20.21 33.23 -11.40
N THR A 522 20.72 34.45 -11.34
CA THR A 522 21.86 34.84 -12.16
C THR A 522 22.92 35.61 -11.38
N ASP A 523 22.87 35.57 -10.04
CA ASP A 523 23.89 36.26 -9.25
C ASP A 523 25.05 35.32 -8.94
N SER A 524 25.99 35.81 -8.14
CA SER A 524 27.17 35.04 -7.72
C SER A 524 26.94 34.23 -6.46
N TYR A 525 25.72 34.20 -5.93
CA TYR A 525 25.49 33.71 -4.57
C TYR A 525 24.89 32.32 -4.54
N ASN A 526 25.55 31.41 -3.81
CA ASN A 526 24.93 30.17 -3.39
C ASN A 526 25.76 29.60 -2.25
N TRP A 527 25.12 28.95 -1.27
CA TRP A 527 25.92 28.24 -0.27
C TRP A 527 26.85 27.23 -0.93
N GLY A 528 26.38 26.56 -1.97
CA GLY A 528 27.21 25.64 -2.71
C GLY A 528 27.13 24.18 -2.33
N TYR A 529 26.05 23.74 -1.71
CA TYR A 529 25.89 22.31 -1.41
C TYR A 529 25.47 21.54 -2.67
N ASP A 530 26.19 21.77 -3.78
CA ASP A 530 25.79 21.34 -5.11
C ASP A 530 27.05 20.91 -5.84
N PRO A 531 27.60 19.74 -5.49
CA PRO A 531 28.96 19.40 -5.94
C PRO A 531 28.98 19.09 -7.43
N PHE A 532 29.91 19.75 -8.12
CA PHE A 532 30.22 19.48 -9.52
C PHE A 532 31.50 18.66 -9.62
N HIS A 533 32.57 19.10 -8.98
CA HIS A 533 33.80 18.32 -8.87
C HIS A 533 34.29 18.42 -7.44
N TYR A 534 34.60 17.27 -6.85
CA TYR A 534 34.89 17.19 -5.41
C TYR A 534 36.27 17.68 -5.03
N THR A 535 37.20 17.78 -5.98
CA THR A 535 38.60 17.97 -5.62
C THR A 535 39.26 19.08 -6.43
N VAL A 536 38.49 20.08 -6.80
CA VAL A 536 38.98 21.33 -7.39
C VAL A 536 38.35 22.48 -6.61
N PRO A 537 39.07 23.56 -6.33
CA PRO A 537 38.41 24.74 -5.74
C PRO A 537 37.35 25.31 -6.67
N GLU A 538 36.35 25.95 -6.06
CA GLU A 538 35.33 26.66 -6.82
C GLU A 538 35.96 27.81 -7.61
N GLY A 539 35.51 27.97 -8.86
CA GLY A 539 36.08 28.99 -9.72
C GLY A 539 35.59 30.41 -9.48
N SER A 540 34.33 30.57 -9.08
CA SER A 540 33.78 31.92 -8.98
C SER A 540 34.40 32.71 -7.84
N TYR A 541 35.02 32.03 -6.87
CA TYR A 541 35.70 32.69 -5.77
C TYR A 541 37.12 33.08 -6.12
N ALA A 542 37.59 32.73 -7.32
CA ALA A 542 38.90 33.14 -7.79
C ALA A 542 38.75 34.41 -8.64
N THR A 543 39.82 35.21 -8.70
CA THR A 543 39.77 36.38 -9.59
C THR A 543 39.79 35.97 -11.05
N ASP A 544 40.37 34.82 -11.36
CA ASP A 544 40.44 34.29 -12.71
C ASP A 544 40.04 32.81 -12.66
N PRO A 545 38.83 32.48 -13.09
CA PRO A 545 38.36 31.09 -13.03
C PRO A 545 38.89 30.19 -14.14
N GLU A 546 39.71 30.70 -15.06
CA GLU A 546 40.16 29.91 -16.20
C GLU A 546 41.47 29.19 -15.83
N GLY A 547 41.40 27.88 -15.67
CA GLY A 547 42.62 27.11 -15.51
C GLY A 547 43.15 27.11 -14.09
N THR A 548 44.48 27.03 -13.97
CA THR A 548 45.08 26.72 -12.68
C THR A 548 45.12 27.89 -11.71
N ALA A 549 44.80 29.11 -12.14
CA ALA A 549 44.98 30.29 -11.31
C ALA A 549 44.31 30.17 -9.94
N ARG A 550 43.11 29.58 -9.88
CA ARG A 550 42.39 29.50 -8.61
C ARG A 550 43.12 28.68 -7.55
N ILE A 551 44.01 27.78 -7.97
CA ILE A 551 44.70 26.91 -7.02
C ILE A 551 45.61 27.72 -6.12
N LYS A 552 46.44 28.59 -6.71
CA LYS A 552 47.31 29.42 -5.90
C LYS A 552 46.50 30.42 -5.07
N GLU A 553 45.43 30.98 -5.64
CA GLU A 553 44.62 31.92 -4.85
C GLU A 553 44.00 31.24 -3.64
N PHE A 554 43.47 30.03 -3.83
CA PHE A 554 42.92 29.27 -2.72
C PHE A 554 43.98 29.05 -1.65
N ARG A 555 45.18 28.61 -2.08
CA ARG A 555 46.25 28.38 -1.11
C ARG A 555 46.67 29.66 -0.40
N THR A 556 46.68 30.78 -1.12
CA THR A 556 47.02 32.06 -0.49
C THR A 556 46.04 32.38 0.62
N MET A 557 44.77 32.09 0.41
CA MET A 557 43.76 32.28 1.44
C MET A 557 44.01 31.36 2.63
N ILE A 558 44.25 30.06 2.37
CA ILE A 558 44.50 29.13 3.47
C ILE A 558 45.68 29.60 4.30
N GLN A 559 46.77 29.98 3.62
CA GLN A 559 47.95 30.49 4.32
C GLN A 559 47.63 31.75 5.12
N ALA A 560 46.84 32.66 4.55
CA ALA A 560 46.48 33.87 5.28
C ALA A 560 45.72 33.54 6.56
N ILE A 561 44.74 32.63 6.47
CA ILE A 561 43.96 32.26 7.66
C ILE A 561 44.85 31.65 8.72
N LYS A 562 45.69 30.69 8.33
CA LYS A 562 46.46 29.92 9.30
C LYS A 562 47.67 30.69 9.82
N GLN A 563 48.38 31.40 8.95
CA GLN A 563 49.63 32.05 9.31
C GLN A 563 49.40 33.46 9.84
N ASP A 564 48.50 34.21 9.21
CA ASP A 564 48.30 35.62 9.54
C ASP A 564 47.13 35.86 10.48
N LEU A 565 46.04 35.11 10.34
CA LEU A 565 44.94 35.21 11.29
C LEU A 565 45.03 34.20 12.42
N GLY A 566 45.91 33.21 12.32
CA GLY A 566 46.13 32.30 13.43
C GLY A 566 45.03 31.29 13.71
N MET A 567 44.24 30.93 12.70
CA MET A 567 43.16 29.96 12.87
C MET A 567 43.38 28.74 11.99
N ASN A 568 42.97 27.58 12.50
CA ASN A 568 42.91 26.38 11.69
C ASN A 568 41.76 26.49 10.70
N VAL A 569 41.76 25.62 9.69
CA VAL A 569 40.75 25.63 8.62
C VAL A 569 40.06 24.28 8.54
N ILE A 570 38.73 24.31 8.58
CA ILE A 570 37.87 23.15 8.31
C ILE A 570 37.15 23.40 6.99
N MET A 571 37.08 22.37 6.15
CA MET A 571 36.23 22.44 4.97
C MET A 571 34.94 21.64 5.14
N ASP A 572 33.81 22.28 4.84
N ASP A 572 33.82 22.26 4.77
CA ASP A 572 32.59 21.54 4.58
CA ASP A 572 32.54 21.55 4.64
C ASP A 572 32.77 20.71 3.32
C ASP A 572 32.55 20.79 3.31
N VAL A 573 32.35 19.46 3.38
CA VAL A 573 32.40 18.59 2.21
C VAL A 573 31.06 17.89 2.06
N VAL A 574 30.73 17.57 0.81
CA VAL A 574 29.37 17.17 0.47
C VAL A 574 29.41 15.93 -0.42
N TYR A 575 29.84 14.81 0.13
CA TYR A 575 29.98 13.57 -0.62
C TYR A 575 28.70 12.73 -0.61
N ASN A 576 27.65 13.18 0.07
CA ASN A 576 26.43 12.39 0.19
C ASN A 576 25.52 12.50 -1.03
N HIS A 577 25.81 13.42 -1.95
CA HIS A 577 25.01 13.54 -3.17
C HIS A 577 25.88 14.14 -4.25
N THR A 578 25.43 13.96 -5.49
CA THR A 578 25.92 14.69 -6.65
C THR A 578 24.86 15.73 -7.04
N ASN A 579 25.26 16.69 -7.86
CA ASN A 579 24.32 17.73 -8.26
C ASN A 579 23.26 17.20 -9.22
N ALA A 580 23.60 16.16 -9.99
CA ALA A 580 22.71 15.61 -11.00
C ALA A 580 23.18 14.20 -11.33
N ALA A 581 22.30 13.43 -11.94
CA ALA A 581 22.63 12.11 -12.43
C ALA A 581 22.00 11.96 -13.81
N GLY A 582 22.11 10.77 -14.39
CA GLY A 582 21.54 10.49 -15.69
C GLY A 582 22.46 10.87 -16.84
N PRO A 583 22.04 10.57 -18.07
CA PRO A 583 22.91 10.72 -19.24
C PRO A 583 22.86 12.08 -19.90
N THR A 584 22.09 13.04 -19.37
CA THR A 584 21.80 14.28 -20.07
C THR A 584 22.30 15.53 -19.37
N ASP A 585 22.17 15.60 -18.04
N ASP A 585 22.17 15.61 -18.05
CA ASP A 585 22.38 16.86 -17.34
CA ASP A 585 22.34 16.89 -17.37
C ASP A 585 23.83 17.32 -17.43
C ASP A 585 23.81 17.33 -17.36
N ARG A 586 24.01 18.64 -17.57
CA ARG A 586 25.33 19.24 -17.63
C ARG A 586 26.23 18.81 -16.47
N THR A 587 25.67 18.70 -15.27
CA THR A 587 26.48 18.47 -14.07
C THR A 587 26.48 17.00 -13.63
N SER A 588 25.94 16.10 -14.44
CA SER A 588 26.08 14.68 -14.17
C SER A 588 27.45 14.25 -14.69
N VAL A 589 28.36 13.94 -13.78
CA VAL A 589 29.71 13.50 -14.13
C VAL A 589 29.84 12.01 -13.86
N LEU A 590 29.76 11.63 -12.59
N LEU A 590 29.75 11.61 -12.59
CA LEU A 590 29.94 10.25 -12.20
CA LEU A 590 29.95 10.22 -12.21
C LEU A 590 28.94 9.33 -12.87
C LEU A 590 28.93 9.30 -12.86
N ASP A 591 27.67 9.73 -12.92
CA ASP A 591 26.63 8.86 -13.45
C ASP A 591 26.63 8.80 -14.98
N LYS A 592 27.40 9.65 -15.65
CA LYS A 592 27.64 9.45 -17.08
C LYS A 592 28.74 8.41 -17.33
N ILE A 593 29.75 8.35 -16.45
CA ILE A 593 30.93 7.55 -16.71
C ILE A 593 30.73 6.10 -16.29
N VAL A 594 30.17 5.87 -15.09
CA VAL A 594 29.76 4.54 -14.66
C VAL A 594 28.29 4.59 -14.27
N PRO A 595 27.38 4.47 -15.23
CA PRO A 595 25.95 4.66 -14.92
C PRO A 595 25.48 3.66 -13.87
N TRP A 596 24.64 4.14 -12.96
CA TRP A 596 23.96 3.36 -11.94
C TRP A 596 24.86 2.84 -10.82
N TYR A 597 26.13 3.27 -10.77
CA TYR A 597 27.07 2.79 -9.78
C TYR A 597 27.29 3.77 -8.63
N TYR A 598 27.49 5.05 -8.93
CA TYR A 598 27.86 6.02 -7.91
C TYR A 598 26.67 6.61 -7.18
N GLN A 599 25.45 6.33 -7.64
CA GLN A 599 24.24 6.85 -7.03
C GLN A 599 23.51 5.72 -6.31
N ARG A 600 22.82 6.08 -5.24
CA ARG A 600 21.96 5.11 -4.56
C ARG A 600 20.61 5.07 -5.27
N LEU A 601 20.14 3.86 -5.58
CA LEU A 601 18.97 3.68 -6.40
C LEU A 601 17.86 3.01 -5.62
N ASN A 602 16.62 3.34 -5.97
CA ASN A 602 15.48 2.61 -5.44
C ASN A 602 15.55 1.15 -5.88
N GLU A 603 15.28 0.24 -4.94
CA GLU A 603 15.43 -1.20 -5.17
C GLU A 603 14.47 -1.74 -6.23
N THR A 604 13.37 -1.05 -6.48
CA THR A 604 12.36 -1.54 -7.43
C THR A 604 12.43 -0.85 -8.79
N THR A 605 12.61 0.48 -8.81
CA THR A 605 12.55 1.22 -10.06
C THR A 605 13.92 1.51 -10.66
N GLY A 606 14.99 1.44 -9.86
CA GLY A 606 16.28 1.93 -10.31
C GLY A 606 16.40 3.43 -10.37
N SER A 607 15.39 4.17 -9.92
N SER A 607 15.38 4.18 -9.93
CA SER A 607 15.47 5.62 -9.91
CA SER A 607 15.47 5.63 -9.93
C SER A 607 16.51 6.07 -8.91
C SER A 607 16.48 6.09 -8.90
N VAL A 608 17.25 7.13 -9.26
CA VAL A 608 18.20 7.70 -8.31
C VAL A 608 17.44 8.33 -7.16
N GLU A 609 17.79 7.95 -5.94
CA GLU A 609 17.08 8.47 -4.78
C GLU A 609 17.45 9.94 -4.53
N SER A 610 16.54 10.64 -3.85
N SER A 610 16.51 10.64 -3.90
CA SER A 610 16.68 12.08 -3.65
CA SER A 610 16.64 12.07 -3.63
C SER A 610 16.48 12.49 -2.19
C SER A 610 16.18 12.37 -2.20
N ALA A 611 16.67 11.57 -1.25
CA ALA A 611 16.44 11.89 0.16
C ALA A 611 17.32 13.02 0.64
N THR A 612 18.49 13.21 0.04
CA THR A 612 19.41 14.26 0.47
C THR A 612 18.97 15.64 0.04
N CYS A 613 18.18 15.72 -1.03
CA CYS A 613 17.74 16.93 -1.74
C CYS A 613 17.85 16.67 -3.23
N CYS A 614 18.92 15.97 -3.60
CA CYS A 614 19.43 16.03 -4.95
C CYS A 614 19.60 14.63 -5.51
N SER A 615 20.80 14.23 -5.94
CA SER A 615 21.02 12.89 -6.49
C SER A 615 21.87 12.11 -5.49
N ASP A 616 21.21 11.28 -4.67
CA ASP A 616 21.90 10.63 -3.55
C ASP A 616 23.04 9.77 -4.08
N SER A 617 24.21 9.87 -3.42
N SER A 617 24.20 9.86 -3.42
CA SER A 617 25.36 9.06 -3.79
CA SER A 617 25.36 9.06 -3.78
C SER A 617 25.35 7.74 -3.03
C SER A 617 25.32 7.72 -3.06
N ALA A 618 26.28 6.85 -3.38
CA ALA A 618 26.39 5.53 -2.79
C ALA A 618 27.78 5.33 -2.17
N PRO A 619 28.06 5.98 -1.05
CA PRO A 619 29.35 5.78 -0.38
C PRO A 619 29.56 4.36 0.13
N GLU A 620 28.53 3.53 0.16
CA GLU A 620 28.66 2.10 0.44
C GLU A 620 29.30 1.32 -0.71
N HIS A 621 29.45 1.90 -1.89
CA HIS A 621 30.09 1.22 -3.01
C HIS A 621 31.58 1.54 -3.01
N ARG A 622 32.39 0.49 -3.28
CA ARG A 622 33.83 0.57 -3.00
C ARG A 622 34.53 1.69 -3.75
N MET A 623 34.19 1.90 -5.02
CA MET A 623 34.92 2.90 -5.79
C MET A 623 34.47 4.32 -5.47
N PHE A 624 33.26 4.50 -4.92
CA PHE A 624 32.92 5.83 -4.44
C PHE A 624 33.57 6.11 -3.09
N ALA A 625 33.62 5.10 -2.21
CA ALA A 625 34.40 5.26 -0.98
C ALA A 625 35.84 5.62 -1.30
N LYS A 626 36.43 4.98 -2.31
CA LYS A 626 37.80 5.32 -2.70
C LYS A 626 37.89 6.76 -3.22
N LEU A 627 36.94 7.17 -4.06
CA LEU A 627 36.95 8.53 -4.56
C LEU A 627 36.94 9.52 -3.41
N ILE A 628 36.10 9.27 -2.40
CA ILE A 628 36.01 10.15 -1.23
C ILE A 628 37.35 10.23 -0.51
N ALA A 629 37.94 9.07 -0.21
CA ALA A 629 39.21 9.07 0.52
C ALA A 629 40.31 9.73 -0.29
N ASP A 630 40.35 9.47 -1.61
CA ASP A 630 41.37 10.08 -2.47
C ASP A 630 41.19 11.59 -2.56
N SER A 631 39.93 12.05 -2.57
CA SER A 631 39.64 13.48 -2.60
C SER A 631 40.09 14.15 -1.31
N LEU A 632 39.71 13.57 -0.16
CA LEU A 632 40.15 14.10 1.12
C LEU A 632 41.67 14.13 1.24
N ALA A 633 42.34 13.17 0.61
CA ALA A 633 43.80 13.15 0.66
C ALA A 633 44.39 14.36 -0.03
N VAL A 634 43.81 14.79 -1.14
CA VAL A 634 44.30 15.99 -1.82
C VAL A 634 44.04 17.24 -0.98
N TRP A 635 42.83 17.38 -0.44
CA TRP A 635 42.55 18.54 0.40
C TRP A 635 43.50 18.58 1.60
N THR A 636 43.79 17.41 2.19
CA THR A 636 44.69 17.32 3.33
C THR A 636 46.14 17.68 2.95
N THR A 637 46.69 16.99 1.96
CA THR A 637 48.10 17.12 1.65
C THR A 637 48.38 18.36 0.80
N ASP A 638 47.59 18.54 -0.25
CA ASP A 638 47.86 19.61 -1.20
C ASP A 638 47.30 20.95 -0.77
N TYR A 639 46.24 20.98 0.04
CA TYR A 639 45.64 22.24 0.46
C TYR A 639 45.78 22.51 1.95
N LYS A 640 46.37 21.58 2.71
CA LYS A 640 46.68 21.78 4.13
C LYS A 640 45.44 22.12 4.96
N ILE A 641 44.35 21.44 4.66
CA ILE A 641 43.13 21.57 5.45
C ILE A 641 43.28 20.78 6.75
N ASP A 642 42.78 21.34 7.86
CA ASP A 642 42.99 20.76 9.18
C ASP A 642 41.86 19.85 9.65
N GLY A 643 40.68 19.97 9.08
CA GLY A 643 39.57 19.10 9.46
C GLY A 643 38.47 19.20 8.42
N PHE A 644 37.53 18.26 8.51
CA PHE A 644 36.46 18.16 7.53
C PHE A 644 35.13 17.97 8.22
N ARG A 645 34.12 18.69 7.75
CA ARG A 645 32.76 18.58 8.25
C ARG A 645 31.93 17.92 7.16
N PHE A 646 31.44 16.71 7.41
CA PHE A 646 30.66 15.98 6.42
C PHE A 646 29.20 16.39 6.47
N ASP A 647 28.72 16.95 5.37
CA ASP A 647 27.30 17.21 5.20
C ASP A 647 26.54 15.89 5.18
N LEU A 648 25.41 15.85 5.90
CA LEU A 648 24.53 14.68 5.89
C LEU A 648 25.30 13.36 6.01
N MET A 649 26.16 13.33 7.04
CA MET A 649 27.06 12.20 7.25
C MET A 649 26.31 10.91 7.52
N GLY A 650 25.08 10.99 8.03
CA GLY A 650 24.30 9.79 8.27
C GLY A 650 23.98 8.98 7.03
N TYR A 651 24.09 9.58 5.84
CA TYR A 651 23.92 8.87 4.58
C TYR A 651 25.15 8.05 4.21
N HIS A 652 26.22 8.15 5.01
CA HIS A 652 27.43 7.36 4.81
C HIS A 652 27.47 6.20 5.79
N PRO A 653 28.01 5.04 5.39
CA PRO A 653 28.25 3.97 6.36
C PRO A 653 29.28 4.42 7.39
N LYS A 654 29.01 4.07 8.66
CA LYS A 654 29.99 4.24 9.71
C LYS A 654 31.34 3.69 9.28
N ALA A 655 31.34 2.49 8.68
CA ALA A 655 32.60 1.84 8.31
C ALA A 655 33.34 2.63 7.23
N GLN A 656 32.62 3.36 6.39
CA GLN A 656 33.27 4.12 5.33
C GLN A 656 33.90 5.39 5.89
N ILE A 657 33.20 6.09 6.78
CA ILE A 657 33.80 7.25 7.41
C ILE A 657 35.05 6.86 8.19
N LEU A 658 34.98 5.75 8.94
CA LEU A 658 36.15 5.32 9.72
C LEU A 658 37.31 4.90 8.83
N SER A 659 37.03 4.22 7.72
CA SER A 659 38.12 3.85 6.82
C SER A 659 38.74 5.09 6.20
N ALA A 660 37.92 6.07 5.78
CA ALA A 660 38.47 7.33 5.29
C ALA A 660 39.35 7.98 6.33
N TRP A 661 38.92 7.97 7.60
CA TRP A 661 39.72 8.62 8.63
C TRP A 661 41.05 7.90 8.84
N GLU A 662 41.03 6.56 8.82
CA GLU A 662 42.28 5.80 8.87
C GLU A 662 43.22 6.19 7.74
N ARG A 663 42.70 6.35 6.53
N ARG A 663 42.70 6.31 6.53
CA ARG A 663 43.55 6.68 5.39
CA ARG A 663 43.52 6.68 5.39
C ARG A 663 44.11 8.09 5.49
C ARG A 663 44.10 8.09 5.53
N ILE A 664 43.30 9.03 5.99
CA ILE A 664 43.79 10.40 6.10
C ILE A 664 44.74 10.59 7.27
N LYS A 665 44.54 9.84 8.38
CA LYS A 665 45.47 9.93 9.50
C LYS A 665 46.88 9.50 9.12
N ALA A 666 47.03 8.68 8.08
CA ALA A 666 48.37 8.33 7.63
C ALA A 666 49.06 9.51 6.97
N LEU A 667 48.28 10.48 6.49
CA LEU A 667 48.81 11.68 5.85
C LEU A 667 48.93 12.84 6.82
N ASN A 668 47.97 12.99 7.73
CA ASN A 668 47.97 14.04 8.73
C ASN A 668 47.46 13.39 10.01
N PRO A 669 48.34 13.05 10.94
CA PRO A 669 47.90 12.26 12.10
C PRO A 669 46.89 12.96 12.97
N ASP A 670 46.79 14.29 12.88
CA ASP A 670 45.90 15.06 13.74
C ASP A 670 44.66 15.58 13.03
N ILE A 671 44.35 15.08 11.83
CA ILE A 671 43.14 15.52 11.14
C ILE A 671 41.92 15.22 12.01
N TYR A 672 40.93 16.10 11.96
CA TYR A 672 39.70 15.92 12.72
C TYR A 672 38.52 15.80 11.75
N PHE A 673 37.68 14.78 11.94
CA PHE A 673 36.48 14.55 11.14
C PHE A 673 35.27 14.74 12.03
N PHE A 674 34.26 15.43 11.52
CA PHE A 674 32.96 15.48 12.19
C PHE A 674 31.90 15.70 11.13
N GLY A 675 30.63 15.62 11.52
CA GLY A 675 29.61 15.82 10.52
C GLY A 675 28.23 15.89 11.12
N GLU A 676 27.25 16.06 10.24
CA GLU A 676 25.83 15.98 10.61
C GLU A 676 25.46 14.50 10.64
N GLY A 677 25.41 13.93 11.83
CA GLY A 677 25.07 12.53 11.97
C GLY A 677 23.60 12.29 12.28
N TRP A 678 22.71 13.07 11.67
CA TRP A 678 21.29 12.84 11.80
C TRP A 678 20.91 11.50 11.15
N ASP A 679 19.89 10.91 11.71
CA ASP A 679 19.30 9.70 11.02
CA ASP A 679 19.36 9.67 11.08
C ASP A 679 18.93 9.93 9.51
N SER A 680 19.42 9.02 8.70
CA SER A 680 19.27 9.12 7.26
C SER A 680 18.28 8.13 6.70
N ASN A 681 17.70 7.28 7.55
N ASN A 681 17.70 7.26 7.54
CA ASN A 681 16.82 6.20 7.12
CA ASN A 681 16.80 6.19 7.11
C ASN A 681 17.52 5.21 6.18
C ASN A 681 17.51 5.07 6.36
N GLN A 682 18.84 5.10 6.30
CA GLN A 682 19.60 4.10 5.54
C GLN A 682 20.04 2.90 6.38
N SER A 683 19.58 2.78 7.63
CA SER A 683 20.02 1.68 8.49
C SER A 683 19.66 0.30 7.94
N ASP A 684 18.67 0.20 7.05
CA ASP A 684 18.37 -1.09 6.44
C ASP A 684 19.47 -1.55 5.49
N ARG A 685 20.28 -0.63 4.98
CA ARG A 685 21.31 -0.95 4.01
C ARG A 685 22.69 -1.13 4.62
N PHE A 686 22.96 -0.47 5.74
CA PHE A 686 24.27 -0.52 6.38
C PHE A 686 24.16 0.19 7.73
N GLU A 687 25.15 -0.02 8.58
CA GLU A 687 25.20 0.74 9.83
C GLU A 687 25.62 2.18 9.52
N ILE A 688 24.76 3.13 9.85
CA ILE A 688 24.94 4.53 9.42
C ILE A 688 25.88 5.27 10.37
N ALA A 689 26.50 6.32 9.84
CA ALA A 689 27.42 7.18 10.60
C ALA A 689 26.60 8.24 11.35
N SER A 690 25.89 7.78 12.38
CA SER A 690 25.00 8.62 13.18
C SER A 690 25.61 8.94 14.53
N GLN A 691 24.96 9.88 15.23
CA GLN A 691 25.38 10.27 16.58
C GLN A 691 25.58 9.06 17.49
N ILE A 692 24.58 8.18 17.55
CA ILE A 692 24.71 7.05 18.47
C ILE A 692 25.73 6.04 17.97
N ASN A 693 25.71 5.72 16.68
CA ASN A 693 26.62 4.69 16.19
C ASN A 693 28.08 5.11 16.25
N LEU A 694 28.36 6.41 16.27
CA LEU A 694 29.73 6.88 16.32
C LEU A 694 30.28 7.03 17.74
N LYS A 695 29.50 6.68 18.76
CA LYS A 695 29.98 6.79 20.14
C LYS A 695 31.32 6.08 20.31
N GLY A 696 32.30 6.80 20.87
CA GLY A 696 33.58 6.21 21.17
C GLY A 696 34.56 6.12 20.00
N THR A 697 34.13 6.51 18.78
CA THR A 697 34.99 6.38 17.61
C THR A 697 35.95 7.56 17.43
N GLY A 698 35.67 8.69 18.05
CA GLY A 698 36.45 9.88 17.79
C GLY A 698 35.99 10.72 16.62
N ILE A 699 34.92 10.33 15.93
CA ILE A 699 34.30 11.14 14.89
C ILE A 699 33.24 12.02 15.56
N GLY A 700 33.34 13.34 15.37
CA GLY A 700 32.37 14.22 15.99
C GLY A 700 31.05 14.31 15.24
N THR A 701 30.01 14.71 15.97
CA THR A 701 28.72 15.01 15.36
C THR A 701 28.18 16.29 15.98
N PHE A 702 27.47 17.07 15.16
CA PHE A 702 26.69 18.16 15.70
C PHE A 702 25.65 17.61 16.66
N SER A 703 25.45 18.33 17.77
CA SER A 703 24.38 17.98 18.70
C SER A 703 23.20 18.91 18.52
N ASP A 704 22.04 18.33 18.27
CA ASP A 704 20.78 19.05 18.20
C ASP A 704 20.14 19.27 19.57
N ARG A 705 20.69 18.68 20.63
CA ARG A 705 20.08 18.71 21.95
C ARG A 705 20.19 20.08 22.61
N LEU A 706 21.41 20.51 22.95
CA LEU A 706 21.54 21.84 23.53
C LEU A 706 21.04 22.91 22.56
N ARG A 707 21.35 22.74 21.26
CA ARG A 707 20.90 23.65 20.23
C ARG A 707 19.43 24.00 20.39
N ASP A 708 18.56 22.99 20.38
CA ASP A 708 17.13 23.26 20.44
C ASP A 708 16.68 23.67 21.83
N ALA A 709 17.32 23.15 22.89
CA ALA A 709 16.94 23.54 24.23
C ALA A 709 17.19 25.03 24.47
N VAL A 710 18.29 25.55 23.92
CA VAL A 710 18.64 26.95 24.15
C VAL A 710 17.94 27.88 23.16
N ARG A 711 17.88 27.53 21.87
CA ARG A 711 17.19 28.35 20.89
C ARG A 711 15.68 28.29 21.06
N GLY A 712 15.18 27.15 21.52
CA GLY A 712 13.76 26.85 21.52
C GLY A 712 13.31 26.26 20.21
N GLY A 713 12.26 25.44 20.29
CA GLY A 713 11.64 24.90 19.09
C GLY A 713 12.56 24.01 18.28
N GLY A 714 12.37 24.07 16.95
CA GLY A 714 13.12 23.25 16.03
C GLY A 714 12.93 23.72 14.60
N PRO A 715 13.74 23.15 13.69
CA PRO A 715 13.76 23.65 12.30
C PRO A 715 12.44 23.62 11.56
N PHE A 716 11.53 22.72 11.93
N PHE A 716 11.53 22.72 11.92
CA PHE A 716 10.27 22.58 11.21
CA PHE A 716 10.26 22.58 11.21
C PHE A 716 9.25 23.64 11.59
C PHE A 716 9.16 23.50 11.71
N ASP A 717 9.43 24.32 12.72
CA ASP A 717 8.41 25.22 13.23
C ASP A 717 7.99 26.25 12.20
N SER A 718 6.69 26.54 12.19
CA SER A 718 6.14 27.59 11.34
C SER A 718 5.01 28.26 12.09
N GLY A 719 4.62 29.43 11.60
CA GLY A 719 3.49 30.14 12.20
C GLY A 719 3.73 30.44 13.67
N ASP A 720 2.65 30.35 14.44
CA ASP A 720 2.70 30.72 15.85
C ASP A 720 3.73 29.90 16.64
N ALA A 721 4.02 28.67 16.20
CA ALA A 721 4.96 27.84 16.95
C ALA A 721 6.33 28.49 17.04
N LEU A 722 6.73 29.26 16.01
CA LEU A 722 8.00 29.96 16.06
C LEU A 722 8.09 30.89 17.27
N ARG A 723 6.98 31.47 17.68
CA ARG A 723 6.95 32.31 18.87
C ARG A 723 6.69 31.51 20.13
N GLN A 724 5.77 30.56 20.08
CA GLN A 724 5.42 29.81 21.29
C GLN A 724 6.61 29.05 21.86
N ASN A 725 7.46 28.51 20.98
CA ASN A 725 8.50 27.58 21.39
C ASN A 725 9.75 28.33 21.85
N GLN A 726 9.64 28.99 23.01
CA GLN A 726 10.77 29.69 23.60
C GLN A 726 11.83 28.70 24.05
N GLY A 727 13.08 29.17 24.12
CA GLY A 727 14.18 28.37 24.60
C GLY A 727 14.74 28.94 25.88
N VAL A 728 15.72 28.21 26.44
CA VAL A 728 16.38 28.73 27.64
C VAL A 728 16.95 30.12 27.38
N GLY A 729 17.49 30.35 26.18
CA GLY A 729 18.10 31.64 25.93
C GLY A 729 17.12 32.77 25.71
N SER A 730 15.85 32.44 25.45
CA SER A 730 14.83 33.45 25.22
C SER A 730 13.76 33.46 26.30
N GLY A 731 14.03 32.82 27.44
CA GLY A 731 13.17 32.97 28.61
C GLY A 731 12.04 31.98 28.74
N ALA A 732 12.18 30.77 28.24
CA ALA A 732 11.21 29.72 28.47
C ALA A 732 10.87 29.64 29.96
N GLY A 733 9.56 29.67 30.27
CA GLY A 733 9.10 29.61 31.64
C GLY A 733 9.20 30.96 32.34
N VAL A 734 10.42 31.51 32.42
CA VAL A 734 10.69 32.66 33.30
C VAL A 734 10.27 34.00 32.68
N LEU A 735 10.21 34.12 31.37
CA LEU A 735 9.80 35.37 30.73
C LEU A 735 8.92 35.03 29.55
N PRO A 736 7.73 34.50 29.82
CA PRO A 736 6.87 34.02 28.75
C PRO A 736 6.36 35.15 27.86
N ASN A 737 6.21 34.84 26.58
CA ASN A 737 5.53 35.75 25.67
C ASN A 737 4.03 35.50 25.75
N GLU A 738 3.26 36.21 24.93
CA GLU A 738 1.81 36.20 25.01
C GLU A 738 1.18 34.97 24.36
N LEU A 739 1.95 34.14 23.66
CA LEU A 739 1.39 32.99 22.96
C LEU A 739 1.79 31.65 23.57
N THR A 740 2.94 31.58 24.23
CA THR A 740 3.48 30.31 24.68
C THR A 740 2.58 29.66 25.73
N THR A 741 2.63 28.34 25.78
CA THR A 741 2.03 27.57 26.86
C THR A 741 3.05 26.75 27.64
N LEU A 742 4.35 27.00 27.45
CA LEU A 742 5.37 26.19 28.11
C LEU A 742 5.17 26.20 29.62
N SER A 743 5.18 25.02 30.21
CA SER A 743 5.08 24.91 31.66
C SER A 743 6.47 25.03 32.28
N ASP A 744 6.50 25.23 33.60
N ASP A 744 6.50 25.23 33.60
CA ASP A 744 7.77 25.23 34.33
CA ASP A 744 7.76 25.22 34.33
C ASP A 744 8.48 23.90 34.15
C ASP A 744 8.47 23.90 34.13
N ASP A 745 7.73 22.80 34.14
CA ASP A 745 8.33 21.48 33.93
C ASP A 745 9.01 21.40 32.57
N GLN A 746 8.33 21.90 31.53
CA GLN A 746 8.91 21.91 30.19
C GLN A 746 10.17 22.77 30.14
N ALA A 747 10.15 23.96 30.75
CA ALA A 747 11.34 24.79 30.76
C ALA A 747 12.48 24.12 31.49
N ARG A 748 12.18 23.44 32.61
CA ARG A 748 13.23 22.76 33.36
C ARG A 748 13.79 21.58 32.60
N HIS A 749 12.96 20.91 31.79
CA HIS A 749 13.48 19.86 30.94
C HIS A 749 14.51 20.40 29.94
N LEU A 750 14.22 21.58 29.37
CA LEU A 750 15.20 22.19 28.46
C LEU A 750 16.48 22.54 29.20
N ALA A 751 16.39 22.93 30.48
CA ALA A 751 17.61 23.18 31.22
C ALA A 751 18.39 21.91 31.49
N ASP A 752 17.71 20.77 31.70
CA ASP A 752 18.42 19.50 31.84
C ASP A 752 19.22 19.18 30.58
N LEU A 753 18.61 19.35 29.41
CA LEU A 753 19.34 19.12 28.16
C LEU A 753 20.49 20.10 28.02
N THR A 754 20.29 21.34 28.47
CA THR A 754 21.34 22.34 28.34
C THR A 754 22.53 21.99 29.23
N ARG A 755 22.27 21.67 30.51
N ARG A 755 22.27 21.67 30.50
CA ARG A 755 23.34 21.26 31.41
CA ARG A 755 23.36 21.27 31.39
C ARG A 755 24.08 20.06 30.84
C ARG A 755 24.09 20.04 30.86
N LEU A 756 23.32 19.04 30.41
CA LEU A 756 23.94 17.86 29.84
C LEU A 756 24.86 18.22 28.69
N GLY A 757 24.43 19.17 27.84
CA GLY A 757 25.25 19.61 26.73
C GLY A 757 26.49 20.38 27.16
N MET A 758 26.37 21.21 28.19
CA MET A 758 27.54 21.90 28.74
C MET A 758 28.55 20.94 29.31
N ALA A 759 28.11 19.74 29.70
CA ALA A 759 29.03 18.71 30.16
C ALA A 759 29.44 17.77 29.04
N GLY A 760 29.20 18.14 27.79
CA GLY A 760 29.67 17.38 26.64
C GLY A 760 28.69 16.39 26.05
N ASN A 761 27.43 16.43 26.47
CA ASN A 761 26.38 15.53 25.97
C ASN A 761 26.80 14.05 26.00
N LEU A 762 27.37 13.64 27.13
CA LEU A 762 27.84 12.27 27.29
C LEU A 762 26.70 11.34 27.67
N ALA A 763 26.73 10.12 27.12
CA ALA A 763 25.72 9.13 27.45
C ALA A 763 25.74 8.76 28.93
N ASP A 764 26.93 8.73 29.54
CA ASP A 764 27.09 8.20 30.90
C ASP A 764 27.21 9.27 31.97
N PHE A 765 27.24 10.55 31.60
CA PHE A 765 27.29 11.61 32.60
C PHE A 765 26.07 11.55 33.51
N VAL A 766 26.29 11.73 34.82
CA VAL A 766 25.24 11.56 35.82
C VAL A 766 24.82 12.92 36.35
N LEU A 767 23.53 13.22 36.24
CA LEU A 767 23.02 14.48 36.74
C LEU A 767 21.75 14.28 37.54
N ILE A 768 21.31 15.34 38.19
CA ILE A 768 20.05 15.39 38.90
C ILE A 768 19.08 16.11 37.98
N ASP A 769 17.99 15.45 37.60
CA ASP A 769 17.07 16.03 36.65
C ASP A 769 16.07 16.96 37.35
N LYS A 770 15.14 17.50 36.55
CA LYS A 770 14.18 18.51 37.00
C LYS A 770 13.30 18.02 38.14
N ASP A 771 13.12 16.71 38.27
CA ASP A 771 12.32 16.13 39.34
C ASP A 771 13.17 15.65 40.51
N GLY A 772 14.47 15.88 40.48
CA GLY A 772 15.35 15.39 41.52
C GLY A 772 15.84 13.98 41.32
N ALA A 773 15.52 13.35 40.20
CA ALA A 773 15.94 11.99 39.97
C ALA A 773 17.37 11.93 39.43
N VAL A 774 18.06 10.86 39.77
CA VAL A 774 19.42 10.63 39.28
C VAL A 774 19.32 10.00 37.90
N LYS A 775 19.86 10.68 36.89
CA LYS A 775 19.77 10.23 35.51
C LYS A 775 21.13 10.27 34.84
N ARG A 776 21.42 9.24 34.03
CA ARG A 776 22.49 9.34 33.07
C ARG A 776 22.05 10.18 31.89
N GLY A 777 23.03 10.73 31.15
CA GLY A 777 22.71 11.57 30.01
C GLY A 777 21.81 10.88 29.01
N SER A 778 22.03 9.59 28.80
CA SER A 778 21.19 8.84 27.86
C SER A 778 19.74 8.73 28.33
N GLU A 779 19.46 8.99 29.60
CA GLU A 779 18.11 8.90 30.13
C GLU A 779 17.35 10.21 30.09
N ILE A 780 18.00 11.31 29.69
CA ILE A 780 17.33 12.58 29.49
C ILE A 780 16.81 12.59 28.05
N ASP A 781 15.49 12.59 27.89
CA ASP A 781 14.90 12.47 26.56
C ASP A 781 15.06 13.75 25.74
N TYR A 782 15.39 13.57 24.46
CA TYR A 782 15.38 14.65 23.47
C TYR A 782 14.46 14.22 22.33
N ASN A 783 13.25 14.76 22.30
CA ASN A 783 12.30 14.49 21.21
C ASN A 783 12.14 13.00 20.92
N GLY A 784 12.12 12.18 21.98
CA GLY A 784 11.96 10.75 21.81
C GLY A 784 13.23 9.98 21.56
N ALA A 785 14.40 10.59 21.76
CA ALA A 785 15.70 9.96 21.61
C ALA A 785 16.48 10.11 22.91
N PRO A 786 17.41 9.19 23.20
CA PRO A 786 18.32 9.41 24.34
C PRO A 786 19.13 10.68 24.11
N GLY A 787 19.07 11.59 25.06
CA GLY A 787 19.71 12.89 24.86
C GLY A 787 21.21 12.79 24.76
N GLY A 788 21.84 12.27 25.80
CA GLY A 788 23.29 12.12 25.79
C GLY A 788 23.69 10.88 25.00
N TYR A 789 24.69 11.04 24.14
CA TYR A 789 25.08 9.94 23.26
C TYR A 789 26.57 9.69 23.16
N ALA A 790 27.43 10.61 23.60
CA ALA A 790 28.84 10.54 23.28
C ALA A 790 29.63 9.84 24.37
N ALA A 791 30.84 9.39 24.01
CA ALA A 791 31.80 8.85 24.97
C ALA A 791 32.75 9.92 25.48
N ASP A 792 33.10 10.89 24.65
CA ASP A 792 33.99 11.98 25.01
C ASP A 792 33.37 13.27 24.49
N PRO A 793 33.61 14.40 25.15
CA PRO A 793 33.03 15.67 24.68
C PRO A 793 33.55 16.10 23.33
N THR A 794 34.70 15.58 22.91
CA THR A 794 35.24 15.90 21.60
C THR A 794 34.49 15.19 20.48
N GLU A 795 33.52 14.35 20.81
CA GLU A 795 32.62 13.76 19.84
C GLU A 795 31.37 14.60 19.63
N VAL A 796 31.23 15.71 20.35
CA VAL A 796 30.04 16.54 20.34
C VAL A 796 30.41 17.96 19.92
N VAL A 797 29.68 18.49 18.95
CA VAL A 797 29.81 19.86 18.50
C VAL A 797 28.54 20.60 18.89
N ASN A 798 28.62 21.47 19.89
CA ASN A 798 27.49 22.27 20.35
C ASN A 798 27.39 23.57 19.56
N TYR A 799 26.15 24.05 19.42
CA TYR A 799 25.93 25.28 18.67
C TYR A 799 24.53 25.77 18.94
N VAL A 800 24.34 27.08 18.76
CA VAL A 800 23.02 27.70 18.79
C VAL A 800 22.74 28.52 17.54
N SER A 801 23.62 28.52 16.56
CA SER A 801 23.36 29.16 15.28
C SER A 801 24.28 28.52 14.25
N LYS A 802 23.79 28.46 13.01
N LYS A 802 23.78 28.45 13.02
CA LYS A 802 24.48 27.79 11.92
CA LYS A 802 24.48 27.81 11.91
C LYS A 802 23.88 28.33 10.63
C LYS A 802 23.96 28.46 10.64
N HIS A 803 24.57 28.11 9.51
CA HIS A 803 24.10 28.65 8.24
C HIS A 803 22.66 28.23 7.96
N ASP A 804 22.28 27.01 8.31
CA ASP A 804 20.93 26.53 8.06
C ASP A 804 19.98 26.89 9.21
N ASN A 805 18.73 27.12 8.87
CA ASN A 805 17.71 27.56 9.80
C ASN A 805 17.94 28.99 10.24
N GLN A 806 17.02 29.54 11.05
CA GLN A 806 17.07 30.96 11.38
C GLN A 806 18.30 31.27 12.23
N THR A 807 18.82 32.48 12.07
CA THR A 807 19.91 32.92 12.92
C THR A 807 19.41 33.02 14.36
N LEU A 808 20.38 32.97 15.29
CA LEU A 808 20.05 33.14 16.72
C LEU A 808 19.26 34.43 16.97
N TRP A 809 19.69 35.54 16.36
CA TRP A 809 18.99 36.80 16.61
C TRP A 809 17.55 36.74 16.13
N ASP A 810 17.35 36.16 14.94
CA ASP A 810 16.00 36.03 14.42
C ASP A 810 15.13 35.13 15.29
N MET A 811 15.72 34.06 15.85
N MET A 811 15.73 34.07 15.86
CA MET A 811 15.01 33.22 16.80
CA MET A 811 14.99 33.22 16.79
C MET A 811 14.59 33.99 18.04
C MET A 811 14.60 33.99 18.04
N ILE A 812 15.53 34.76 18.60
CA ILE A 812 15.21 35.57 19.77
C ILE A 812 14.12 36.58 19.42
N SER A 813 14.16 37.13 18.20
CA SER A 813 13.16 38.10 17.80
C SER A 813 11.79 37.44 17.64
N TYR A 814 11.73 36.19 17.18
CA TYR A 814 10.48 35.47 17.14
C TYR A 814 9.92 35.21 18.54
N LYS A 815 10.79 34.95 19.52
CA LYS A 815 10.40 34.31 20.78
C LYS A 815 10.35 35.24 21.98
N ALA A 816 11.12 36.32 21.97
CA ALA A 816 11.25 37.14 23.17
C ALA A 816 9.93 37.81 23.50
N ALA A 817 9.65 37.86 24.80
CA ALA A 817 8.47 38.59 25.29
C ALA A 817 8.51 40.03 24.77
N GLN A 818 7.34 40.60 24.58
CA GLN A 818 7.24 41.96 24.11
C GLN A 818 7.95 42.93 25.02
N GLU A 819 7.97 42.67 26.29
CA GLU A 819 8.60 43.59 27.22
C GLU A 819 10.10 43.41 27.34
N ALA A 820 10.69 42.38 26.74
CA ALA A 820 12.15 42.26 26.70
C ALA A 820 12.70 43.36 25.79
N ASP A 821 13.41 44.32 26.38
CA ASP A 821 13.89 45.45 25.61
C ASP A 821 15.12 45.07 24.78
N LEU A 822 15.60 46.02 23.99
CA LEU A 822 16.68 45.72 23.07
C LEU A 822 17.93 45.25 23.82
N ASP A 823 18.28 45.93 24.92
CA ASP A 823 19.47 45.54 25.67
C ASP A 823 19.34 44.13 26.22
N THR A 824 18.14 43.77 26.68
CA THR A 824 17.89 42.44 27.17
C THR A 824 18.07 41.40 26.06
N ARG A 825 17.62 41.73 24.84
CA ARG A 825 17.76 40.78 23.73
C ARG A 825 19.21 40.57 23.35
N VAL A 826 20.04 41.61 23.45
CA VAL A 826 21.48 41.43 23.23
C VAL A 826 22.05 40.48 24.27
N ARG A 827 21.63 40.64 25.54
N ARG A 827 21.62 40.63 25.54
CA ARG A 827 22.08 39.72 26.58
CA ARG A 827 22.08 39.72 26.58
C ARG A 827 21.54 38.31 26.37
C ARG A 827 21.53 38.31 26.38
N MET A 828 20.31 38.17 25.85
CA MET A 828 19.82 36.84 25.52
C MET A 828 20.69 36.17 24.47
N GLN A 829 21.12 36.92 23.45
CA GLN A 829 22.06 36.39 22.48
C GLN A 829 23.32 35.88 23.15
N ALA A 830 23.90 36.68 24.04
CA ALA A 830 25.13 36.29 24.70
C ALA A 830 24.94 35.13 25.67
N VAL A 831 23.86 35.15 26.45
CA VAL A 831 23.55 34.04 27.34
C VAL A 831 23.39 32.74 26.57
N SER A 832 22.71 32.81 25.41
CA SER A 832 22.56 31.64 24.56
C SER A 832 23.92 31.11 24.11
N LEU A 833 24.80 32.00 23.67
CA LEU A 833 26.11 31.59 23.21
C LEU A 833 27.00 31.11 24.35
N ALA A 834 26.78 31.63 25.57
CA ALA A 834 27.57 31.18 26.71
C ALA A 834 27.41 29.69 26.97
N THR A 835 26.21 29.13 26.76
CA THR A 835 26.01 27.70 26.97
C THR A 835 26.91 26.88 26.06
N VAL A 836 27.22 27.39 24.88
CA VAL A 836 28.12 26.71 23.96
C VAL A 836 29.57 26.99 24.33
N MET A 837 29.92 28.28 24.45
CA MET A 837 31.31 28.68 24.60
C MET A 837 31.91 28.21 25.92
N LEU A 838 31.10 28.13 26.98
CA LEU A 838 31.61 27.71 28.28
C LEU A 838 31.35 26.23 28.54
N GLY A 839 30.90 25.49 27.52
CA GLY A 839 30.66 24.06 27.68
C GLY A 839 31.85 23.22 27.24
N GLN A 840 31.78 21.93 27.61
CA GLN A 840 32.87 21.00 27.34
C GLN A 840 32.86 20.46 25.93
N GLY A 841 31.74 20.49 25.23
CA GLY A 841 31.75 20.09 23.85
C GLY A 841 32.52 21.08 22.99
N ILE A 842 32.92 20.63 21.81
CA ILE A 842 33.48 21.54 20.82
C ILE A 842 32.46 22.65 20.56
N ALA A 843 32.94 23.88 20.49
CA ALA A 843 32.09 25.05 20.29
C ALA A 843 32.05 25.43 18.82
N PHE A 844 30.85 25.67 18.29
CA PHE A 844 30.65 25.99 16.89
C PHE A 844 29.64 27.13 16.82
N ASP A 845 29.86 28.06 15.89
CA ASP A 845 28.96 29.19 15.76
C ASP A 845 29.01 29.71 14.34
N GLN A 846 27.90 30.33 13.94
CA GLN A 846 27.76 30.99 12.66
C GLN A 846 28.51 32.31 12.64
N GLN A 847 29.19 32.56 11.52
CA GLN A 847 29.78 33.87 11.26
C GLN A 847 28.74 34.95 11.51
N GLY A 848 29.10 35.94 12.33
CA GLY A 848 28.22 37.06 12.60
C GLY A 848 27.31 36.95 13.82
N SER A 849 27.32 35.82 14.54
CA SER A 849 26.56 35.81 15.79
C SER A 849 27.03 36.91 16.73
N GLU A 850 28.31 37.25 16.66
CA GLU A 850 28.87 38.32 17.47
C GLU A 850 28.43 39.70 17.03
N LEU A 851 27.77 39.78 15.88
CA LEU A 851 27.18 40.99 15.36
C LEU A 851 25.66 40.89 15.29
N LEU A 852 25.07 39.99 16.09
CA LEU A 852 23.61 39.88 16.15
C LEU A 852 23.00 39.58 14.79
N ARG A 853 23.71 38.81 13.97
CA ARG A 853 23.37 38.67 12.55
C ARG A 853 21.92 38.27 12.35
N SER A 854 21.26 38.96 11.42
CA SER A 854 19.91 38.64 11.02
C SER A 854 19.90 38.33 9.53
N LYS A 855 18.93 37.51 9.13
CA LYS A 855 18.62 37.29 7.72
C LYS A 855 17.22 37.78 7.40
N SER A 856 16.73 38.73 8.20
CA SER A 856 15.40 39.29 7.99
C SER A 856 14.34 38.20 8.12
N PHE A 857 14.61 37.25 9.02
CA PHE A 857 13.79 36.09 9.33
C PHE A 857 13.90 34.94 8.32
N THR A 858 14.74 35.03 7.29
CA THR A 858 14.87 33.92 6.35
C THR A 858 15.31 32.65 7.07
N ARG A 859 14.57 31.56 6.87
CA ARG A 859 14.97 30.29 7.50
C ARG A 859 16.07 29.60 6.71
N ASP A 860 15.95 29.56 5.39
CA ASP A 860 16.80 28.73 4.53
C ASP A 860 17.35 29.63 3.43
N SER A 861 18.51 30.24 3.68
CA SER A 861 18.98 31.38 2.90
C SER A 861 19.96 31.01 1.80
N TYR A 862 20.03 29.71 1.40
CA TYR A 862 21.07 29.20 0.49
C TYR A 862 21.14 29.94 -0.83
N ASP A 863 20.02 30.40 -1.28
CA ASP A 863 19.97 31.11 -2.55
CA ASP A 863 19.98 31.13 -2.51
C ASP A 863 19.31 32.62 -2.47
N SER A 864 19.37 33.11 -1.21
CA SER A 864 18.76 34.40 -0.91
C SER A 864 19.71 35.57 -1.09
N GLY A 865 20.88 35.33 -1.67
CA GLY A 865 21.70 36.38 -2.21
C GLY A 865 22.46 37.17 -1.18
N ASP A 866 23.21 38.15 -1.69
CA ASP A 866 23.89 39.11 -0.84
C ASP A 866 22.92 39.88 0.05
N TRP A 867 21.69 40.10 -0.42
CA TRP A 867 20.75 40.96 0.32
C TRP A 867 20.42 40.38 1.68
N PHE A 868 19.92 39.13 1.72
CA PHE A 868 19.47 38.55 2.97
C PHE A 868 20.59 37.96 3.80
N ASN A 869 21.75 37.69 3.19
CA ASN A 869 22.90 37.08 3.85
C ASN A 869 23.94 38.09 4.29
N ARG A 870 23.66 39.38 4.08
CA ARG A 870 24.62 40.45 4.38
C ARG A 870 25.12 40.41 5.82
N VAL A 871 26.44 40.57 5.98
CA VAL A 871 27.08 40.83 7.27
C VAL A 871 27.83 42.14 7.14
N ASP A 872 27.50 43.11 7.99
CA ASP A 872 28.02 44.47 7.88
C ASP A 872 29.20 44.66 8.83
N TYR A 873 30.42 44.52 8.32
CA TYR A 873 31.60 44.72 9.14
C TYR A 873 31.90 46.19 9.41
N SER A 874 31.09 47.11 8.87
CA SER A 874 31.18 48.51 9.29
C SER A 874 30.29 48.82 10.48
N LEU A 875 29.49 47.84 10.94
CA LEU A 875 28.81 47.89 12.24
C LEU A 875 27.63 48.83 12.25
N GLN A 876 27.02 49.11 11.10
CA GLN A 876 25.89 50.03 11.09
C GLN A 876 24.59 49.36 11.52
N ASP A 877 24.39 48.09 11.16
CA ASP A 877 23.19 47.36 11.56
C ASP A 877 23.47 45.87 11.36
N ASN A 878 22.53 45.03 11.81
CA ASN A 878 22.68 43.58 11.78
C ASN A 878 21.90 42.92 10.66
N ASN A 879 21.39 43.70 9.69
CA ASN A 879 20.63 43.19 8.56
C ASN A 879 19.22 42.75 8.93
N TYR A 880 18.73 43.18 10.09
CA TYR A 880 17.36 42.90 10.46
C TYR A 880 16.42 43.86 9.74
N ASN A 881 15.20 43.39 9.47
CA ASN A 881 14.16 44.24 8.90
C ASN A 881 14.59 44.86 7.55
N VAL A 882 15.02 44.02 6.63
CA VAL A 882 15.39 44.47 5.28
C VAL A 882 14.44 43.92 4.23
N GLY A 883 13.25 43.51 4.67
CA GLY A 883 12.22 42.97 3.79
C GLY A 883 11.74 41.61 4.22
N MET A 884 10.51 41.28 3.87
CA MET A 884 9.99 39.95 4.18
C MET A 884 10.85 38.89 3.50
N PRO A 885 11.09 37.76 4.16
CA PRO A 885 11.90 36.70 3.54
C PRO A 885 11.14 35.98 2.45
N ARG A 886 11.86 35.13 1.72
CA ARG A 886 11.32 34.47 0.53
C ARG A 886 9.99 33.79 0.82
N SER A 887 9.00 34.08 -0.04
N SER A 887 9.00 34.07 -0.04
CA SER A 887 7.64 33.61 0.21
CA SER A 887 7.65 33.61 0.21
C SER A 887 7.52 32.09 0.09
C SER A 887 7.48 32.11 0.05
N SER A 888 8.32 31.48 -0.79
CA SER A 888 8.15 30.06 -1.06
C SER A 888 8.33 29.23 0.20
N ASP A 889 9.27 29.60 1.06
CA ASP A 889 9.57 28.85 2.26
C ASP A 889 9.13 29.52 3.54
N ASP A 890 8.98 30.84 3.55
CA ASP A 890 8.62 31.56 4.77
C ASP A 890 7.28 32.29 4.67
N GLY A 891 6.55 32.15 3.56
CA GLY A 891 5.25 32.78 3.45
C GLY A 891 4.28 32.39 4.55
N SER A 892 4.37 31.14 5.02
N SER A 892 4.38 31.18 5.04
CA SER A 892 3.54 30.69 6.13
CA SER A 892 3.50 30.75 6.13
C SER A 892 3.86 31.43 7.44
C SER A 892 3.84 31.44 7.45
N ASN A 893 4.97 32.14 7.49
CA ASN A 893 5.43 32.83 8.68
C ASN A 893 5.25 34.33 8.60
N TYR A 894 4.70 34.85 7.50
CA TYR A 894 4.52 36.28 7.36
C TYR A 894 3.64 36.87 8.46
N ASP A 895 2.59 36.16 8.84
CA ASP A 895 1.69 36.68 9.86
C ASP A 895 2.41 36.86 11.20
N ILE A 896 3.18 35.84 11.62
CA ILE A 896 3.87 35.96 12.89
C ILE A 896 5.01 36.96 12.79
N ILE A 897 5.71 37.01 11.64
CA ILE A 897 6.76 38.00 11.45
C ILE A 897 6.20 39.40 11.63
N ALA A 898 5.09 39.71 10.95
CA ALA A 898 4.52 41.04 11.06
C ALA A 898 4.19 41.40 12.49
N ARG A 899 3.77 40.42 13.29
N ARG A 899 3.80 40.40 13.30
CA ARG A 899 3.39 40.74 14.67
CA ARG A 899 3.37 40.67 14.67
C ARG A 899 4.61 41.04 15.52
C ARG A 899 4.53 40.86 15.64
N VAL A 900 5.70 40.28 15.35
CA VAL A 900 6.86 40.38 16.24
C VAL A 900 7.91 41.38 15.75
N LYS A 901 7.92 41.71 14.46
CA LYS A 901 9.14 42.26 13.88
C LYS A 901 9.55 43.57 14.55
N ASP A 902 8.58 44.43 14.82
CA ASP A 902 8.89 45.80 15.22
C ASP A 902 8.79 46.00 16.74
N ALA A 903 8.94 44.94 17.53
CA ALA A 903 8.78 45.05 18.97
C ALA A 903 9.78 46.03 19.57
N VAL A 904 11.04 45.96 19.13
CA VAL A 904 12.09 46.86 19.57
C VAL A 904 12.82 47.40 18.35
N ALA A 905 13.75 48.32 18.61
CA ALA A 905 14.54 48.90 17.53
C ALA A 905 15.51 47.88 16.96
N THR A 906 15.94 48.15 15.74
CA THR A 906 16.95 47.33 15.08
C THR A 906 18.33 47.67 15.63
N PRO A 907 19.16 46.67 15.94
CA PRO A 907 20.52 46.94 16.44
C PRO A 907 21.30 47.88 15.55
N GLY A 908 22.03 48.80 16.17
CA GLY A 908 22.98 49.65 15.50
C GLY A 908 24.36 49.49 16.09
N GLU A 909 25.23 50.45 15.84
CA GLU A 909 26.65 50.31 16.18
C GLU A 909 26.84 50.04 17.67
N THR A 910 26.03 50.69 18.52
CA THR A 910 26.18 50.51 19.96
C THR A 910 25.97 49.06 20.36
N GLU A 911 24.87 48.47 19.87
CA GLU A 911 24.55 47.09 20.22
C GLU A 911 25.53 46.11 19.58
N LEU A 912 26.00 46.41 18.37
N LEU A 912 26.00 46.42 18.37
CA LEU A 912 26.94 45.51 17.71
CA LEU A 912 26.95 45.52 17.71
C LEU A 912 28.28 45.49 18.45
C LEU A 912 28.28 45.49 18.45
N LYS A 913 28.76 46.65 18.88
CA LYS A 913 30.00 46.68 19.66
C LYS A 913 29.80 46.00 21.02
N GLN A 914 28.65 46.22 21.64
CA GLN A 914 28.36 45.55 22.92
C GLN A 914 28.39 44.04 22.74
N MET A 915 27.75 43.54 21.68
CA MET A 915 27.71 42.10 21.45
C MET A 915 29.08 41.54 21.12
N THR A 916 29.87 42.26 20.31
CA THR A 916 31.19 41.74 19.98
C THR A 916 32.05 41.63 21.24
N ALA A 917 31.92 42.60 22.15
CA ALA A 917 32.64 42.53 23.41
C ALA A 917 32.19 41.34 24.24
N PHE A 918 30.87 41.13 24.35
CA PHE A 918 30.35 39.96 25.05
C PHE A 918 30.92 38.67 24.44
N TYR A 919 30.94 38.60 23.11
CA TYR A 919 31.35 37.39 22.42
C TYR A 919 32.83 37.09 22.69
N GLN A 920 33.66 38.12 22.57
CA GLN A 920 35.09 37.95 22.79
C GLN A 920 35.40 37.65 24.26
N GLU A 921 34.56 38.15 25.16
N GLU A 921 34.56 38.14 25.17
CA GLU A 921 34.66 37.77 26.57
CA GLU A 921 34.71 37.74 26.56
C GLU A 921 34.44 36.27 26.74
C GLU A 921 34.46 36.25 26.72
N LEU A 922 33.38 35.74 26.11
CA LEU A 922 33.09 34.31 26.20
C LEU A 922 34.19 33.45 25.62
N THR A 923 34.69 33.79 24.43
CA THR A 923 35.74 32.95 23.85
C THR A 923 37.05 33.06 24.64
N ALA A 924 37.31 34.24 25.22
CA ALA A 924 38.51 34.38 26.05
C ALA A 924 38.40 33.57 27.32
N LEU A 925 37.18 33.53 27.89
CA LEU A 925 36.98 32.70 29.08
C LEU A 925 37.20 31.22 28.74
N ARG A 926 36.67 30.77 27.59
CA ARG A 926 36.80 29.38 27.20
C ARG A 926 38.27 28.94 27.17
N LYS A 927 39.16 29.79 26.70
N LYS A 927 39.16 29.80 26.70
CA LYS A 927 40.57 29.42 26.65
CA LYS A 927 40.58 29.45 26.63
C LYS A 927 41.37 29.88 27.87
C LYS A 927 41.35 29.80 27.90
N SER A 928 40.70 30.40 28.89
CA SER A 928 41.40 30.91 30.07
C SER A 928 41.81 29.83 31.06
N SER A 929 41.29 28.61 30.95
CA SER A 929 41.65 27.53 31.85
C SER A 929 41.55 26.22 31.09
N PRO A 930 42.47 25.27 31.31
CA PRO A 930 42.26 23.92 30.76
C PRO A 930 41.01 23.25 31.27
N LEU A 931 40.41 23.75 32.37
CA LEU A 931 39.26 23.08 32.96
C LEU A 931 38.01 23.15 32.07
N PHE A 932 37.92 24.13 31.17
CA PHE A 932 36.75 24.25 30.31
C PHE A 932 36.72 23.20 29.21
N THR A 933 37.86 22.57 28.94
CA THR A 933 38.08 21.80 27.72
C THR A 933 38.82 20.51 28.06
N LEU A 934 38.24 19.73 28.97
CA LEU A 934 38.92 18.55 29.51
C LEU A 934 39.14 17.45 28.47
N GLY A 935 38.31 17.39 27.43
CA GLY A 935 38.54 16.45 26.34
C GLY A 935 38.10 15.01 26.55
N ASP A 936 38.45 14.42 27.69
N ASP A 936 38.51 14.40 27.67
CA ASP A 936 38.20 13.02 27.99
CA ASP A 936 38.21 13.00 27.97
C ASP A 936 36.92 12.87 28.80
C ASP A 936 36.89 12.90 28.77
N GLY A 937 36.02 12.00 28.34
CA GLY A 937 34.73 11.86 29.00
C GLY A 937 34.83 11.42 30.45
N ALA A 938 35.71 10.47 30.75
CA ALA A 938 35.90 10.04 32.13
C ALA A 938 36.36 11.19 33.01
N THR A 939 37.19 12.07 32.46
CA THR A 939 37.66 13.22 33.21
C THR A 939 36.53 14.23 33.45
N VAL A 940 35.69 14.47 32.44
CA VAL A 940 34.49 15.29 32.65
C VAL A 940 33.66 14.72 33.79
N MET A 941 33.40 13.42 33.76
CA MET A 941 32.61 12.79 34.81
C MET A 941 33.19 12.93 36.22
N LYS A 942 34.49 12.96 36.32
N LYS A 942 34.50 12.95 36.31
CA LYS A 942 35.17 13.09 37.59
CA LYS A 942 35.19 13.08 37.58
C LYS A 942 35.25 14.51 38.08
C LYS A 942 35.29 14.51 38.07
N ARG A 943 35.03 15.48 37.22
CA ARG A 943 35.19 16.86 37.61
C ARG A 943 34.02 17.83 37.44
N VAL A 944 33.06 17.52 36.57
CA VAL A 944 32.01 18.47 36.24
C VAL A 944 30.74 18.10 36.99
N ASP A 945 30.13 19.09 37.64
CA ASP A 945 28.87 18.88 38.35
C ASP A 945 28.00 20.10 38.14
N PHE A 946 26.79 20.06 38.68
CA PHE A 946 25.83 21.15 38.60
C PHE A 946 25.20 21.40 39.96
N ARG A 947 24.91 22.67 40.22
CA ARG A 947 24.11 23.10 41.37
C ARG A 947 22.79 23.62 40.83
N ASN A 948 21.90 24.03 41.73
CA ASN A 948 20.59 24.53 41.36
C ASN A 948 19.84 23.54 40.45
N THR A 949 19.73 22.30 40.90
CA THR A 949 19.04 21.24 40.19
C THR A 949 17.85 20.75 41.00
N GLY A 950 16.99 19.97 40.35
CA GLY A 950 15.88 19.34 41.04
C GLY A 950 14.64 20.21 41.10
N ALA A 951 13.68 19.75 41.90
CA ALA A 951 12.36 20.38 41.93
C ALA A 951 12.33 21.73 42.62
N ASP A 952 13.35 22.07 43.40
N ASP A 952 13.36 22.08 43.39
CA ASP A 952 13.41 23.36 44.08
CA ASP A 952 13.42 23.35 44.10
C ASP A 952 14.41 24.30 43.45
C ASP A 952 14.34 24.36 43.41
N GLN A 953 14.75 24.09 42.17
CA GLN A 953 15.68 24.96 41.48
C GLN A 953 15.03 26.31 41.17
N GLN A 954 15.90 27.30 40.94
CA GLN A 954 15.47 28.58 40.39
C GLN A 954 15.54 28.46 38.88
N THR A 955 14.39 28.51 38.21
CA THR A 955 14.33 28.20 36.79
C THR A 955 15.20 29.19 36.01
N GLY A 956 15.94 28.64 35.03
CA GLY A 956 16.76 29.45 34.14
C GLY A 956 18.16 29.73 34.63
N LEU A 957 18.47 29.40 35.89
CA LEU A 957 19.81 29.60 36.42
C LEU A 957 20.60 28.30 36.24
N LEU A 958 21.65 28.37 35.42
CA LEU A 958 22.53 27.23 35.17
C LEU A 958 23.81 27.44 35.96
N VAL A 959 24.13 26.51 36.85
CA VAL A 959 25.32 26.63 37.68
C VAL A 959 26.13 25.36 37.49
N MET A 960 27.28 25.48 36.85
CA MET A 960 28.16 24.36 36.58
C MET A 960 29.43 24.54 37.40
N THR A 961 29.89 23.47 38.01
CA THR A 961 31.17 23.50 38.71
C THR A 961 32.15 22.56 38.01
N ILE A 962 33.42 22.96 38.01
CA ILE A 962 34.49 22.14 37.45
C ILE A 962 35.57 22.01 38.54
N ASP A 963 35.84 20.79 38.95
CA ASP A 963 36.73 20.54 40.07
C ASP A 963 38.19 20.49 39.62
N ASP A 964 39.06 21.19 40.35
CA ASP A 964 40.49 20.98 40.25
C ASP A 964 41.10 20.57 41.58
N GLY A 965 40.28 20.16 42.55
CA GLY A 965 40.76 19.83 43.87
C GLY A 965 41.27 18.40 43.99
N MET A 966 41.67 18.05 45.21
CA MET A 966 42.39 16.79 45.45
C MET A 966 41.56 15.58 45.06
N GLN A 967 40.23 15.65 45.17
CA GLN A 967 39.42 14.49 44.84
C GLN A 967 39.28 14.26 43.34
N ALA A 968 39.64 15.25 42.52
CA ALA A 968 39.59 15.08 41.08
C ALA A 968 40.80 14.36 40.52
N GLY A 969 41.91 14.36 41.26
CA GLY A 969 43.19 13.93 40.75
C GLY A 969 44.19 15.06 40.79
N ALA A 970 44.97 15.19 39.73
CA ALA A 970 45.98 16.23 39.67
C ALA A 970 45.33 17.58 39.43
N SER A 971 46.01 18.63 39.88
CA SER A 971 45.64 19.98 39.49
C SER A 971 46.00 20.17 38.03
N LEU A 972 45.00 20.46 37.20
CA LEU A 972 45.24 20.75 35.79
C LEU A 972 45.42 22.25 35.53
N ASP A 973 45.08 23.09 36.50
CA ASP A 973 45.24 24.53 36.41
C ASP A 973 45.91 24.99 37.69
N SER A 974 47.13 25.53 37.56
CA SER A 974 47.90 25.92 38.74
C SER A 974 47.34 27.16 39.43
N ARG A 975 46.46 27.91 38.77
N ARG A 975 46.44 27.89 38.78
CA ARG A 975 45.91 29.13 39.36
CA ARG A 975 45.93 29.13 39.34
C ARG A 975 44.68 28.88 40.22
C ARG A 975 44.62 28.96 40.10
N VAL A 976 43.93 27.83 39.93
CA VAL A 976 42.63 27.62 40.57
C VAL A 976 42.48 26.18 41.07
N ASP A 977 41.68 26.03 42.13
CA ASP A 977 41.22 24.73 42.59
C ASP A 977 39.84 24.36 42.06
N GLY A 978 39.21 25.26 41.32
CA GLY A 978 37.92 24.96 40.73
C GLY A 978 37.34 26.19 40.07
N ILE A 979 36.35 25.98 39.22
CA ILE A 979 35.66 27.07 38.53
C ILE A 979 34.17 26.87 38.67
N VAL A 980 33.44 27.96 38.82
CA VAL A 980 31.99 27.99 38.78
C VAL A 980 31.56 28.80 37.57
N VAL A 981 30.71 28.22 36.73
CA VAL A 981 30.07 28.93 35.63
C VAL A 981 28.63 29.13 36.01
N ALA A 982 28.20 30.37 36.10
CA ALA A 982 26.82 30.70 36.44
C ALA A 982 26.21 31.50 35.29
N ILE A 983 25.17 30.95 34.68
CA ILE A 983 24.45 31.62 33.60
C ILE A 983 23.05 31.86 34.13
N ASN A 984 22.69 33.11 34.34
CA ASN A 984 21.38 33.43 34.90
C ASN A 984 20.48 33.88 33.75
N ALA A 985 19.87 32.91 33.08
CA ALA A 985 18.97 33.17 31.95
C ALA A 985 17.57 33.47 32.48
N ALA A 986 17.42 34.64 33.08
CA ALA A 986 16.17 34.96 33.77
C ALA A 986 16.10 36.45 34.00
N PRO A 987 14.90 37.00 34.17
CA PRO A 987 14.73 38.44 34.39
C PRO A 987 14.91 38.89 35.84
N GLU A 988 15.17 37.98 36.76
CA GLU A 988 15.38 38.28 38.17
C GLU A 988 16.85 38.22 38.49
N SER A 989 17.23 38.93 39.54
CA SER A 989 18.51 38.70 40.18
C SER A 989 18.44 37.39 40.95
N ARG A 990 19.53 36.63 40.94
CA ARG A 990 19.62 35.37 41.67
C ARG A 990 20.82 35.38 42.59
N THR A 991 20.65 34.81 43.76
CA THR A 991 21.71 34.68 44.72
C THR A 991 22.09 33.23 44.89
N LEU A 992 23.37 32.94 44.78
CA LEU A 992 23.88 31.61 45.01
C LEU A 992 24.35 31.55 46.46
N GLN A 993 23.84 30.62 47.21
CA GLN A 993 24.23 30.44 48.60
C GLN A 993 25.09 29.22 48.84
N ASP A 994 25.25 28.36 47.86
CA ASP A 994 25.98 27.14 48.16
C ASP A 994 27.49 27.13 48.15
N PHE A 995 28.10 28.29 48.02
CA PHE A 995 29.54 28.39 48.05
C PHE A 995 29.93 29.27 49.22
N ALA A 996 29.01 29.45 50.15
CA ALA A 996 29.28 30.24 51.33
C ALA A 996 30.48 29.66 52.07
N GLY A 997 31.33 30.52 52.60
N GLY A 997 31.28 30.53 52.68
CA GLY A 997 32.50 30.09 53.32
CA GLY A 997 32.47 30.10 53.37
C GLY A 997 33.69 29.69 52.47
C GLY A 997 33.66 29.85 52.48
N THR A 998 33.65 29.92 51.16
N THR A 998 33.44 29.56 51.21
CA THR A 998 34.73 29.51 50.28
CA THR A 998 34.51 29.44 50.23
C THR A 998 35.44 30.64 49.57
C THR A 998 34.87 30.81 49.68
N SER A 999 34.84 31.83 49.51
N SER A 999 36.08 30.93 49.16
CA SER A 999 35.44 33.02 48.90
CA SER A 999 36.59 32.19 48.62
C SER A 999 35.84 32.80 47.44
C SER A 999 36.50 32.13 47.10
N LEU A 1000 34.85 32.79 46.55
N LEU A 1000 35.37 32.59 46.57
CA LEU A 1000 35.11 32.77 45.12
CA LEU A 1000 35.19 32.72 45.13
C LEU A 1000 35.55 34.15 44.65
C LEU A 1000 35.60 34.12 44.68
N GLN A 1001 36.23 34.18 43.51
CA GLN A 1001 36.65 35.44 42.90
C GLN A 1001 36.19 35.46 41.46
N LEU A 1002 35.69 36.63 41.02
CA LEU A 1002 35.32 36.79 39.62
C LEU A 1002 36.55 36.68 38.72
N SER A 1003 36.39 36.04 37.56
N SER A 1003 36.40 36.03 37.56
CA SER A 1003 37.49 35.89 36.61
CA SER A 1003 37.52 35.86 36.66
C SER A 1003 38.09 37.25 36.28
C SER A 1003 38.11 37.22 36.26
N ALA A 1004 39.43 37.28 36.21
CA ALA A 1004 40.12 38.51 35.87
C ALA A 1004 39.71 39.05 34.51
N ILE A 1005 39.37 38.17 33.57
CA ILE A 1005 38.92 38.60 32.25
C ILE A 1005 37.63 39.39 32.38
N GLN A 1006 36.67 38.90 33.18
CA GLN A 1006 35.43 39.63 33.34
C GLN A 1006 35.64 40.92 34.12
N GLN A 1007 36.49 40.89 35.15
N GLN A 1007 36.50 40.89 35.14
CA GLN A 1007 36.82 42.13 35.87
CA GLN A 1007 36.81 42.12 35.87
C GLN A 1007 37.33 43.20 34.92
C GLN A 1007 37.36 43.20 34.95
N ALA A 1008 38.24 42.82 34.03
CA ALA A 1008 38.88 43.78 33.13
C ALA A 1008 37.88 44.44 32.19
N ALA A 1009 36.76 43.77 31.90
CA ALA A 1009 35.75 44.36 31.04
C ALA A 1009 34.84 45.35 31.78
N GLY A 1010 34.90 45.39 33.11
CA GLY A 1010 34.15 46.40 33.83
C GLY A 1010 32.67 46.33 33.53
N ASP A 1011 32.07 47.50 33.32
CA ASP A 1011 30.62 47.53 33.10
C ASP A 1011 30.22 47.06 31.71
N ARG A 1012 31.17 46.65 30.88
CA ARG A 1012 30.86 46.02 29.61
C ARG A 1012 30.88 44.51 29.68
N SER A 1013 31.13 43.94 30.85
CA SER A 1013 31.17 42.50 31.02
C SER A 1013 29.76 41.93 31.11
N LEU A 1014 29.65 40.67 30.68
CA LEU A 1014 28.43 39.92 30.97
C LEU A 1014 28.22 39.75 32.46
N ALA A 1015 29.27 39.91 33.27
CA ALA A 1015 29.16 39.83 34.72
C ALA A 1015 29.05 41.21 35.38
N SER A 1016 28.78 42.25 34.61
CA SER A 1016 28.59 43.57 35.20
C SER A 1016 27.51 43.52 36.25
N GLY A 1017 27.82 43.98 37.47
CA GLY A 1017 26.87 44.00 38.55
C GLY A 1017 26.85 42.75 39.41
N VAL A 1018 27.63 41.72 39.05
CA VAL A 1018 27.76 40.55 39.92
C VAL A 1018 28.40 40.99 41.24
N GLN A 1019 27.88 40.46 42.35
CA GLN A 1019 28.38 40.79 43.69
C GLN A 1019 28.83 39.51 44.37
N VAL A 1020 30.04 39.52 44.91
CA VAL A 1020 30.54 38.45 45.77
C VAL A 1020 30.61 39.02 47.18
N ALA A 1021 29.68 38.61 48.04
CA ALA A 1021 29.55 39.22 49.36
C ALA A 1021 30.54 38.61 50.36
N ALA A 1022 30.62 39.26 51.52
CA ALA A 1022 31.56 38.82 52.55
C ALA A 1022 31.25 37.42 53.05
N ASP A 1023 29.98 37.02 53.08
CA ASP A 1023 29.64 35.67 53.50
C ASP A 1023 29.83 34.62 52.42
N GLY A 1024 30.35 35.00 51.25
CA GLY A 1024 30.57 34.06 50.18
C GLY A 1024 29.39 33.87 49.24
N SER A 1025 28.26 34.52 49.51
CA SER A 1025 27.14 34.43 48.58
C SER A 1025 27.43 35.27 47.34
N VAL A 1026 26.92 34.83 46.21
CA VAL A 1026 27.17 35.47 44.93
C VAL A 1026 25.82 35.90 44.35
N THR A 1027 25.67 37.18 44.03
CA THR A 1027 24.44 37.65 43.41
C THR A 1027 24.69 37.98 41.94
N LEU A 1028 23.81 37.47 41.08
CA LEU A 1028 23.89 37.67 39.66
C LEU A 1028 22.71 38.51 39.19
N PRO A 1029 22.94 39.58 38.43
CA PRO A 1029 21.82 40.32 37.85
C PRO A 1029 21.11 39.48 36.79
N ALA A 1030 19.98 40.02 36.33
CA ALA A 1030 19.25 39.39 35.23
C ALA A 1030 20.14 39.23 34.00
N TRP A 1031 19.94 38.12 33.28
CA TRP A 1031 20.58 37.88 31.98
C TRP A 1031 22.09 38.13 32.04
N SER A 1032 22.73 37.46 32.99
N SER A 1032 22.74 37.45 32.98
CA SER A 1032 24.16 37.65 33.23
CA SER A 1032 24.17 37.65 33.22
C SER A 1032 24.88 36.31 33.16
C SER A 1032 24.89 36.31 33.19
N VAL A 1033 26.20 36.38 33.02
CA VAL A 1033 27.07 35.21 32.98
C VAL A 1033 28.28 35.53 33.81
N ALA A 1034 28.57 34.70 34.80
CA ALA A 1034 29.71 34.91 35.68
C ALA A 1034 30.57 33.65 35.69
N VAL A 1035 31.87 33.83 35.52
CA VAL A 1035 32.84 32.77 35.73
C VAL A 1035 33.62 33.13 36.98
N LEU A 1036 33.50 32.29 37.99
CA LEU A 1036 34.10 32.51 39.30
C LEU A 1036 35.12 31.42 39.54
N GLU A 1037 36.18 31.75 40.27
N GLU A 1037 36.17 31.75 40.28
CA GLU A 1037 37.28 30.83 40.47
CA GLU A 1037 37.30 30.84 40.46
C GLU A 1037 37.59 30.68 41.95
C GLU A 1037 37.66 30.71 41.93
N LEU A 1038 38.08 29.49 42.31
CA LEU A 1038 38.65 29.25 43.63
C LEU A 1038 40.17 29.38 43.48
N PRO A 1039 40.78 30.44 43.98
CA PRO A 1039 42.23 30.62 43.75
C PRO A 1039 43.02 29.54 44.45
N GLN A 1040 44.07 29.07 43.78
CA GLN A 1040 44.88 28.00 44.31
C GLN A 1040 46.00 28.58 45.17
N GLY A 1041 46.14 28.07 46.39
CA GLY A 1041 47.13 28.55 47.32
C GLY A 1041 48.49 27.88 47.17
N GLU A 1042 49.16 27.64 48.30
N GLU A 1042 49.16 27.64 48.29
CA GLU A 1042 50.48 27.03 48.27
CA GLU A 1042 50.51 27.06 48.21
C GLU A 1042 50.45 25.62 47.68
C GLU A 1042 50.48 25.62 47.71
N SER A 1043 49.42 24.85 48.03
N SER A 1043 49.40 24.88 48.00
CA SER A 1043 49.25 23.52 47.49
CA SER A 1043 49.23 23.53 47.49
C SER A 1043 47.82 23.38 46.96
C SER A 1043 47.81 23.37 46.99
N GLN A 1044 47.58 22.29 46.23
CA GLN A 1044 46.27 22.01 45.69
C GLN A 1044 45.25 21.90 46.81
N GLY A 1045 44.08 22.53 46.62
CA GLY A 1045 43.08 22.64 47.65
C GLY A 1045 41.94 21.65 47.50
N ALA A 1046 40.88 21.90 48.27
CA ALA A 1046 39.74 20.98 48.34
C ALA A 1046 38.90 21.04 47.07
N GLY A 1047 38.79 22.21 46.44
CA GLY A 1047 38.08 22.34 45.18
C GLY A 1047 36.57 22.25 45.32
N LEU A 1048 35.95 21.68 44.29
CA LEU A 1048 34.50 21.55 44.16
C LEU A 1048 34.20 20.11 43.78
N PRO A 1049 34.35 19.18 44.72
CA PRO A 1049 34.20 17.76 44.35
C PRO A 1049 32.81 17.45 43.82
N VAL A 1050 32.77 16.59 42.80
CA VAL A 1050 31.50 16.08 42.28
C VAL A 1050 30.80 15.30 43.38
N SER A 1051 29.50 15.56 43.54
N SER A 1051 29.50 15.55 43.54
CA SER A 1051 28.73 14.87 44.54
CA SER A 1051 28.73 14.87 44.56
C SER A 1051 28.47 13.42 44.12
C SER A 1051 28.38 13.45 44.15
N SER A 1052 28.35 12.53 45.10
CA SER A 1052 28.06 11.14 44.79
C SER A 1052 26.56 11.05 44.59
N LYS A 1053 26.14 10.31 43.60
CA LYS A 1053 24.73 10.22 43.22
C LYS A 1053 24.30 8.78 43.02
N MET B 1 14.11 -17.25 37.34
CA MET B 1 13.20 -16.17 37.73
C MET B 1 12.60 -15.48 36.52
N ASP B 2 11.29 -15.60 36.35
CA ASP B 2 10.61 -15.05 35.19
C ASP B 2 10.60 -13.53 35.23
N VAL B 3 10.82 -12.91 34.07
CA VAL B 3 10.75 -11.46 33.95
C VAL B 3 9.30 -11.04 33.75
N VAL B 4 8.93 -9.91 34.35
CA VAL B 4 7.59 -9.35 34.18
C VAL B 4 7.56 -8.52 32.90
N VAL B 5 6.55 -8.75 32.06
CA VAL B 5 6.40 -7.95 30.85
C VAL B 5 5.68 -6.65 31.18
N ARG B 6 6.17 -5.55 30.62
CA ARG B 6 5.66 -4.23 31.01
C ARG B 6 5.71 -3.29 29.82
N LEU B 7 4.95 -2.20 29.93
CA LEU B 7 4.96 -1.15 28.93
C LEU B 7 6.33 -0.47 28.88
N PRO B 8 6.64 0.22 27.77
CA PRO B 8 7.95 0.86 27.65
C PRO B 8 8.23 1.83 28.78
N ASP B 9 9.52 2.11 29.00
N ASP B 9 9.52 2.10 29.00
CA ASP B 9 9.98 2.94 30.12
CA ASP B 9 9.98 2.94 30.11
C ASP B 9 9.85 4.41 29.75
C ASP B 9 9.85 4.41 29.72
N VAL B 10 8.60 4.85 29.65
CA VAL B 10 8.26 6.24 29.38
C VAL B 10 6.93 6.52 30.07
N ALA B 11 6.76 7.74 30.55
CA ALA B 11 5.55 8.08 31.26
C ALA B 11 4.34 7.98 30.32
N VAL B 12 3.22 7.57 30.88
CA VAL B 12 1.97 7.65 30.11
C VAL B 12 1.70 9.10 29.77
N PRO B 13 1.43 9.45 28.51
CA PRO B 13 1.43 10.85 28.10
C PRO B 13 0.20 11.60 28.57
N GLY B 14 0.41 12.88 28.88
CA GLY B 14 -0.67 13.83 28.95
C GLY B 14 -1.04 14.33 27.57
N GLU B 15 -1.93 15.31 27.54
CA GLU B 15 -2.30 15.95 26.30
C GLU B 15 -1.26 16.98 25.91
N ALA B 16 -0.93 17.03 24.60
CA ALA B 16 0.00 18.04 24.13
C ALA B 16 -0.68 19.40 24.08
N VAL B 17 -1.93 19.45 23.62
N VAL B 17 -1.92 19.45 23.60
CA VAL B 17 -2.70 20.69 23.61
CA VAL B 17 -2.73 20.67 23.51
C VAL B 17 -4.17 20.32 23.76
C VAL B 17 -4.17 20.28 23.78
N GLN B 18 -4.90 21.14 24.49
CA GLN B 18 -6.33 20.97 24.67
C GLN B 18 -7.03 21.96 23.74
N ALA B 19 -8.05 21.47 23.02
CA ALA B 19 -8.75 22.30 22.05
C ALA B 19 -9.38 23.52 22.72
N SER B 20 -9.15 24.69 22.14
CA SER B 20 -9.79 25.92 22.56
C SER B 20 -11.05 26.15 21.73
N ALA B 21 -11.63 27.34 21.84
CA ALA B 21 -12.91 27.62 21.20
C ALA B 21 -12.83 27.45 19.69
N ARG B 22 -13.82 26.76 19.13
CA ARG B 22 -13.93 26.52 17.69
C ARG B 22 -12.68 25.84 17.13
N GLN B 23 -12.10 24.94 17.92
CA GLN B 23 -10.95 24.15 17.50
C GLN B 23 -11.22 22.69 17.82
N ALA B 24 -10.67 21.80 17.00
CA ALA B 24 -10.47 20.42 17.35
C ALA B 24 -8.98 20.13 17.40
N VAL B 25 -8.60 19.13 18.18
CA VAL B 25 -7.21 18.68 18.27
C VAL B 25 -7.15 17.19 18.00
N ILE B 26 -6.22 16.77 17.13
CA ILE B 26 -5.96 15.36 16.86
C ILE B 26 -4.49 15.08 17.16
N HIS B 27 -4.24 14.18 18.11
CA HIS B 27 -2.90 13.67 18.40
C HIS B 27 -2.72 12.34 17.67
N LEU B 28 -1.52 12.12 17.13
CA LEU B 28 -1.11 10.82 16.62
C LEU B 28 -0.08 10.25 17.57
N VAL B 29 -0.35 9.08 18.15
CA VAL B 29 0.59 8.41 19.03
C VAL B 29 1.45 7.49 18.18
N ASP B 30 2.75 7.75 18.13
CA ASP B 30 3.65 7.15 17.14
C ASP B 30 4.52 6.09 17.80
N ILE B 31 4.13 4.81 17.61
CA ILE B 31 4.85 3.71 18.24
C ILE B 31 6.32 3.69 17.81
N ALA B 32 6.56 3.85 16.50
CA ALA B 32 7.93 3.74 16.00
C ALA B 32 8.83 4.80 16.60
N GLY B 33 8.36 6.03 16.68
CA GLY B 33 9.19 7.10 17.23
C GLY B 33 9.43 6.93 18.72
N ILE B 34 8.39 6.52 19.45
CA ILE B 34 8.55 6.24 20.88
C ILE B 34 9.60 5.17 21.09
N THR B 35 9.69 4.20 20.20
CA THR B 35 10.59 3.06 20.35
C THR B 35 11.99 3.37 19.85
N SER B 36 12.13 4.26 18.87
CA SER B 36 13.40 4.47 18.19
C SER B 36 14.36 5.34 19.02
N SER B 37 15.65 5.18 18.73
N SER B 37 15.65 5.18 18.75
CA SER B 37 16.72 5.90 19.40
CA SER B 37 16.68 5.93 19.44
C SER B 37 17.06 7.23 18.74
C SER B 37 17.05 7.24 18.75
N THR B 38 16.31 7.65 17.72
CA THR B 38 16.54 8.92 17.07
C THR B 38 15.29 9.78 17.18
N PRO B 39 15.41 11.09 17.01
CA PRO B 39 14.21 11.95 17.13
C PRO B 39 13.39 11.82 15.85
N ALA B 40 12.16 11.34 15.99
CA ALA B 40 11.32 11.11 14.82
C ALA B 40 11.02 12.41 14.10
N ASP B 41 10.93 12.34 12.77
CA ASP B 41 10.65 13.47 11.90
C ASP B 41 9.24 13.29 11.36
N TYR B 42 8.38 14.30 11.55
CA TYR B 42 6.96 14.21 11.21
C TYR B 42 6.56 15.14 10.06
N ALA B 43 7.53 15.62 9.28
CA ALA B 43 7.24 16.59 8.22
C ALA B 43 6.35 16.01 7.13
N THR B 44 6.41 14.70 6.89
CA THR B 44 5.56 14.09 5.87
C THR B 44 4.19 13.67 6.39
N LYS B 45 3.93 13.83 7.68
CA LYS B 45 2.61 13.56 8.24
C LYS B 45 1.68 14.74 7.92
N ASN B 46 0.47 14.43 7.48
CA ASN B 46 -0.48 15.49 7.20
C ASN B 46 -1.89 14.94 7.26
N LEU B 47 -2.86 15.84 7.35
CA LEU B 47 -4.27 15.50 7.35
C LEU B 47 -4.91 15.95 6.05
N TYR B 48 -5.84 15.14 5.57
CA TYR B 48 -6.73 15.50 4.46
C TYR B 48 -8.08 15.70 5.19
N LEU B 49 -8.69 16.86 5.00
CA LEU B 49 -9.87 17.29 5.74
C LEU B 49 -10.92 17.81 4.76
N TRP B 50 -12.19 17.47 5.01
CA TRP B 50 -13.25 17.93 4.13
C TRP B 50 -14.60 17.83 4.81
N ASN B 51 -15.52 18.69 4.38
CA ASN B 51 -16.91 18.67 4.85
C ASN B 51 -17.78 17.92 3.84
N ASN B 52 -18.71 17.14 4.35
CA ASN B 52 -19.73 16.52 3.51
C ASN B 52 -21.06 16.61 4.24
N GLU B 53 -22.05 15.89 3.76
CA GLU B 53 -23.36 16.01 4.33
C GLU B 53 -23.49 15.57 5.76
N THR B 54 -22.74 14.57 6.14
CA THR B 54 -22.89 14.03 7.49
C THR B 54 -21.90 14.59 8.51
N CYS B 55 -20.75 15.08 8.04
CA CYS B 55 -19.75 15.70 8.88
C CYS B 55 -19.57 17.07 8.23
N ASP B 56 -19.71 18.16 8.98
CA ASP B 56 -19.60 19.45 8.31
C ASP B 56 -19.09 20.57 9.20
N ALA B 57 -18.33 20.25 10.25
CA ALA B 57 -17.93 21.26 11.23
C ALA B 57 -16.59 21.93 10.92
N LEU B 58 -15.90 21.55 9.85
CA LEU B 58 -14.59 22.12 9.56
C LEU B 58 -14.72 23.51 8.96
N SER B 59 -13.74 24.37 9.29
CA SER B 59 -13.68 25.73 8.74
C SER B 59 -12.65 25.75 7.60
N ALA B 60 -13.11 26.16 6.42
CA ALA B 60 -12.29 26.33 5.22
C ALA B 60 -11.20 25.26 5.02
N PRO B 61 -11.58 23.98 4.99
CA PRO B 61 -10.57 22.94 4.82
C PRO B 61 -9.95 23.00 3.43
N VAL B 62 -8.68 22.60 3.35
CA VAL B 62 -7.96 22.60 2.08
C VAL B 62 -8.65 21.64 1.11
N ALA B 63 -8.95 22.13 -0.10
CA ALA B 63 -9.78 21.37 -1.03
C ALA B 63 -8.98 20.33 -1.80
N ASP B 64 -7.73 20.62 -2.13
CA ASP B 64 -6.94 19.80 -3.05
C ASP B 64 -6.34 18.61 -2.31
N TRP B 65 -6.74 17.40 -2.70
CA TRP B 65 -6.20 16.17 -2.12
C TRP B 65 -4.67 16.14 -2.19
N ASN B 66 -4.09 16.66 -3.28
CA ASN B 66 -2.64 16.59 -3.47
C ASN B 66 -1.88 17.48 -2.51
N ASP B 67 -2.54 18.44 -1.87
CA ASP B 67 -1.87 19.35 -0.95
C ASP B 67 -1.54 18.61 0.34
N VAL B 68 -0.24 18.48 0.62
CA VAL B 68 0.25 17.78 1.80
C VAL B 68 0.76 18.75 2.86
N SER B 69 0.31 20.01 2.82
CA SER B 69 0.86 21.05 3.67
C SER B 69 0.13 21.20 5.01
N THR B 70 -0.95 20.47 5.26
CA THR B 70 -1.58 20.47 6.58
C THR B 70 -0.77 19.55 7.51
N THR B 71 0.41 20.03 7.84
CA THR B 71 1.40 19.30 8.61
C THR B 71 1.21 19.58 10.11
N PRO B 72 1.90 18.84 10.97
CA PRO B 72 1.60 18.93 12.40
C PRO B 72 1.77 20.34 12.95
N THR B 73 0.82 20.73 13.82
CA THR B 73 0.92 21.98 14.57
C THR B 73 2.11 21.93 15.53
N GLY B 74 2.40 20.75 16.07
CA GLY B 74 3.59 20.53 16.87
C GLY B 74 3.78 19.04 17.04
N SER B 75 4.82 18.67 17.79
CA SER B 75 5.07 17.27 18.09
C SER B 75 5.97 17.18 19.32
N ASP B 76 5.86 16.06 20.02
CA ASP B 76 6.75 15.79 21.15
C ASP B 76 7.20 14.35 21.06
N LYS B 77 7.72 13.82 22.18
CA LYS B 77 8.29 12.48 22.18
C LYS B 77 7.26 11.40 21.89
N TYR B 78 5.96 11.70 21.99
CA TYR B 78 4.92 10.71 21.74
C TYR B 78 4.37 10.76 20.32
N GLY B 79 4.69 11.79 19.55
CA GLY B 79 4.17 11.93 18.21
C GLY B 79 3.68 13.34 17.92
N PRO B 80 3.16 13.54 16.72
CA PRO B 80 2.69 14.87 16.30
C PRO B 80 1.24 15.09 16.70
N TYR B 81 0.81 16.35 16.55
CA TYR B 81 -0.59 16.71 16.79
C TYR B 81 -0.96 17.86 15.87
N TRP B 82 -2.27 18.02 15.67
CA TRP B 82 -2.83 19.05 14.80
C TRP B 82 -3.91 19.82 15.54
N VAL B 83 -3.87 21.15 15.41
CA VAL B 83 -4.95 22.03 15.84
C VAL B 83 -5.73 22.44 14.60
N ILE B 84 -7.04 22.22 14.63
CA ILE B 84 -7.88 22.29 13.44
C ILE B 84 -8.99 23.31 13.65
N PRO B 85 -9.14 24.32 12.78
CA PRO B 85 -10.22 25.31 12.99
C PRO B 85 -11.58 24.76 12.57
N LEU B 86 -12.59 25.14 13.35
CA LEU B 86 -13.95 24.70 13.15
C LEU B 86 -14.83 25.92 12.94
N THR B 87 -16.02 25.70 12.38
CA THR B 87 -17.05 26.73 12.32
C THR B 87 -18.03 26.62 13.48
N LYS B 88 -18.03 25.49 14.17
CA LYS B 88 -18.97 25.22 15.26
C LYS B 88 -18.39 24.08 16.08
N GLU B 89 -18.94 23.89 17.27
CA GLU B 89 -18.44 22.91 18.21
C GLU B 89 -19.35 21.69 18.34
N SER B 90 -20.40 21.62 17.54
CA SER B 90 -21.27 20.47 17.43
C SER B 90 -21.01 19.77 16.10
N GLY B 91 -21.57 18.58 15.97
CA GLY B 91 -21.43 17.81 14.75
C GLY B 91 -20.21 16.90 14.74
N CYS B 92 -19.60 16.77 13.57
CA CYS B 92 -18.41 15.94 13.42
C CYS B 92 -17.57 16.39 12.23
N ILE B 93 -16.33 15.90 12.19
CA ILE B 93 -15.41 16.25 11.11
C ILE B 93 -14.90 14.97 10.46
N ASN B 94 -14.65 15.04 9.15
CA ASN B 94 -14.02 13.97 8.40
C ASN B 94 -12.51 14.19 8.37
N VAL B 95 -11.75 13.14 8.68
CA VAL B 95 -10.29 13.23 8.76
C VAL B 95 -9.66 12.01 8.11
N ILE B 96 -8.66 12.23 7.26
CA ILE B 96 -7.79 11.16 6.78
C ILE B 96 -6.37 11.52 7.20
N VAL B 97 -5.75 10.63 7.98
CA VAL B 97 -4.37 10.80 8.45
C VAL B 97 -3.44 10.16 7.43
N ARG B 98 -2.44 10.92 6.98
CA ARG B 98 -1.63 10.50 5.85
C ARG B 98 -0.15 10.67 6.15
N ASP B 99 0.66 9.91 5.41
CA ASP B 99 2.05 10.21 5.16
C ASP B 99 2.17 10.46 3.67
N GLY B 100 2.56 11.68 3.30
CA GLY B 100 2.40 12.06 1.90
C GLY B 100 0.94 11.99 1.52
N THR B 101 0.64 11.38 0.38
CA THR B 101 -0.75 11.14 -0.02
C THR B 101 -1.17 9.69 0.18
N ASN B 102 -0.49 8.97 1.08
CA ASN B 102 -0.86 7.61 1.43
C ASN B 102 -1.55 7.62 2.80
N LYS B 103 -2.66 6.88 2.88
N LYS B 103 -2.67 6.89 2.89
CA LYS B 103 -3.41 6.79 4.13
CA LYS B 103 -3.40 6.80 4.13
C LYS B 103 -2.64 5.97 5.16
C LYS B 103 -2.61 5.99 5.16
N LEU B 104 -2.53 6.51 6.38
CA LEU B 104 -1.93 5.78 7.48
C LEU B 104 -2.97 5.04 8.30
N ILE B 105 -4.22 5.40 8.12
CA ILE B 105 -5.35 4.74 8.74
C ILE B 105 -6.28 4.54 7.54
N ASP B 106 -6.68 3.31 7.29
CA ASP B 106 -7.51 3.00 6.13
C ASP B 106 -8.92 3.57 6.20
N SER B 107 -9.45 3.64 7.40
CA SER B 107 -10.74 4.23 7.61
C SER B 107 -10.74 5.71 7.35
N ASP B 108 -11.81 6.17 6.80
CA ASP B 108 -12.00 7.58 6.58
C ASP B 108 -12.66 7.93 7.91
N LEU B 109 -11.92 8.56 8.79
CA LEU B 109 -12.39 8.81 10.14
C LEU B 109 -13.36 9.95 10.35
N ARG B 110 -14.30 9.72 11.26
N ARG B 110 -14.28 9.73 11.27
CA ARG B 110 -15.27 10.75 11.63
CA ARG B 110 -15.26 10.74 11.63
C ARG B 110 -15.11 11.01 13.11
C ARG B 110 -15.10 11.01 13.12
N VAL B 111 -14.66 12.22 13.45
CA VAL B 111 -14.46 12.61 14.85
C VAL B 111 -15.75 13.26 15.33
N SER B 112 -16.48 12.55 16.20
CA SER B 112 -17.79 13.00 16.66
C SER B 112 -17.63 13.86 17.90
N PHE B 113 -18.09 15.11 17.82
CA PHE B 113 -18.00 16.04 18.95
C PHE B 113 -19.03 15.76 20.03
N SER B 114 -19.96 14.83 19.81
CA SER B 114 -20.82 14.36 20.87
C SER B 114 -20.23 13.18 21.62
N ASP B 115 -19.44 12.35 20.94
CA ASP B 115 -18.70 11.29 21.62
C ASP B 115 -17.47 11.83 22.33
N PHE B 116 -16.90 12.93 21.83
CA PHE B 116 -15.71 13.56 22.41
C PHE B 116 -16.00 15.05 22.52
N THR B 117 -16.68 15.43 23.61
CA THR B 117 -17.18 16.79 23.75
C THR B 117 -16.06 17.82 23.89
N ASP B 118 -14.87 17.44 24.37
CA ASP B 118 -13.77 18.40 24.42
C ASP B 118 -13.04 18.54 23.09
N ARG B 119 -13.48 17.81 22.05
CA ARG B 119 -12.95 17.93 20.70
C ARG B 119 -11.46 17.69 20.60
N THR B 120 -10.90 16.94 21.55
CA THR B 120 -9.47 16.70 21.67
C THR B 120 -9.25 15.19 21.72
N VAL B 121 -8.77 14.63 20.60
CA VAL B 121 -8.77 13.20 20.39
C VAL B 121 -7.39 12.71 19.98
N SER B 122 -7.21 11.39 20.01
CA SER B 122 -5.95 10.75 19.69
C SER B 122 -6.21 9.50 18.86
N VAL B 123 -5.32 9.24 17.90
CA VAL B 123 -5.39 8.07 17.03
C VAL B 123 -4.01 7.44 16.92
N ILE B 124 -3.99 6.22 16.35
CA ILE B 124 -2.78 5.43 16.13
C ILE B 124 -2.82 4.94 14.69
N ALA B 125 -1.68 5.03 14.01
CA ALA B 125 -1.59 4.52 12.64
C ALA B 125 -2.01 3.06 12.60
N GLY B 126 -2.80 2.71 11.58
CA GLY B 126 -3.25 1.34 11.41
C GLY B 126 -4.38 0.91 12.32
N ASN B 127 -4.96 1.83 13.07
CA ASN B 127 -6.05 1.57 13.99
C ASN B 127 -7.15 2.58 13.69
N SER B 128 -8.38 2.09 13.56
CA SER B 128 -9.49 2.97 13.20
C SER B 128 -10.17 3.60 14.41
N ALA B 129 -9.74 3.28 15.63
CA ALA B 129 -10.42 3.79 16.81
C ALA B 129 -9.98 5.22 17.12
N VAL B 130 -10.89 5.98 17.73
CA VAL B 130 -10.63 7.34 18.19
C VAL B 130 -10.67 7.34 19.71
N TYR B 131 -9.67 7.98 20.33
CA TYR B 131 -9.53 7.99 21.77
C TYR B 131 -9.70 9.40 22.31
N ASP B 132 -10.23 9.50 23.53
CA ASP B 132 -10.44 10.79 24.18
C ASP B 132 -9.16 11.39 24.76
N SER B 133 -8.09 10.62 24.88
CA SER B 133 -6.85 11.14 25.43
C SER B 133 -5.67 10.40 24.82
N ARG B 134 -4.52 11.07 24.85
CA ARG B 134 -3.29 10.39 24.48
C ARG B 134 -2.99 9.22 25.40
N ALA B 135 -3.34 9.33 26.69
CA ALA B 135 -3.12 8.23 27.62
C ALA B 135 -3.87 6.98 27.17
N ASP B 136 -5.15 7.13 26.86
CA ASP B 136 -5.94 6.00 26.34
C ASP B 136 -5.32 5.45 25.05
N ALA B 137 -4.95 6.33 24.12
CA ALA B 137 -4.38 5.86 22.87
C ALA B 137 -3.04 5.17 23.10
N PHE B 138 -2.24 5.70 24.03
CA PHE B 138 -0.95 5.09 24.36
C PHE B 138 -1.15 3.68 24.92
N ARG B 139 -2.09 3.51 25.84
N ARG B 139 -2.10 3.51 25.83
CA ARG B 139 -2.34 2.17 26.38
CA ARG B 139 -2.35 2.18 26.39
C ARG B 139 -2.80 1.21 25.30
C ARG B 139 -2.81 1.20 25.31
N ALA B 140 -3.56 1.69 24.31
CA ALA B 140 -3.94 0.84 23.20
C ALA B 140 -2.77 0.56 22.27
N ALA B 141 -1.94 1.59 22.00
CA ALA B 141 -0.80 1.42 21.11
C ALA B 141 0.19 0.40 21.65
N PHE B 142 0.38 0.39 22.96
CA PHE B 142 1.24 -0.57 23.64
C PHE B 142 0.43 -1.63 24.36
N GLY B 143 -0.63 -2.07 23.68
CA GLY B 143 -1.55 -3.07 24.20
C GLY B 143 -1.92 -4.07 23.13
N VAL B 144 -3.06 -4.73 23.31
CA VAL B 144 -3.47 -5.81 22.43
C VAL B 144 -3.98 -5.23 21.11
N ALA B 145 -3.39 -5.68 20.00
CA ALA B 145 -3.72 -5.17 18.69
C ALA B 145 -3.78 -6.31 17.69
N LEU B 146 -4.78 -6.27 16.81
CA LEU B 146 -4.97 -7.25 15.75
C LEU B 146 -5.20 -8.65 16.31
N ALA B 147 -5.14 -9.65 15.45
CA ALA B 147 -5.33 -11.03 15.86
C ALA B 147 -4.49 -11.91 14.95
N ASP B 148 -3.17 -11.71 14.96
N ASP B 148 -3.17 -11.70 14.97
CA ASP B 148 -2.31 -12.32 13.97
CA ASP B 148 -2.28 -12.30 13.98
C ASP B 148 -1.51 -13.50 14.51
C ASP B 148 -1.52 -13.51 14.51
N ALA B 149 -1.85 -14.01 15.69
CA ALA B 149 -1.27 -15.23 16.22
C ALA B 149 -2.28 -16.35 16.09
N HIS B 150 -1.79 -17.53 15.71
CA HIS B 150 -2.64 -18.68 15.42
C HIS B 150 -2.20 -19.85 16.28
N TRP B 151 -3.07 -20.27 17.20
CA TRP B 151 -2.81 -21.43 18.03
C TRP B 151 -3.41 -22.61 17.27
N VAL B 152 -2.54 -23.32 16.55
CA VAL B 152 -2.98 -24.22 15.47
C VAL B 152 -3.03 -25.69 15.87
N ASP B 153 -2.31 -26.10 16.90
CA ASP B 153 -2.49 -27.41 17.50
C ASP B 153 -2.13 -27.29 18.97
N LYS B 154 -2.21 -28.41 19.69
N LYS B 154 -2.27 -28.37 19.71
CA LYS B 154 -2.06 -28.36 21.14
CA LYS B 154 -2.06 -28.35 21.14
C LYS B 154 -0.81 -27.62 21.56
C LYS B 154 -0.77 -27.69 21.62
N THR B 155 0.31 -27.86 20.87
CA THR B 155 1.59 -27.30 21.29
C THR B 155 2.21 -26.25 20.37
N THR B 156 1.52 -25.80 19.32
CA THR B 156 2.13 -24.91 18.33
C THR B 156 1.37 -23.61 18.22
N LEU B 157 2.10 -22.49 18.37
CA LEU B 157 1.59 -21.16 18.06
C LEU B 157 2.37 -20.61 16.87
N LEU B 158 1.67 -20.16 15.84
CA LEU B 158 2.28 -19.52 14.68
C LEU B 158 2.04 -18.01 14.78
N TRP B 159 3.13 -17.24 14.80
CA TRP B 159 2.96 -15.82 15.09
C TRP B 159 4.14 -14.99 14.62
N PRO B 160 3.99 -14.19 13.56
CA PRO B 160 5.11 -13.34 13.12
C PRO B 160 5.67 -12.44 14.20
N GLY B 161 4.82 -11.95 15.11
CA GLY B 161 5.28 -11.00 16.12
C GLY B 161 6.26 -11.58 17.12
N GLY B 162 6.37 -12.91 17.20
CA GLY B 162 7.29 -13.49 18.14
C GLY B 162 8.70 -13.66 17.64
N GLU B 163 8.95 -13.39 16.37
CA GLU B 163 10.23 -13.72 15.75
C GLU B 163 11.36 -12.94 16.40
N ASN B 164 12.41 -13.66 16.80
CA ASN B 164 13.61 -13.06 17.38
C ASN B 164 13.34 -12.33 18.69
N LYS B 165 12.29 -12.72 19.41
CA LYS B 165 12.03 -12.08 20.68
C LYS B 165 12.35 -13.08 21.76
N PRO B 166 13.10 -12.66 22.79
CA PRO B 166 13.48 -13.61 23.83
C PRO B 166 12.32 -14.09 24.68
N ILE B 167 11.26 -13.30 24.82
CA ILE B 167 10.10 -13.66 25.62
C ILE B 167 8.90 -13.77 24.70
N VAL B 168 8.29 -14.96 24.65
CA VAL B 168 7.07 -15.20 23.89
C VAL B 168 6.13 -15.99 24.80
N ARG B 169 4.96 -15.45 25.07
CA ARG B 169 4.05 -16.02 26.04
C ARG B 169 2.62 -15.94 25.52
N LEU B 170 1.79 -16.86 26.02
CA LEU B 170 0.34 -16.77 25.85
C LEU B 170 -0.25 -16.39 27.19
N TYR B 171 -0.70 -15.15 27.31
CA TYR B 171 -1.40 -14.67 28.49
C TYR B 171 -2.88 -14.95 28.33
N TYR B 172 -3.56 -15.15 29.45
CA TYR B 172 -4.97 -15.50 29.38
C TYR B 172 -5.71 -14.95 30.59
N SER B 173 -6.99 -14.68 30.37
N SER B 173 -7.00 -14.70 30.39
CA SER B 173 -7.90 -14.25 31.42
CA SER B 173 -7.88 -14.32 31.48
C SER B 173 -9.25 -14.88 31.15
C SER B 173 -9.26 -14.90 31.20
N HIS B 174 -9.80 -15.53 32.17
N HIS B 174 -9.84 -15.54 32.22
CA HIS B 174 -11.06 -16.26 32.03
CA HIS B 174 -11.10 -16.25 32.04
C HIS B 174 -12.23 -15.30 31.85
C HIS B 174 -12.27 -15.28 31.84
N SER B 175 -12.33 -14.28 32.71
N SER B 175 -12.36 -14.26 32.70
CA SER B 175 -13.54 -13.45 32.78
CA SER B 175 -13.54 -13.41 32.74
C SER B 175 -13.35 -12.02 32.32
C SER B 175 -13.30 -11.97 32.31
N SER B 176 -12.16 -11.63 31.86
N SER B 176 -12.07 -11.61 31.94
CA SER B 176 -11.96 -10.25 31.41
CA SER B 176 -11.76 -10.24 31.56
C SER B 176 -10.89 -10.24 30.31
C SER B 176 -10.81 -10.23 30.37
N LYS B 177 -10.61 -9.05 29.81
CA LYS B 177 -9.59 -8.89 28.79
C LYS B 177 -8.21 -8.96 29.42
N VAL B 178 -7.26 -9.53 28.68
CA VAL B 178 -5.85 -9.39 29.03
C VAL B 178 -5.45 -7.94 28.80
N ALA B 179 -4.95 -7.29 29.85
CA ALA B 179 -4.53 -5.90 29.72
C ALA B 179 -3.47 -5.61 30.78
N ALA B 180 -2.60 -4.65 30.48
CA ALA B 180 -1.65 -4.20 31.48
C ALA B 180 -2.39 -3.49 32.62
N ASP B 181 -1.84 -3.63 33.83
CA ASP B 181 -2.45 -3.07 35.02
C ASP B 181 -2.05 -1.60 35.21
N SER B 182 -2.44 -1.03 36.36
CA SER B 182 -2.19 0.38 36.65
C SER B 182 -0.71 0.70 36.81
N ASN B 183 0.14 -0.31 37.01
CA ASN B 183 1.57 -0.13 37.06
C ASN B 183 2.25 -0.40 35.71
N GLY B 184 1.48 -0.60 34.65
CA GLY B 184 2.05 -0.88 33.35
C GLY B 184 2.59 -2.28 33.20
N GLU B 185 2.17 -3.21 34.07
CA GLU B 185 2.65 -4.58 34.03
C GLU B 185 1.54 -5.51 33.56
N PHE B 186 1.91 -6.51 32.77
CA PHE B 186 0.97 -7.56 32.37
C PHE B 186 0.95 -8.62 33.47
N SER B 187 -0.08 -8.54 34.32
CA SER B 187 -0.15 -9.37 35.51
C SER B 187 -1.05 -10.60 35.36
N ASP B 188 -1.64 -10.81 34.19
CA ASP B 188 -2.44 -12.01 33.99
C ASP B 188 -1.55 -13.24 33.95
N LYS B 189 -2.19 -14.40 34.15
CA LYS B 189 -1.49 -15.68 34.06
C LYS B 189 -1.00 -15.89 32.64
N TYR B 190 0.04 -16.71 32.50
CA TYR B 190 0.61 -16.94 31.17
C TYR B 190 1.24 -18.32 31.08
N VAL B 191 1.40 -18.76 29.85
CA VAL B 191 2.19 -19.94 29.48
C VAL B 191 3.38 -19.45 28.68
N LYS B 192 4.56 -20.01 28.95
CA LYS B 192 5.79 -19.62 28.27
C LYS B 192 6.05 -20.50 27.07
N LEU B 193 6.46 -19.87 25.97
CA LEU B 193 6.71 -20.58 24.72
C LEU B 193 8.16 -20.42 24.31
N THR B 194 8.65 -21.38 23.53
CA THR B 194 10.02 -21.37 23.03
C THR B 194 10.01 -21.56 21.53
N PRO B 195 11.03 -21.06 20.83
CA PRO B 195 11.02 -21.17 19.36
C PRO B 195 11.07 -22.63 18.91
N THR B 196 10.44 -22.89 17.77
CA THR B 196 10.41 -24.23 17.21
C THR B 196 10.30 -24.13 15.70
N THR B 197 10.32 -25.28 15.04
CA THR B 197 10.10 -25.37 13.60
C THR B 197 8.73 -26.01 13.37
N VAL B 198 8.01 -25.46 12.40
N VAL B 198 7.99 -25.46 12.40
CA VAL B 198 6.67 -25.96 12.07
CA VAL B 198 6.64 -25.95 12.16
C VAL B 198 6.74 -27.45 11.75
C VAL B 198 6.69 -27.41 11.74
N SER B 199 5.88 -28.23 12.38
CA SER B 199 5.83 -29.66 12.10
C SER B 199 5.21 -29.91 10.74
N GLN B 200 5.48 -31.10 10.19
CA GLN B 200 4.90 -31.44 8.90
C GLN B 200 3.37 -31.51 8.99
N GLN B 201 2.85 -32.00 10.11
N GLN B 201 2.84 -32.00 10.12
CA GLN B 201 1.40 -32.11 10.28
CA GLN B 201 1.39 -32.11 10.26
C GLN B 201 0.73 -30.75 10.28
C GLN B 201 0.73 -30.74 10.26
N VAL B 202 1.30 -29.77 10.97
CA VAL B 202 0.75 -28.42 10.97
C VAL B 202 0.90 -27.79 9.58
N SER B 203 2.04 -28.00 8.94
N SER B 203 2.04 -28.00 8.94
CA SER B 203 2.28 -27.45 7.62
CA SER B 203 2.27 -27.43 7.62
C SER B 203 1.25 -27.95 6.61
C SER B 203 1.26 -27.95 6.60
N MET B 204 0.86 -29.21 6.72
CA MET B 204 -0.10 -29.76 5.77
C MET B 204 -1.51 -29.25 6.05
N ARG B 205 -1.86 -29.06 7.33
CA ARG B 205 -3.18 -28.56 7.67
C ARG B 205 -3.33 -27.09 7.27
N PHE B 206 -2.30 -26.28 7.47
CA PHE B 206 -2.38 -24.84 7.27
C PHE B 206 -1.22 -24.35 6.40
N PRO B 207 -1.22 -24.71 5.12
CA PRO B 207 -0.08 -24.35 4.26
C PRO B 207 0.13 -22.86 4.12
N HIS B 208 -0.93 -22.07 4.23
CA HIS B 208 -0.82 -20.62 4.12
C HIS B 208 -0.17 -19.98 5.34
N LEU B 209 -0.03 -20.74 6.44
CA LEU B 209 0.65 -20.29 7.64
C LEU B 209 2.01 -20.93 7.82
N ALA B 210 2.42 -21.80 6.89
CA ALA B 210 3.59 -22.65 7.09
C ALA B 210 4.89 -21.86 7.18
N SER B 211 4.90 -20.65 6.68
N SER B 211 4.92 -20.64 6.67
CA SER B 211 6.07 -19.80 6.74
CA SER B 211 6.10 -19.78 6.74
C SER B 211 6.11 -18.93 7.99
C SER B 211 6.05 -18.82 7.93
N TYR B 212 5.10 -19.00 8.85
CA TYR B 212 5.06 -18.18 10.05
C TYR B 212 6.08 -18.68 11.07
N PRO B 213 6.73 -17.77 11.81
CA PRO B 213 7.55 -18.20 12.93
C PRO B 213 6.72 -19.01 13.91
N ALA B 214 7.30 -20.10 14.40
CA ALA B 214 6.56 -21.08 15.20
C ALA B 214 7.11 -21.13 16.62
N PHE B 215 6.22 -21.35 17.57
CA PHE B 215 6.57 -21.38 18.99
C PHE B 215 5.87 -22.55 19.64
N LYS B 216 6.55 -23.15 20.61
CA LYS B 216 6.14 -24.42 21.19
C LYS B 216 5.68 -24.19 22.62
N LEU B 217 4.50 -24.70 22.93
N LEU B 217 4.53 -24.77 22.96
CA LEU B 217 3.99 -24.70 24.29
CA LEU B 217 4.04 -24.77 24.33
C LEU B 217 4.53 -25.92 25.02
C LEU B 217 4.69 -25.90 25.13
N PRO B 218 4.61 -25.86 26.34
N PRO B 218 4.71 -25.79 26.47
CA PRO B 218 4.95 -27.06 27.12
CA PRO B 218 5.37 -26.81 27.29
C PRO B 218 3.93 -28.16 26.86
C PRO B 218 4.66 -28.15 27.39
N ASP B 219 4.42 -29.41 26.87
N ASP B 219 3.81 -28.47 26.40
CA ASP B 219 3.60 -30.58 26.60
CA ASP B 219 3.29 -29.82 26.19
C ASP B 219 2.50 -30.80 27.64
C ASP B 219 2.24 -30.28 27.21
N ASP B 220 2.46 -29.99 28.69
N ASP B 220 2.43 -29.95 28.49
CA ASP B 220 1.60 -30.22 29.84
CA ASP B 220 1.49 -30.35 29.54
C ASP B 220 0.55 -29.14 30.04
C ASP B 220 0.55 -29.23 29.95
N VAL B 221 0.37 -28.23 29.09
CA VAL B 221 -0.53 -27.12 29.34
C VAL B 221 -1.97 -27.62 29.39
N ASN B 222 -2.75 -27.06 30.31
CA ASN B 222 -4.18 -27.32 30.42
C ASN B 222 -4.88 -26.39 29.43
N VAL B 223 -5.06 -26.87 28.20
CA VAL B 223 -5.56 -26.01 27.13
C VAL B 223 -6.97 -25.48 27.43
N ASP B 224 -7.80 -26.26 28.13
CA ASP B 224 -9.14 -25.78 28.47
C ASP B 224 -9.09 -24.58 29.41
N GLU B 225 -8.08 -24.44 30.18
CA GLU B 225 -7.97 -23.32 31.03
C GLU B 225 -7.78 -22.01 30.26
N LEU B 226 -7.18 -22.11 29.09
CA LEU B 226 -6.99 -20.93 28.26
C LEU B 226 -8.14 -20.75 27.28
N LEU B 227 -8.68 -21.85 26.73
CA LEU B 227 -9.63 -21.74 25.63
C LEU B 227 -11.01 -21.26 26.06
N GLN B 228 -11.29 -21.16 27.36
CA GLN B 228 -12.59 -20.69 27.80
C GLN B 228 -12.66 -19.19 28.05
N GLY B 229 -11.56 -18.47 27.83
CA GLY B 229 -11.60 -17.03 27.93
C GLY B 229 -10.79 -16.35 26.85
N GLU B 230 -10.26 -15.17 27.15
CA GLU B 230 -9.40 -14.47 26.21
C GLU B 230 -7.98 -15.01 26.32
N THR B 231 -7.37 -15.28 25.18
N THR B 231 -7.37 -15.27 25.18
CA THR B 231 -5.96 -15.60 25.09
CA THR B 231 -5.95 -15.61 25.09
C THR B 231 -5.28 -14.56 24.20
C THR B 231 -5.27 -14.57 24.20
N VAL B 232 -4.10 -14.11 24.62
CA VAL B 232 -3.36 -13.07 23.91
C VAL B 232 -1.91 -13.49 23.86
N ALA B 233 -1.31 -13.39 22.68
CA ALA B 233 0.11 -13.67 22.53
C ALA B 233 0.87 -12.37 22.79
N ILE B 234 1.93 -12.44 23.60
CA ILE B 234 2.73 -11.29 23.96
C ILE B 234 4.20 -11.64 23.75
N ALA B 235 4.93 -10.75 23.10
CA ALA B 235 6.36 -10.87 22.92
C ALA B 235 7.03 -9.68 23.58
N ALA B 236 8.24 -9.90 24.10
CA ALA B 236 8.93 -8.85 24.83
C ALA B 236 10.43 -9.03 24.70
N GLU B 237 11.15 -7.93 24.93
CA GLU B 237 12.61 -7.96 24.98
C GLU B 237 13.07 -8.65 26.27
N SER B 238 14.38 -8.90 26.33
N SER B 238 14.39 -8.89 26.34
CA SER B 238 14.95 -9.68 27.43
CA SER B 238 14.93 -9.70 27.43
C SER B 238 14.69 -9.04 28.79
C SER B 238 14.69 -9.04 28.79
N ASP B 239 14.63 -7.72 28.85
CA ASP B 239 14.36 -7.02 30.10
C ASP B 239 12.87 -6.90 30.42
N GLY B 240 12.00 -7.41 29.54
CA GLY B 240 10.58 -7.39 29.79
C GLY B 240 9.81 -6.30 29.08
N ILE B 241 10.49 -5.38 28.40
CA ILE B 241 9.79 -4.33 27.67
C ILE B 241 8.99 -4.96 26.53
N LEU B 242 7.69 -4.66 26.51
CA LEU B 242 6.79 -5.22 25.50
C LEU B 242 7.30 -4.95 24.10
N SER B 243 7.13 -5.93 23.23
N SER B 243 7.09 -5.91 23.21
CA SER B 243 7.40 -5.81 21.79
CA SER B 243 7.38 -5.75 21.78
C SER B 243 6.01 -5.63 21.12
C SER B 243 6.00 -5.61 21.11
N SER B 244 5.13 -6.61 21.26
CA SER B 244 3.76 -6.48 20.78
C SER B 244 2.88 -7.53 21.46
N ALA B 245 1.57 -7.32 21.33
CA ALA B 245 0.56 -8.20 21.91
C ALA B 245 -0.60 -8.29 20.94
N THR B 246 -1.18 -9.49 20.79
CA THR B 246 -2.23 -9.68 19.79
C THR B 246 -3.19 -10.77 20.25
N GLN B 247 -4.39 -10.74 19.69
CA GLN B 247 -5.35 -11.80 19.95
C GLN B 247 -4.98 -13.07 19.18
N VAL B 248 -5.58 -14.19 19.59
CA VAL B 248 -5.17 -15.51 19.14
C VAL B 248 -6.34 -16.21 18.45
N GLN B 249 -6.10 -16.67 17.23
CA GLN B 249 -7.09 -17.47 16.50
C GLN B 249 -6.90 -18.93 16.88
N THR B 250 -7.95 -19.56 17.39
CA THR B 250 -7.84 -20.86 18.04
C THR B 250 -8.50 -22.01 17.29
N ALA B 251 -9.01 -21.79 16.09
CA ALA B 251 -9.73 -22.88 15.42
C ALA B 251 -8.87 -24.12 15.28
N GLY B 252 -7.56 -23.95 15.01
CA GLY B 252 -6.71 -25.10 14.78
C GLY B 252 -6.55 -25.96 16.02
N VAL B 253 -6.25 -25.33 17.16
CA VAL B 253 -6.13 -26.10 18.39
C VAL B 253 -7.47 -26.70 18.82
N LEU B 254 -8.59 -26.02 18.53
CA LEU B 254 -9.88 -26.62 18.80
C LEU B 254 -10.05 -27.93 18.04
N ASP B 255 -9.69 -27.95 16.77
CA ASP B 255 -9.77 -29.19 16.01
C ASP B 255 -8.81 -30.24 16.57
N ASP B 256 -7.56 -29.83 16.84
CA ASP B 256 -6.57 -30.81 17.30
C ASP B 256 -6.94 -31.39 18.66
N THR B 257 -7.58 -30.60 19.51
CA THR B 257 -7.93 -31.05 20.85
C THR B 257 -9.24 -31.84 20.85
N TYR B 258 -10.25 -31.34 20.15
CA TYR B 258 -11.62 -31.80 20.35
C TYR B 258 -12.27 -32.49 19.16
N ALA B 259 -11.80 -32.27 17.94
CA ALA B 259 -12.63 -32.62 16.79
C ALA B 259 -12.87 -34.11 16.66
N ALA B 260 -11.86 -34.95 16.88
CA ALA B 260 -12.08 -36.38 16.73
C ALA B 260 -13.13 -36.88 17.72
N ALA B 261 -12.98 -36.52 19.00
CA ALA B 261 -13.97 -36.93 19.99
C ALA B 261 -15.36 -36.36 19.66
N ALA B 262 -15.40 -35.11 19.17
CA ALA B 262 -16.68 -34.49 18.84
C ALA B 262 -17.30 -35.08 17.57
N GLU B 263 -16.46 -35.50 16.61
N GLU B 263 -16.47 -35.51 16.61
CA GLU B 263 -16.96 -36.11 15.38
CA GLU B 263 -16.99 -36.10 15.38
C GLU B 263 -17.69 -37.43 15.64
C GLU B 263 -17.68 -37.43 15.64
N ALA B 264 -17.31 -38.12 16.73
CA ALA B 264 -17.87 -39.42 17.04
C ALA B 264 -19.28 -39.33 17.61
N LEU B 265 -19.78 -38.13 17.86
CA LEU B 265 -21.08 -37.89 18.47
C LEU B 265 -22.07 -37.33 17.44
N SER B 266 -23.34 -37.40 17.80
CA SER B 266 -24.41 -36.81 17.00
C SER B 266 -25.05 -35.64 17.73
N TYR B 267 -25.61 -34.70 16.94
CA TYR B 267 -25.97 -33.38 17.43
C TYR B 267 -27.43 -33.03 17.17
N GLY B 268 -27.89 -32.01 17.88
CA GLY B 268 -29.26 -31.53 17.81
C GLY B 268 -30.12 -32.11 18.90
N ALA B 269 -31.43 -31.91 18.75
CA ALA B 269 -32.41 -32.46 19.68
C ALA B 269 -32.84 -33.80 19.10
N GLN B 270 -32.23 -34.87 19.61
CA GLN B 270 -32.35 -36.20 19.01
C GLN B 270 -33.45 -36.93 19.74
N LEU B 271 -34.65 -36.88 19.17
CA LEU B 271 -35.87 -37.40 19.77
C LEU B 271 -36.15 -38.77 19.19
N THR B 272 -36.28 -39.76 20.07
CA THR B 272 -36.69 -41.12 19.73
C THR B 272 -37.83 -41.53 20.65
N ASP B 273 -38.15 -42.83 20.70
CA ASP B 273 -39.27 -43.27 21.51
C ASP B 273 -38.94 -43.29 23.00
N SER B 274 -37.69 -43.62 23.35
CA SER B 274 -37.29 -43.68 24.75
C SER B 274 -37.08 -42.30 25.37
N GLY B 275 -36.88 -41.27 24.56
CA GLY B 275 -36.66 -39.95 25.11
C GLY B 275 -35.93 -39.06 24.12
N VAL B 276 -35.26 -38.05 24.65
CA VAL B 276 -34.56 -37.08 23.82
C VAL B 276 -33.18 -36.82 24.42
N THR B 277 -32.18 -36.72 23.56
CA THR B 277 -30.86 -36.23 23.94
C THR B 277 -30.56 -34.99 23.11
N PHE B 278 -30.30 -33.87 23.79
CA PHE B 278 -29.84 -32.65 23.14
C PHE B 278 -28.32 -32.64 23.18
N ARG B 279 -27.69 -32.24 22.07
CA ARG B 279 -26.25 -32.05 22.11
C ARG B 279 -25.86 -30.89 21.19
N VAL B 280 -24.95 -30.05 21.68
CA VAL B 280 -24.41 -28.92 20.93
C VAL B 280 -22.91 -28.88 21.17
N TRP B 281 -22.14 -28.68 20.11
CA TRP B 281 -20.71 -28.54 20.24
C TRP B 281 -20.38 -27.11 20.66
N ALA B 282 -19.73 -26.93 21.81
CA ALA B 282 -19.38 -25.60 22.29
C ALA B 282 -18.13 -25.69 23.15
N PRO B 283 -16.98 -25.97 22.52
CA PRO B 283 -15.79 -26.33 23.31
C PRO B 283 -15.15 -25.17 24.03
N THR B 284 -15.53 -23.93 23.72
CA THR B 284 -15.00 -22.77 24.42
C THR B 284 -15.98 -22.15 25.41
N ALA B 285 -17.26 -22.56 25.39
CA ALA B 285 -18.24 -21.93 26.26
C ALA B 285 -17.92 -22.21 27.74
N GLN B 286 -18.20 -21.19 28.57
CA GLN B 286 -18.08 -21.37 30.01
C GLN B 286 -19.32 -22.03 30.59
N GLN B 287 -20.49 -21.76 30.02
N GLN B 287 -20.48 -21.78 30.01
CA GLN B 287 -21.76 -22.31 30.47
CA GLN B 287 -21.71 -22.41 30.48
C GLN B 287 -22.63 -22.52 29.25
C GLN B 287 -22.67 -22.49 29.30
N VAL B 288 -23.43 -23.59 29.25
CA VAL B 288 -24.51 -23.77 28.28
C VAL B 288 -25.73 -24.26 29.04
N GLU B 289 -26.84 -23.59 28.87
CA GLU B 289 -28.12 -24.04 29.43
C GLU B 289 -29.11 -24.29 28.31
N LEU B 290 -29.91 -25.34 28.47
CA LEU B 290 -30.96 -25.65 27.51
C LEU B 290 -32.25 -24.99 28.00
N VAL B 291 -32.77 -24.03 27.26
CA VAL B 291 -33.98 -23.30 27.66
C VAL B 291 -35.16 -23.86 26.89
N ILE B 292 -36.14 -24.40 27.61
CA ILE B 292 -37.34 -25.00 27.03
C ILE B 292 -38.47 -23.98 27.11
N TYR B 293 -39.16 -23.78 26.00
CA TYR B 293 -40.22 -22.79 25.85
C TYR B 293 -41.54 -23.47 25.53
N SER B 294 -42.61 -22.91 26.10
CA SER B 294 -43.94 -23.35 25.75
C SER B 294 -44.31 -22.89 24.33
N ALA B 295 -45.46 -23.37 23.87
CA ALA B 295 -45.95 -22.96 22.56
C ALA B 295 -46.09 -21.44 22.47
N ASP B 296 -46.44 -20.79 23.58
CA ASP B 296 -46.56 -19.33 23.64
C ASP B 296 -45.25 -18.65 23.97
N LYS B 297 -44.14 -19.38 23.95
CA LYS B 297 -42.79 -18.82 24.10
C LYS B 297 -42.55 -18.27 25.51
N LYS B 298 -43.10 -18.94 26.51
CA LYS B 298 -42.76 -18.70 27.91
C LYS B 298 -41.75 -19.76 28.35
N VAL B 299 -40.79 -19.36 29.17
CA VAL B 299 -39.80 -20.31 29.67
C VAL B 299 -40.49 -21.34 30.56
N ILE B 300 -40.39 -22.60 30.19
N ILE B 300 -40.28 -22.61 30.28
CA ILE B 300 -40.80 -23.69 31.08
CA ILE B 300 -40.82 -23.71 31.07
C ILE B 300 -39.66 -24.02 32.03
C ILE B 300 -39.72 -24.31 31.93
N ALA B 301 -38.47 -24.23 31.48
CA ALA B 301 -37.32 -24.67 32.25
C ALA B 301 -36.06 -24.15 31.57
N SER B 302 -35.01 -23.99 32.38
CA SER B 302 -33.66 -23.75 31.87
C SER B 302 -32.76 -24.76 32.57
N HIS B 303 -32.19 -25.67 31.79
CA HIS B 303 -31.45 -26.82 32.31
C HIS B 303 -29.97 -26.58 32.08
N PRO B 304 -29.14 -26.50 33.12
CA PRO B 304 -27.69 -26.55 32.87
C PRO B 304 -27.34 -27.85 32.14
N MET B 305 -26.58 -27.72 31.06
CA MET B 305 -26.18 -28.89 30.30
C MET B 305 -24.90 -29.48 30.89
N THR B 306 -24.52 -30.65 30.41
CA THR B 306 -23.35 -31.37 30.93
C THR B 306 -22.26 -31.35 29.87
N ARG B 307 -21.11 -30.79 30.22
CA ARG B 307 -19.99 -30.71 29.30
C ARG B 307 -19.22 -32.03 29.29
N ASP B 308 -18.92 -32.53 28.10
CA ASP B 308 -18.08 -33.71 27.92
C ASP B 308 -16.65 -33.24 27.73
N SER B 309 -15.74 -33.74 28.58
N SER B 309 -15.74 -33.74 28.58
CA SER B 309 -14.37 -33.23 28.58
CA SER B 309 -14.37 -33.23 28.58
C SER B 309 -13.62 -33.57 27.29
C SER B 309 -13.63 -33.57 27.30
N ALA B 310 -13.85 -34.77 26.75
CA ALA B 310 -13.10 -35.19 25.57
C ALA B 310 -13.45 -34.38 24.34
N SER B 311 -14.73 -34.03 24.17
CA SER B 311 -15.23 -33.44 22.94
C SER B 311 -15.51 -31.95 23.04
N GLY B 312 -15.76 -31.42 24.22
CA GLY B 312 -16.26 -30.06 24.31
C GLY B 312 -17.70 -29.91 23.88
N ALA B 313 -18.41 -31.01 23.69
CA ALA B 313 -19.85 -30.97 23.46
C ALA B 313 -20.59 -30.91 24.79
N TRP B 314 -21.79 -30.35 24.75
CA TRP B 314 -22.67 -30.25 25.92
C TRP B 314 -23.94 -31.01 25.62
N SER B 315 -24.43 -31.79 26.58
CA SER B 315 -25.59 -32.62 26.33
C SER B 315 -26.58 -32.51 27.48
N TRP B 316 -27.82 -32.87 27.19
CA TRP B 316 -28.85 -32.98 28.22
C TRP B 316 -29.88 -34.00 27.74
N GLN B 317 -30.23 -34.95 28.60
CA GLN B 317 -31.12 -36.04 28.24
C GLN B 317 -32.42 -35.91 29.03
N GLY B 318 -33.54 -36.05 28.35
CA GLY B 318 -34.84 -35.98 28.99
C GLY B 318 -35.83 -36.95 28.38
N GLY B 319 -37.12 -36.72 28.64
CA GLY B 319 -38.13 -37.67 28.23
C GLY B 319 -38.74 -37.32 26.88
N SER B 320 -39.48 -38.29 26.33
CA SER B 320 -40.15 -38.08 25.05
C SER B 320 -41.28 -37.06 25.12
N ASP B 321 -41.70 -36.64 26.32
CA ASP B 321 -42.70 -35.59 26.41
C ASP B 321 -42.21 -34.25 25.87
N LEU B 322 -40.90 -34.12 25.64
CA LEU B 322 -40.36 -32.90 25.04
C LEU B 322 -40.57 -32.84 23.54
N LYS B 323 -41.16 -33.86 22.94
CA LYS B 323 -41.57 -33.80 21.54
C LYS B 323 -42.37 -32.53 21.29
N GLY B 324 -41.96 -31.77 20.27
CA GLY B 324 -42.66 -30.54 19.91
C GLY B 324 -42.29 -29.31 20.70
N ALA B 325 -41.49 -29.43 21.77
CA ALA B 325 -41.13 -28.28 22.56
C ALA B 325 -40.21 -27.34 21.78
N PHE B 326 -40.35 -26.05 22.05
CA PHE B 326 -39.41 -25.06 21.53
C PHE B 326 -38.22 -24.93 22.48
N TYR B 327 -37.06 -24.56 21.92
CA TYR B 327 -35.87 -24.50 22.76
C TYR B 327 -34.83 -23.59 22.13
N ARG B 328 -33.95 -23.08 22.97
CA ARG B 328 -32.71 -22.43 22.55
C ARG B 328 -31.61 -22.82 23.53
N TYR B 329 -30.36 -22.57 23.15
CA TYR B 329 -29.21 -22.75 24.03
C TYR B 329 -28.79 -21.39 24.56
N ALA B 330 -28.83 -21.24 25.88
CA ALA B 330 -28.33 -20.02 26.54
C ALA B 330 -26.82 -20.19 26.71
N MET B 331 -26.05 -19.43 25.95
CA MET B 331 -24.60 -19.50 25.94
C MET B 331 -24.01 -18.45 26.87
N THR B 332 -22.98 -18.84 27.61
CA THR B 332 -22.05 -17.91 28.25
C THR B 332 -20.70 -18.20 27.63
N VAL B 333 -20.23 -17.32 26.75
CA VAL B 333 -19.09 -17.68 25.90
C VAL B 333 -18.33 -16.41 25.52
N TYR B 334 -17.00 -16.49 25.62
CA TYR B 334 -16.14 -15.41 25.16
C TYR B 334 -16.24 -15.29 23.64
N HIS B 335 -16.45 -14.08 23.14
CA HIS B 335 -16.42 -13.84 21.71
C HIS B 335 -15.24 -12.97 21.37
N PRO B 336 -14.25 -13.45 20.61
CA PRO B 336 -13.05 -12.63 20.38
C PRO B 336 -13.32 -11.35 19.61
N GLN B 337 -14.41 -11.27 18.83
CA GLN B 337 -14.69 -10.02 18.13
C GLN B 337 -15.02 -8.89 19.12
N SER B 338 -15.88 -9.16 20.10
CA SER B 338 -16.23 -8.16 21.10
C SER B 338 -15.28 -8.16 22.30
N ARG B 339 -14.53 -9.25 22.51
CA ARG B 339 -13.65 -9.44 23.66
C ARG B 339 -14.42 -9.51 24.96
N LYS B 340 -15.68 -9.93 24.90
N LYS B 340 -15.69 -9.86 24.89
CA LYS B 340 -16.57 -9.96 26.04
CA LYS B 340 -16.55 -9.98 26.06
C LYS B 340 -17.11 -11.37 26.22
C LYS B 340 -16.96 -11.43 26.23
N VAL B 341 -17.26 -11.80 27.48
CA VAL B 341 -17.95 -13.04 27.77
C VAL B 341 -19.44 -12.76 27.55
N GLU B 342 -19.93 -13.14 26.38
CA GLU B 342 -21.28 -12.84 25.97
C GLU B 342 -22.26 -13.81 26.62
N GLN B 343 -23.47 -13.31 26.83
N GLN B 343 -23.50 -13.34 26.79
CA GLN B 343 -24.61 -14.11 27.25
CA GLN B 343 -24.59 -14.19 27.27
C GLN B 343 -25.70 -13.90 26.22
C GLN B 343 -25.82 -13.96 26.38
N TYR B 344 -26.17 -14.98 25.61
CA TYR B 344 -27.25 -14.88 24.64
C TYR B 344 -27.85 -16.26 24.41
N GLU B 345 -29.10 -16.27 23.97
CA GLU B 345 -29.77 -17.50 23.56
C GLU B 345 -29.69 -17.64 22.05
N VAL B 346 -29.40 -18.87 21.59
CA VAL B 346 -29.15 -19.14 20.19
C VAL B 346 -29.92 -20.39 19.80
N THR B 347 -30.49 -20.37 18.60
CA THR B 347 -31.12 -21.56 18.05
C THR B 347 -30.06 -22.62 17.76
N ASP B 348 -30.55 -23.84 17.55
CA ASP B 348 -29.66 -24.99 17.36
C ASP B 348 -29.14 -25.01 15.93
N PRO B 349 -27.82 -25.01 15.71
CA PRO B 349 -27.34 -25.17 14.32
C PRO B 349 -27.77 -26.48 13.68
N TYR B 350 -28.07 -27.50 14.48
CA TYR B 350 -28.64 -28.75 14.03
C TYR B 350 -30.16 -28.77 14.16
N ALA B 351 -30.80 -27.60 14.19
CA ALA B 351 -32.25 -27.58 14.25
C ALA B 351 -32.84 -28.36 13.08
N HIS B 352 -33.89 -29.13 13.35
CA HIS B 352 -34.68 -29.78 12.31
C HIS B 352 -36.10 -29.28 12.25
N SER B 353 -36.50 -28.40 13.16
CA SER B 353 -37.78 -27.71 13.09
C SER B 353 -37.61 -26.38 13.80
N LEU B 354 -38.46 -25.40 13.46
CA LEU B 354 -38.31 -24.03 13.92
C LEU B 354 -39.68 -23.41 14.15
N SER B 355 -39.71 -22.41 15.03
CA SER B 355 -40.87 -21.51 15.10
C SER B 355 -40.87 -20.53 13.94
N THR B 356 -41.92 -19.72 13.86
CA THR B 356 -42.03 -18.73 12.80
C THR B 356 -40.83 -17.79 12.80
N ASN B 357 -40.23 -17.59 11.62
CA ASN B 357 -39.09 -16.70 11.46
C ASN B 357 -37.85 -17.18 12.19
N SER B 358 -37.81 -18.46 12.56
CA SER B 358 -36.63 -19.14 13.06
C SER B 358 -36.20 -18.65 14.44
N GLU B 359 -37.10 -18.09 15.23
CA GLU B 359 -36.70 -17.52 16.51
C GLU B 359 -36.33 -18.58 17.55
N TYR B 360 -36.99 -19.74 17.50
CA TYR B 360 -36.76 -20.84 18.41
C TYR B 360 -36.61 -22.11 17.61
N SER B 361 -35.73 -23.00 18.04
N SER B 361 -35.74 -23.01 18.07
CA SER B 361 -35.71 -24.35 17.48
CA SER B 361 -35.73 -24.34 17.51
C SER B 361 -36.74 -25.23 18.17
C SER B 361 -36.86 -25.16 18.11
N GLN B 362 -37.08 -26.35 17.55
CA GLN B 362 -38.16 -27.20 18.01
C GLN B 362 -37.75 -28.67 17.93
N VAL B 363 -38.11 -29.42 18.97
CA VAL B 363 -37.80 -30.85 19.04
C VAL B 363 -38.70 -31.61 18.09
N VAL B 364 -38.11 -32.36 17.16
CA VAL B 364 -38.87 -33.13 16.19
C VAL B 364 -38.19 -34.47 15.91
N ASP B 365 -38.99 -35.48 15.61
CA ASP B 365 -38.53 -36.75 15.05
C ASP B 365 -39.04 -36.79 13.61
N LEU B 366 -38.14 -36.55 12.65
CA LEU B 366 -38.53 -36.52 11.24
C LEU B 366 -39.10 -37.85 10.75
N ASN B 367 -38.82 -38.96 11.46
CA ASN B 367 -39.39 -40.26 11.09
C ASN B 367 -40.87 -40.38 11.38
N ASP B 368 -41.44 -39.45 12.14
CA ASP B 368 -42.81 -39.58 12.60
C ASP B 368 -43.79 -39.61 11.42
N SER B 369 -44.70 -40.58 11.45
CA SER B 369 -45.66 -40.74 10.36
C SER B 369 -46.56 -39.52 10.20
N ALA B 370 -46.80 -38.77 11.28
CA ALA B 370 -47.63 -37.57 11.17
C ALA B 370 -46.97 -36.48 10.34
N LEU B 371 -45.67 -36.58 10.09
CA LEU B 371 -44.97 -35.58 9.31
C LEU B 371 -44.73 -36.03 7.87
N LYS B 372 -45.42 -37.08 7.43
CA LYS B 372 -45.20 -37.66 6.11
C LYS B 372 -46.51 -37.72 5.34
N PRO B 373 -46.50 -37.35 4.05
CA PRO B 373 -47.67 -37.62 3.22
C PRO B 373 -47.86 -39.12 3.05
N GLU B 374 -49.08 -39.50 2.69
N GLU B 374 -49.08 -39.50 2.69
CA GLU B 374 -49.40 -40.91 2.50
CA GLU B 374 -49.39 -40.91 2.51
C GLU B 374 -48.47 -41.51 1.45
C GLU B 374 -48.48 -41.52 1.45
N GLY B 375 -47.91 -42.67 1.77
CA GLY B 375 -47.03 -43.35 0.85
C GLY B 375 -45.61 -42.84 0.78
N TRP B 376 -45.24 -41.89 1.65
CA TRP B 376 -43.91 -41.27 1.59
C TRP B 376 -42.77 -42.28 1.59
N ASP B 377 -42.83 -43.27 2.48
CA ASP B 377 -41.69 -44.16 2.67
C ASP B 377 -41.38 -44.94 1.40
N GLY B 378 -42.39 -45.16 0.55
CA GLY B 378 -42.19 -45.87 -0.70
C GLY B 378 -41.84 -45.02 -1.90
N LEU B 379 -41.63 -43.71 -1.73
CA LEU B 379 -41.33 -42.83 -2.84
C LEU B 379 -40.02 -43.22 -3.49
N THR B 380 -40.05 -43.41 -4.81
CA THR B 380 -38.87 -43.80 -5.57
C THR B 380 -38.44 -42.66 -6.49
N MET B 381 -37.17 -42.68 -6.82
CA MET B 381 -36.59 -41.73 -7.76
C MET B 381 -37.03 -42.09 -9.18
N PRO B 382 -37.73 -41.22 -9.92
CA PRO B 382 -38.26 -41.62 -11.24
C PRO B 382 -37.20 -41.78 -12.32
N HIS B 383 -36.03 -41.18 -12.18
CA HIS B 383 -34.98 -41.30 -13.18
C HIS B 383 -33.74 -41.89 -12.55
N ALA B 384 -33.15 -42.87 -13.23
CA ALA B 384 -31.97 -43.52 -12.69
C ALA B 384 -30.79 -42.56 -12.67
N GLN B 385 -29.91 -42.76 -11.69
CA GLN B 385 -28.68 -42.00 -11.52
C GLN B 385 -27.51 -42.92 -11.19
N LYS B 386 -27.57 -44.20 -11.57
CA LYS B 386 -26.56 -45.15 -11.12
C LYS B 386 -25.31 -45.13 -12.00
N THR B 387 -25.50 -45.32 -13.32
CA THR B 387 -24.38 -45.37 -14.23
C THR B 387 -24.11 -44.00 -14.84
N LYS B 388 -22.96 -43.85 -15.48
CA LYS B 388 -22.68 -42.59 -16.15
C LYS B 388 -23.68 -42.33 -17.28
N ALA B 389 -24.09 -43.37 -18.00
CA ALA B 389 -25.14 -43.20 -19.01
C ALA B 389 -26.43 -42.72 -18.39
N ASP B 390 -26.77 -43.23 -17.20
CA ASP B 390 -27.97 -42.74 -16.49
C ASP B 390 -27.83 -41.26 -16.18
N LEU B 391 -26.69 -40.87 -15.61
CA LEU B 391 -26.50 -39.49 -15.18
C LEU B 391 -26.53 -38.55 -16.36
N ALA B 392 -25.97 -38.96 -17.51
CA ALA B 392 -25.89 -38.07 -18.65
C ALA B 392 -27.25 -37.66 -19.17
N LYS B 393 -28.29 -38.45 -18.89
CA LYS B 393 -29.64 -38.07 -19.30
C LYS B 393 -30.20 -36.92 -18.49
N MET B 394 -29.55 -36.55 -17.39
CA MET B 394 -30.05 -35.48 -16.52
C MET B 394 -30.28 -34.19 -17.32
N THR B 395 -31.49 -33.65 -17.20
CA THR B 395 -31.92 -32.47 -17.93
C THR B 395 -32.68 -31.63 -16.90
N ILE B 396 -32.05 -30.55 -16.46
CA ILE B 396 -32.43 -29.85 -15.23
C ILE B 396 -33.19 -28.57 -15.54
N HIS B 397 -34.25 -28.32 -14.76
CA HIS B 397 -35.09 -27.11 -14.85
C HIS B 397 -34.92 -26.39 -13.51
N GLU B 398 -34.14 -25.31 -13.50
CA GLU B 398 -33.77 -24.58 -12.28
C GLU B 398 -34.88 -23.61 -11.91
N SER B 399 -35.54 -23.87 -10.78
CA SER B 399 -36.81 -23.24 -10.42
C SER B 399 -36.78 -22.63 -9.03
N HIS B 400 -37.70 -21.70 -8.80
CA HIS B 400 -37.83 -20.99 -7.52
C HIS B 400 -39.30 -21.03 -7.11
N ILE B 401 -39.54 -21.20 -5.79
CA ILE B 401 -40.90 -21.43 -5.30
C ILE B 401 -41.84 -20.29 -5.67
N ARG B 402 -41.40 -19.03 -5.54
CA ARG B 402 -42.30 -17.94 -5.95
C ARG B 402 -42.33 -17.78 -7.46
N ASP B 403 -41.20 -17.92 -8.14
CA ASP B 403 -41.22 -17.74 -9.59
C ASP B 403 -42.20 -18.72 -10.22
N LEU B 404 -42.36 -19.92 -9.66
CA LEU B 404 -43.31 -20.89 -10.21
C LEU B 404 -44.76 -20.39 -10.12
N SER B 405 -45.20 -19.95 -8.93
CA SER B 405 -46.63 -19.81 -8.71
C SER B 405 -47.13 -18.44 -8.29
N ALA B 406 -46.25 -17.46 -8.06
CA ALA B 406 -46.69 -16.19 -7.51
C ALA B 406 -47.68 -15.48 -8.41
N TRP B 407 -47.61 -15.70 -9.72
CA TRP B 407 -48.46 -15.01 -10.69
C TRP B 407 -49.58 -15.89 -11.24
N ASP B 408 -49.62 -17.16 -10.87
CA ASP B 408 -50.54 -18.08 -11.53
C ASP B 408 -51.91 -18.00 -10.89
N GLN B 409 -52.85 -17.33 -11.57
CA GLN B 409 -54.21 -17.19 -11.07
C GLN B 409 -54.98 -18.50 -11.08
N THR B 410 -54.46 -19.55 -11.72
CA THR B 410 -55.07 -20.87 -11.69
C THR B 410 -54.51 -21.74 -10.57
N VAL B 411 -53.51 -21.26 -9.83
CA VAL B 411 -53.14 -21.88 -8.56
C VAL B 411 -54.05 -21.26 -7.52
N PRO B 412 -54.66 -22.03 -6.61
CA PRO B 412 -55.47 -21.44 -5.54
C PRO B 412 -54.66 -20.39 -4.78
N ALA B 413 -55.35 -19.30 -4.44
CA ALA B 413 -54.67 -18.12 -3.91
C ALA B 413 -53.81 -18.47 -2.72
N GLU B 414 -54.30 -19.34 -1.83
CA GLU B 414 -53.57 -19.67 -0.61
C GLU B 414 -52.32 -20.48 -0.85
N LEU B 415 -52.14 -21.01 -2.06
CA LEU B 415 -50.96 -21.79 -2.40
C LEU B 415 -49.95 -21.03 -3.26
N ARG B 416 -50.26 -19.81 -3.66
CA ARG B 416 -49.33 -19.06 -4.50
C ARG B 416 -48.08 -18.71 -3.69
N GLY B 417 -46.92 -19.05 -4.27
CA GLY B 417 -45.67 -18.85 -3.56
C GLY B 417 -45.35 -19.88 -2.51
N LYS B 418 -46.03 -21.03 -2.55
CA LYS B 418 -45.89 -22.05 -1.52
C LYS B 418 -45.44 -23.37 -2.13
N TYR B 419 -44.75 -24.19 -1.31
CA TYR B 419 -44.41 -25.56 -1.73
C TYR B 419 -45.63 -26.27 -2.31
N LEU B 420 -46.79 -26.10 -1.68
CA LEU B 420 -47.97 -26.87 -2.06
C LEU B 420 -48.54 -26.49 -3.43
N ALA B 421 -48.08 -25.40 -4.04
CA ALA B 421 -48.56 -25.08 -5.38
C ALA B 421 -48.26 -26.22 -6.36
N LEU B 422 -47.21 -26.98 -6.10
CA LEU B 422 -46.87 -28.10 -6.98
C LEU B 422 -47.91 -29.19 -6.98
N THR B 423 -48.83 -29.19 -6.01
CA THR B 423 -49.92 -30.17 -5.96
C THR B 423 -51.16 -29.72 -6.70
N ALA B 424 -51.20 -28.49 -7.22
CA ALA B 424 -52.37 -27.95 -7.88
C ALA B 424 -52.39 -28.43 -9.33
N GLN B 425 -52.85 -29.68 -9.50
CA GLN B 425 -52.82 -30.32 -10.82
C GLN B 425 -53.66 -29.59 -11.85
N GLU B 426 -54.62 -28.78 -11.40
CA GLU B 426 -55.49 -28.02 -12.30
C GLU B 426 -54.83 -26.76 -12.84
N SER B 427 -53.65 -26.39 -12.34
CA SER B 427 -53.08 -25.09 -12.64
C SER B 427 -52.27 -25.12 -13.94
N ASN B 428 -52.19 -23.95 -14.56
CA ASN B 428 -51.33 -23.76 -15.72
C ASN B 428 -49.89 -24.15 -15.41
N MET B 429 -49.36 -23.70 -14.27
CA MET B 429 -47.97 -23.98 -13.96
C MET B 429 -47.71 -25.48 -13.87
N VAL B 430 -48.54 -26.19 -13.09
CA VAL B 430 -48.30 -27.61 -12.90
C VAL B 430 -48.50 -28.39 -14.18
N GLN B 431 -49.52 -28.03 -14.96
CA GLN B 431 -49.72 -28.72 -16.24
C GLN B 431 -48.55 -28.46 -17.19
N HIS B 432 -47.98 -27.25 -17.13
CA HIS B 432 -46.82 -26.92 -17.95
C HIS B 432 -45.63 -27.77 -17.54
N LEU B 433 -45.36 -27.88 -16.24
CA LEU B 433 -44.26 -28.73 -15.76
C LEU B 433 -44.49 -30.19 -16.13
N LYS B 434 -45.74 -30.65 -16.04
N LYS B 434 -45.74 -30.65 -16.01
CA LYS B 434 -46.05 -32.03 -16.40
CA LYS B 434 -46.07 -32.03 -16.36
C LYS B 434 -45.74 -32.29 -17.87
C LYS B 434 -45.73 -32.31 -17.82
N GLN B 435 -46.05 -31.31 -18.74
N GLN B 435 -46.05 -31.37 -18.71
CA GLN B 435 -45.75 -31.47 -20.16
CA GLN B 435 -45.72 -31.55 -20.12
C GLN B 435 -44.24 -31.41 -20.43
C GLN B 435 -44.22 -31.48 -20.37
N LEU B 436 -43.52 -30.55 -19.70
CA LEU B 436 -42.06 -30.52 -19.83
C LEU B 436 -41.43 -31.86 -19.45
N SER B 437 -41.93 -32.46 -18.35
CA SER B 437 -41.44 -33.76 -17.93
C SER B 437 -41.74 -34.82 -18.98
N ALA B 438 -42.96 -34.83 -19.50
CA ALA B 438 -43.33 -35.82 -20.51
C ALA B 438 -42.43 -35.70 -21.74
N SER B 439 -41.97 -34.49 -22.04
N SER B 439 -41.97 -34.49 -22.05
CA SER B 439 -41.15 -34.19 -23.20
CA SER B 439 -41.13 -34.29 -23.23
C SER B 439 -39.65 -34.36 -22.92
C SER B 439 -39.65 -34.47 -22.94
N GLY B 440 -39.25 -34.68 -21.70
CA GLY B 440 -37.85 -34.96 -21.44
C GLY B 440 -37.07 -34.07 -20.49
N VAL B 441 -37.72 -33.12 -19.81
CA VAL B 441 -37.08 -32.54 -18.63
C VAL B 441 -37.14 -33.58 -17.53
N THR B 442 -35.99 -33.89 -16.90
CA THR B 442 -35.93 -34.99 -15.95
C THR B 442 -35.80 -34.56 -14.49
N HIS B 443 -35.27 -33.37 -14.21
CA HIS B 443 -34.98 -32.96 -12.84
C HIS B 443 -35.47 -31.54 -12.63
N ILE B 444 -36.07 -31.29 -11.47
CA ILE B 444 -36.30 -29.92 -10.97
C ILE B 444 -35.19 -29.62 -9.98
N GLU B 445 -34.50 -28.50 -10.18
CA GLU B 445 -33.53 -28.01 -9.20
C GLU B 445 -34.15 -26.81 -8.50
N LEU B 446 -34.17 -26.86 -7.17
CA LEU B 446 -34.85 -25.84 -6.37
C LEU B 446 -33.83 -24.84 -5.84
N LEU B 447 -34.05 -23.57 -6.17
CA LEU B 447 -33.34 -22.51 -5.47
C LEU B 447 -33.64 -22.64 -3.98
N PRO B 448 -32.80 -22.06 -3.15
CA PRO B 448 -32.86 -22.29 -1.69
C PRO B 448 -34.21 -22.55 -1.05
N VAL B 449 -34.36 -23.77 -0.54
CA VAL B 449 -35.52 -24.15 0.25
C VAL B 449 -35.16 -24.63 1.65
N PHE B 450 -33.88 -24.57 2.03
CA PHE B 450 -33.53 -24.56 3.44
C PHE B 450 -33.96 -23.22 4.03
N ASP B 451 -33.74 -23.05 5.33
CA ASP B 451 -34.26 -21.86 6.01
C ASP B 451 -33.42 -20.63 5.67
N LEU B 452 -33.95 -19.77 4.83
N LEU B 452 -34.05 -19.73 4.91
CA LEU B 452 -33.26 -18.53 4.50
CA LEU B 452 -33.54 -18.44 4.50
C LEU B 452 -33.65 -17.44 5.50
C LEU B 452 -33.65 -17.44 5.65
N ALA B 453 -32.81 -16.41 5.59
CA ALA B 453 -32.94 -15.33 6.57
C ALA B 453 -33.70 -14.12 6.05
N THR B 454 -33.69 -13.87 4.74
CA THR B 454 -33.99 -12.56 4.15
C THR B 454 -35.44 -12.37 3.72
N VAL B 455 -36.34 -13.24 4.16
CA VAL B 455 -37.78 -13.01 4.07
C VAL B 455 -38.30 -13.12 5.49
N ASN B 456 -39.15 -12.17 5.89
CA ASN B 456 -39.77 -12.23 7.21
C ASN B 456 -40.91 -13.23 7.16
N GLU B 457 -40.84 -14.26 7.99
CA GLU B 457 -41.87 -15.30 8.00
C GLU B 457 -43.12 -14.91 8.78
N PHE B 458 -43.11 -13.78 9.48
CA PHE B 458 -44.34 -13.25 10.11
C PHE B 458 -45.15 -12.52 9.05
N SER B 459 -46.26 -13.11 8.64
N SER B 459 -46.28 -13.10 8.65
CA SER B 459 -47.02 -12.60 7.50
CA SER B 459 -47.05 -12.57 7.54
C SER B 459 -47.54 -11.18 7.73
C SER B 459 -47.47 -11.13 7.76
N ASP B 460 -47.73 -10.78 8.97
N ASP B 460 -47.79 -10.75 9.00
CA ASP B 460 -48.20 -9.43 9.26
CA ASP B 460 -48.24 -9.39 9.23
C ASP B 460 -47.14 -8.38 9.01
C ASP B 460 -47.13 -8.35 9.10
N LYS B 461 -45.90 -8.79 8.83
CA LYS B 461 -44.80 -7.87 8.61
C LYS B 461 -44.43 -7.78 7.12
N VAL B 462 -45.21 -8.43 6.30
CA VAL B 462 -44.89 -8.56 4.88
C VAL B 462 -46.02 -7.96 4.06
N ALA B 463 -45.65 -7.33 2.94
CA ALA B 463 -46.62 -6.87 1.95
C ALA B 463 -46.14 -7.28 0.58
N ASP B 464 -47.03 -7.91 -0.18
CA ASP B 464 -46.70 -8.32 -1.53
C ASP B 464 -47.48 -7.48 -2.55
N ILE B 465 -47.03 -7.54 -3.80
CA ILE B 465 -47.54 -6.58 -4.77
C ILE B 465 -49.00 -6.81 -5.11
N GLN B 466 -49.53 -8.01 -4.85
CA GLN B 466 -50.93 -8.31 -5.08
C GLN B 466 -51.85 -7.69 -4.03
N GLN B 467 -51.29 -7.11 -2.98
CA GLN B 467 -52.04 -6.58 -1.85
C GLN B 467 -52.16 -5.06 -1.94
N PRO B 468 -53.08 -4.47 -1.17
CA PRO B 468 -53.27 -3.01 -1.24
C PRO B 468 -52.00 -2.24 -0.95
N PHE B 469 -51.83 -1.12 -1.66
CA PHE B 469 -50.77 -0.19 -1.34
C PHE B 469 -50.84 0.26 0.12
N SER B 470 -52.06 0.37 0.67
CA SER B 470 -52.20 0.75 2.07
C SER B 470 -51.49 -0.25 2.98
N ARG B 471 -51.49 -1.53 2.63
CA ARG B 471 -50.77 -2.52 3.43
C ARG B 471 -49.27 -2.28 3.34
N LEU B 472 -48.77 -2.02 2.13
CA LEU B 472 -47.35 -1.72 1.95
C LEU B 472 -46.93 -0.56 2.84
N CYS B 473 -47.71 0.48 2.87
CA CYS B 473 -47.38 1.62 3.70
C CYS B 473 -47.36 1.30 5.18
N GLU B 474 -48.24 0.45 5.62
N GLU B 474 -48.28 0.45 5.60
CA GLU B 474 -48.27 0.16 7.05
CA GLU B 474 -48.35 0.05 7.00
C GLU B 474 -47.19 -0.82 7.50
C GLU B 474 -47.07 -0.67 7.44
N VAL B 475 -46.54 -1.54 6.59
CA VAL B 475 -45.41 -2.40 6.95
C VAL B 475 -44.07 -1.84 6.56
N ASN B 476 -44.02 -0.80 5.72
CA ASN B 476 -42.78 -0.33 5.12
C ASN B 476 -42.71 1.18 5.29
N SER B 477 -41.96 1.65 6.28
CA SER B 477 -41.86 3.08 6.52
C SER B 477 -41.06 3.80 5.45
N ALA B 478 -40.16 3.10 4.76
CA ALA B 478 -39.46 3.73 3.65
C ALA B 478 -40.44 4.12 2.54
N VAL B 479 -41.41 3.27 2.24
CA VAL B 479 -42.43 3.65 1.25
C VAL B 479 -43.23 4.84 1.76
N LYS B 480 -43.65 4.79 3.03
CA LYS B 480 -44.51 5.83 3.56
C LYS B 480 -43.79 7.17 3.66
N SER B 481 -42.46 7.19 3.64
N SER B 481 -42.47 7.18 3.64
CA SER B 481 -41.72 8.44 3.65
CA SER B 481 -41.69 8.41 3.65
C SER B 481 -41.15 8.79 2.28
C SER B 481 -41.15 8.79 2.28
N SER B 482 -41.51 8.05 1.24
CA SER B 482 -40.98 8.24 -0.11
C SER B 482 -41.87 9.13 -0.96
N GLU B 483 -41.42 9.35 -2.19
CA GLU B 483 -42.19 10.06 -3.20
C GLU B 483 -43.46 9.32 -3.58
N PHE B 484 -43.61 8.05 -3.19
CA PHE B 484 -44.79 7.26 -3.49
C PHE B 484 -45.84 7.30 -2.38
N ALA B 485 -45.62 8.10 -1.34
CA ALA B 485 -46.50 8.10 -0.18
C ALA B 485 -47.93 8.49 -0.54
N GLY B 486 -48.12 9.26 -1.61
CA GLY B 486 -49.45 9.63 -2.03
C GLY B 486 -50.32 8.46 -2.45
N TYR B 487 -49.71 7.30 -2.71
CA TYR B 487 -50.48 6.11 -3.04
C TYR B 487 -50.98 5.37 -1.81
N CYS B 488 -50.50 5.77 -0.63
CA CYS B 488 -50.87 5.12 0.63
C CYS B 488 -52.38 4.97 0.84
N ASP B 489 -53.12 6.05 0.64
CA ASP B 489 -54.56 6.04 0.85
C ASP B 489 -55.33 5.96 -0.48
N SER B 490 -54.67 5.50 -1.55
N SER B 490 -54.70 5.39 -1.52
CA SER B 490 -55.39 5.09 -2.73
CA SER B 490 -55.18 5.54 -2.90
C SER B 490 -56.10 3.76 -2.46
C SER B 490 -56.25 4.54 -3.31
N GLY B 491 -56.95 3.37 -3.38
N GLY B 491 -56.24 3.32 -2.77
CA GLY B 491 -57.50 2.04 -3.34
CA GLY B 491 -57.22 2.30 -3.13
C GLY B 491 -56.75 1.07 -4.22
C GLY B 491 -56.77 1.30 -4.19
N SER B 492 -55.54 1.42 -4.67
CA SER B 492 -54.89 0.53 -5.63
C SER B 492 -54.03 -0.51 -4.92
N THR B 493 -53.83 -1.65 -5.59
CA THR B 493 -52.80 -2.58 -5.15
C THR B 493 -51.44 -2.10 -5.64
N VAL B 494 -50.39 -2.66 -5.06
CA VAL B 494 -49.05 -2.25 -5.47
C VAL B 494 -48.82 -2.56 -6.95
N GLU B 495 -49.25 -3.73 -7.41
N GLU B 495 -49.25 -3.73 -7.39
CA GLU B 495 -49.03 -4.09 -8.81
CA GLU B 495 -49.08 -4.12 -8.79
C GLU B 495 -49.85 -3.21 -9.75
C GLU B 495 -49.83 -3.17 -9.72
N GLU B 496 -51.02 -2.72 -9.31
CA GLU B 496 -51.75 -1.76 -10.13
C GLU B 496 -50.98 -0.46 -10.27
N VAL B 497 -50.33 0.00 -9.19
CA VAL B 497 -49.51 1.20 -9.27
C VAL B 497 -48.32 0.98 -10.19
N LEU B 498 -47.61 -0.12 -10.00
CA LEU B 498 -46.47 -0.43 -10.87
C LEU B 498 -46.88 -0.46 -12.32
N THR B 499 -48.06 -1.03 -12.61
CA THR B 499 -48.53 -1.10 -13.99
C THR B 499 -48.73 0.29 -14.58
N GLN B 500 -49.35 1.20 -13.83
CA GLN B 500 -49.57 2.55 -14.33
C GLN B 500 -48.27 3.32 -14.49
N LEU B 501 -47.22 2.95 -13.77
CA LEU B 501 -45.92 3.61 -13.88
C LEU B 501 -45.15 3.21 -15.14
N LYS B 502 -45.59 2.18 -15.87
N LYS B 502 -45.56 2.15 -15.84
CA LYS B 502 -44.78 1.65 -16.98
CA LYS B 502 -44.78 1.66 -16.97
C LYS B 502 -44.70 2.62 -18.15
C LYS B 502 -44.67 2.69 -18.08
N GLN B 503 -45.77 3.35 -18.44
CA GLN B 503 -45.79 4.17 -19.65
C GLN B 503 -44.75 5.28 -19.61
N ASN B 504 -44.64 5.97 -18.47
CA ASN B 504 -43.70 7.06 -18.30
C ASN B 504 -42.35 6.59 -17.72
N ASP B 505 -42.13 5.28 -17.63
CA ASP B 505 -40.85 4.75 -17.17
C ASP B 505 -39.87 4.73 -18.34
N SER B 506 -38.64 5.21 -18.10
CA SER B 506 -37.56 5.10 -19.07
C SER B 506 -36.24 5.34 -18.34
N LYS B 507 -35.14 5.35 -19.11
CA LYS B 507 -33.84 5.59 -18.50
C LYS B 507 -33.78 6.93 -17.77
N ASP B 508 -34.53 7.93 -18.23
CA ASP B 508 -34.54 9.22 -17.58
C ASP B 508 -35.48 9.28 -16.40
N ASN B 509 -36.36 8.28 -16.25
CA ASN B 509 -37.33 8.24 -15.16
C ASN B 509 -37.60 6.79 -14.81
N PRO B 510 -36.64 6.12 -14.12
CA PRO B 510 -36.79 4.67 -13.82
C PRO B 510 -37.65 4.46 -12.59
N GLN B 511 -38.93 4.83 -12.74
CA GLN B 511 -39.84 4.90 -11.60
C GLN B 511 -40.39 3.52 -11.19
N VAL B 512 -40.52 2.58 -12.12
CA VAL B 512 -40.93 1.23 -11.74
C VAL B 512 -39.95 0.64 -10.74
N GLN B 513 -38.65 0.64 -11.08
CA GLN B 513 -37.68 0.08 -10.14
C GLN B 513 -37.54 0.96 -8.90
N ALA B 514 -37.80 2.27 -8.99
CA ALA B 514 -37.72 3.11 -7.81
C ALA B 514 -38.71 2.63 -6.75
N LEU B 515 -39.95 2.38 -7.16
CA LEU B 515 -40.91 1.84 -6.21
C LEU B 515 -40.56 0.42 -5.83
N ASN B 516 -40.20 -0.40 -6.82
CA ASN B 516 -39.99 -1.81 -6.55
C ASN B 516 -38.83 -2.05 -5.61
N THR B 517 -37.80 -1.20 -5.66
CA THR B 517 -36.67 -1.34 -4.75
C THR B 517 -37.10 -1.18 -3.32
N LEU B 518 -38.08 -0.30 -3.07
CA LEU B 518 -38.61 -0.15 -1.72
C LEU B 518 -39.46 -1.36 -1.34
N VAL B 519 -40.33 -1.81 -2.26
CA VAL B 519 -41.16 -2.99 -2.06
C VAL B 519 -40.32 -4.17 -1.62
N ALA B 520 -39.13 -4.32 -2.21
CA ALA B 520 -38.28 -5.47 -1.97
C ALA B 520 -37.91 -5.63 -0.50
N GLN B 521 -37.92 -4.54 0.26
CA GLN B 521 -37.48 -4.62 1.66
C GLN B 521 -38.43 -5.43 2.51
N THR B 522 -39.71 -5.51 2.13
CA THR B 522 -40.74 -6.07 2.99
C THR B 522 -41.63 -7.05 2.26
N ASP B 523 -41.22 -7.54 1.08
CA ASP B 523 -42.04 -8.51 0.37
C ASP B 523 -41.62 -9.94 0.73
N SER B 524 -42.25 -10.91 0.06
CA SER B 524 -41.98 -12.32 0.27
C SER B 524 -40.85 -12.87 -0.59
N TYR B 525 -40.15 -12.02 -1.35
CA TYR B 525 -39.30 -12.47 -2.44
C TYR B 525 -37.81 -12.38 -2.09
N ASN B 526 -37.11 -13.51 -2.23
CA ASN B 526 -35.65 -13.50 -2.29
C ASN B 526 -35.22 -14.84 -2.88
N TRP B 527 -34.15 -14.85 -3.67
CA TRP B 527 -33.58 -16.13 -4.08
C TRP B 527 -33.27 -17.00 -2.87
N GLY B 528 -32.76 -16.40 -1.81
CA GLY B 528 -32.51 -17.10 -0.58
C GLY B 528 -31.12 -17.65 -0.38
N TYR B 529 -30.10 -17.09 -1.03
CA TYR B 529 -28.71 -17.52 -0.80
C TYR B 529 -28.19 -16.90 0.50
N ASP B 530 -28.98 -17.05 1.57
N ASP B 530 -28.95 -17.07 1.58
CA ASP B 530 -28.77 -16.34 2.83
CA ASP B 530 -28.74 -16.34 2.83
C ASP B 530 -29.12 -17.32 3.96
C ASP B 530 -29.10 -17.29 3.97
N PRO B 531 -28.24 -18.27 4.23
CA PRO B 531 -28.63 -19.38 5.12
C PRO B 531 -28.75 -18.95 6.57
N PHE B 532 -29.90 -19.28 7.16
CA PHE B 532 -30.16 -19.11 8.58
C PHE B 532 -30.02 -20.45 9.30
N HIS B 533 -30.72 -21.49 8.84
CA HIS B 533 -30.53 -22.86 9.32
C HIS B 533 -30.42 -23.80 8.14
N TYR B 534 -29.38 -24.63 8.14
CA TYR B 534 -29.07 -25.44 6.97
C TYR B 534 -30.01 -26.64 6.78
N THR B 535 -30.72 -27.06 7.82
CA THR B 535 -31.36 -28.37 7.77
C THR B 535 -32.81 -28.32 8.23
N VAL B 536 -33.47 -27.20 7.96
CA VAL B 536 -34.92 -27.05 8.15
C VAL B 536 -35.45 -26.41 6.86
N PRO B 537 -36.62 -26.81 6.37
CA PRO B 537 -37.21 -26.09 5.24
C PRO B 537 -37.49 -24.63 5.59
N GLU B 538 -37.45 -23.78 4.56
CA GLU B 538 -37.83 -22.39 4.71
C GLU B 538 -39.31 -22.28 5.11
N GLY B 539 -39.59 -21.37 6.05
CA GLY B 539 -40.95 -21.25 6.57
C GLY B 539 -41.91 -20.44 5.71
N SER B 540 -41.43 -19.43 4.98
CA SER B 540 -42.36 -18.58 4.25
C SER B 540 -43.01 -19.31 3.08
N TYR B 541 -42.41 -20.42 2.63
CA TYR B 541 -42.98 -21.22 1.57
C TYR B 541 -44.01 -22.22 2.08
N ALA B 542 -44.23 -22.29 3.39
CA ALA B 542 -45.24 -23.13 3.99
C ALA B 542 -46.50 -22.29 4.22
N THR B 543 -47.65 -22.94 4.24
CA THR B 543 -48.87 -22.21 4.56
C THR B 543 -48.91 -21.82 6.03
N ASP B 544 -48.23 -22.59 6.88
CA ASP B 544 -48.15 -22.29 8.31
C ASP B 544 -46.69 -22.40 8.72
N PRO B 545 -46.00 -21.28 8.95
CA PRO B 545 -44.59 -21.33 9.31
C PRO B 545 -44.33 -21.65 10.77
N GLU B 546 -45.35 -21.84 11.60
CA GLU B 546 -45.14 -22.06 13.02
C GLU B 546 -44.98 -23.56 13.29
N GLY B 547 -43.76 -23.99 13.61
CA GLY B 547 -43.55 -25.34 14.08
C GLY B 547 -43.40 -26.38 12.98
N THR B 548 -43.87 -27.61 13.21
CA THR B 548 -43.52 -28.71 12.32
C THR B 548 -44.30 -28.73 11.01
N ALA B 549 -45.33 -27.91 10.85
CA ALA B 549 -46.23 -28.04 9.70
C ALA B 549 -45.49 -27.99 8.36
N ARG B 550 -44.46 -27.14 8.24
CA ARG B 550 -43.74 -27.01 6.98
C ARG B 550 -43.08 -28.31 6.54
N ILE B 551 -42.78 -29.21 7.48
CA ILE B 551 -42.05 -30.43 7.14
C ILE B 551 -42.90 -31.32 6.25
N LYS B 552 -44.17 -31.53 6.63
CA LYS B 552 -45.05 -32.36 5.81
C LYS B 552 -45.39 -31.67 4.49
N GLU B 553 -45.55 -30.34 4.50
CA GLU B 553 -45.82 -29.63 3.26
C GLU B 553 -44.65 -29.75 2.29
N PHE B 554 -43.43 -29.60 2.79
CA PHE B 554 -42.25 -29.76 1.94
C PHE B 554 -42.21 -31.16 1.34
N ARG B 555 -42.42 -32.18 2.17
CA ARG B 555 -42.46 -33.55 1.68
C ARG B 555 -43.57 -33.77 0.67
N THR B 556 -44.73 -33.16 0.88
CA THR B 556 -45.81 -33.32 -0.07
C THR B 556 -45.41 -32.77 -1.44
N MET B 557 -44.65 -31.68 -1.45
CA MET B 557 -44.14 -31.13 -2.70
C MET B 557 -43.15 -32.08 -3.35
N ILE B 558 -42.19 -32.59 -2.57
CA ILE B 558 -41.19 -33.51 -3.14
C ILE B 558 -41.89 -34.72 -3.74
N GLN B 559 -42.87 -35.26 -3.02
CA GLN B 559 -43.63 -36.40 -3.51
C GLN B 559 -44.38 -36.05 -4.79
N ALA B 560 -44.99 -34.87 -4.84
CA ALA B 560 -45.70 -34.47 -6.05
C ALA B 560 -44.76 -34.37 -7.24
N ILE B 561 -43.57 -33.78 -7.05
CA ILE B 561 -42.64 -33.64 -8.16
C ILE B 561 -42.19 -35.01 -8.66
N LYS B 562 -41.80 -35.89 -7.73
CA LYS B 562 -41.21 -37.17 -8.12
C LYS B 562 -42.27 -38.17 -8.58
N GLN B 563 -43.38 -38.28 -7.85
CA GLN B 563 -44.39 -39.29 -8.11
C GLN B 563 -45.39 -38.84 -9.17
N ASP B 564 -45.82 -37.58 -9.13
CA ASP B 564 -46.87 -37.11 -10.03
C ASP B 564 -46.35 -36.34 -11.24
N LEU B 565 -45.25 -35.61 -11.11
CA LEU B 565 -44.66 -34.95 -12.26
C LEU B 565 -43.54 -35.75 -12.90
N GLY B 566 -43.07 -36.79 -12.23
CA GLY B 566 -42.09 -37.69 -12.82
C GLY B 566 -40.68 -37.15 -12.91
N MET B 567 -40.30 -36.20 -12.06
CA MET B 567 -38.98 -35.61 -12.12
C MET B 567 -38.22 -35.84 -10.82
N ASN B 568 -36.91 -36.03 -10.92
CA ASN B 568 -36.04 -36.06 -9.75
C ASN B 568 -35.88 -34.65 -9.20
N VAL B 569 -35.39 -34.54 -7.97
CA VAL B 569 -35.25 -33.25 -7.31
C VAL B 569 -33.79 -33.02 -6.90
N ILE B 570 -33.26 -31.85 -7.26
CA ILE B 570 -31.97 -31.37 -6.80
C ILE B 570 -32.22 -30.17 -5.90
N MET B 571 -31.51 -30.09 -4.78
CA MET B 571 -31.51 -28.90 -3.95
C MET B 571 -30.24 -28.09 -4.14
N ASP B 572 -30.39 -26.78 -4.34
N ASP B 572 -30.39 -26.78 -4.22
CA ASP B 572 -29.28 -25.86 -4.18
CA ASP B 572 -29.30 -25.84 -4.20
C ASP B 572 -28.96 -25.74 -2.70
C ASP B 572 -28.94 -25.69 -2.71
N VAL B 573 -27.68 -25.86 -2.37
CA VAL B 573 -27.23 -25.72 -0.98
C VAL B 573 -26.11 -24.69 -0.93
N VAL B 574 -25.99 -24.02 0.21
CA VAL B 574 -25.17 -22.83 0.34
C VAL B 574 -24.35 -22.92 1.62
N TYR B 575 -23.44 -23.87 1.68
CA TYR B 575 -22.60 -24.10 2.85
C TYR B 575 -21.35 -23.24 2.84
N ASN B 576 -21.13 -22.45 1.78
CA ASN B 576 -19.92 -21.65 1.68
C ASN B 576 -19.96 -20.37 2.50
N HIS B 577 -21.10 -20.01 3.07
CA HIS B 577 -21.18 -18.82 3.90
C HIS B 577 -22.38 -18.96 4.81
N THR B 578 -22.36 -18.17 5.88
CA THR B 578 -23.53 -17.95 6.71
C THR B 578 -24.08 -16.56 6.40
N ASN B 579 -25.31 -16.31 6.87
CA ASN B 579 -25.90 -15.01 6.61
C ASN B 579 -25.25 -13.90 7.43
N ALA B 580 -24.69 -14.24 8.59
CA ALA B 580 -24.09 -13.25 9.47
C ALA B 580 -23.18 -13.97 10.44
N ALA B 581 -22.31 -13.20 11.07
CA ALA B 581 -21.41 -13.69 12.11
C ALA B 581 -21.36 -12.67 13.23
N GLY B 582 -20.52 -12.92 14.22
CA GLY B 582 -20.36 -12.02 15.34
C GLY B 582 -21.37 -12.26 16.44
N PRO B 583 -21.25 -11.50 17.53
CA PRO B 583 -22.06 -11.77 18.72
C PRO B 583 -23.39 -11.05 18.80
N THR B 584 -23.74 -10.27 17.80
N THR B 584 -23.73 -10.28 17.79
CA THR B 584 -24.93 -9.48 17.88
CA THR B 584 -24.89 -9.44 17.87
C THR B 584 -26.02 -9.69 16.84
C THR B 584 -26.02 -9.66 16.88
N ASP B 585 -25.68 -10.10 15.61
N ASP B 585 -25.70 -10.02 15.66
CA ASP B 585 -26.67 -10.17 14.56
CA ASP B 585 -26.70 -10.07 14.61
C ASP B 585 -27.71 -11.25 14.85
C ASP B 585 -27.68 -11.22 14.80
N ARG B 586 -28.96 -10.93 14.52
CA ARG B 586 -30.06 -11.88 14.70
C ARG B 586 -29.77 -13.23 14.05
N THR B 587 -29.14 -13.22 12.88
CA THR B 587 -28.98 -14.43 12.09
C THR B 587 -27.61 -15.07 12.26
N SER B 588 -26.78 -14.56 13.15
CA SER B 588 -25.53 -15.24 13.50
C SER B 588 -25.86 -16.37 14.47
N VAL B 589 -25.70 -17.61 14.01
CA VAL B 589 -25.98 -18.78 14.84
C VAL B 589 -24.67 -19.44 15.21
N LEU B 590 -23.99 -19.98 14.20
CA LEU B 590 -22.75 -20.71 14.40
C LEU B 590 -21.69 -19.86 15.10
N ASP B 591 -21.54 -18.59 14.70
CA ASP B 591 -20.47 -17.77 15.25
C ASP B 591 -20.81 -17.21 16.62
N LYS B 592 -22.04 -17.38 17.09
CA LYS B 592 -22.34 -17.12 18.49
C LYS B 592 -21.99 -18.31 19.38
N ILE B 593 -22.12 -19.53 18.87
CA ILE B 593 -21.97 -20.71 19.71
C ILE B 593 -20.52 -21.14 19.82
N VAL B 594 -19.78 -21.16 18.72
CA VAL B 594 -18.34 -21.40 18.74
C VAL B 594 -17.67 -20.24 18.02
N PRO B 595 -17.45 -19.12 18.68
CA PRO B 595 -16.92 -17.94 17.98
C PRO B 595 -15.59 -18.23 17.30
N TRP B 596 -15.45 -17.71 16.08
CA TRP B 596 -14.20 -17.72 15.32
C TRP B 596 -13.83 -19.09 14.77
N TYR B 597 -14.73 -20.07 14.84
CA TYR B 597 -14.44 -21.41 14.38
C TYR B 597 -15.09 -21.73 13.03
N TYR B 598 -16.37 -21.42 12.90
CA TYR B 598 -17.11 -21.83 11.70
C TYR B 598 -16.92 -20.88 10.53
N GLN B 599 -16.27 -19.74 10.74
CA GLN B 599 -16.07 -18.73 9.70
C GLN B 599 -14.60 -18.69 9.33
N ARG B 600 -14.33 -18.41 8.06
CA ARG B 600 -12.96 -18.19 7.61
C ARG B 600 -12.56 -16.76 7.93
N LEU B 601 -11.40 -16.60 8.56
CA LEU B 601 -10.96 -15.31 9.08
C LEU B 601 -9.70 -14.84 8.38
N ASN B 602 -9.59 -13.52 8.23
CA ASN B 602 -8.34 -12.93 7.79
C ASN B 602 -7.21 -13.29 8.75
N GLU B 603 -6.04 -13.62 8.18
CA GLU B 603 -4.92 -14.13 8.97
C GLU B 603 -4.33 -13.10 9.96
N THR B 604 -4.49 -11.81 9.72
N THR B 604 -4.52 -11.82 9.69
CA THR B 604 -3.92 -10.85 10.65
CA THR B 604 -3.92 -10.76 10.51
C THR B 604 -4.93 -10.11 11.51
C THR B 604 -4.92 -10.12 11.46
N THR B 605 -6.15 -9.90 11.01
CA THR B 605 -7.13 -9.14 11.77
C THR B 605 -8.13 -9.99 12.51
N GLY B 606 -8.32 -11.25 12.10
CA GLY B 606 -9.40 -12.05 12.61
C GLY B 606 -10.78 -11.67 12.08
N SER B 607 -10.87 -10.73 11.16
N SER B 607 -10.87 -10.73 11.16
CA SER B 607 -12.16 -10.36 10.60
CA SER B 607 -12.17 -10.36 10.60
C SER B 607 -12.70 -11.50 9.75
C SER B 607 -12.70 -11.50 9.75
N VAL B 608 -14.02 -11.72 9.82
CA VAL B 608 -14.65 -12.73 8.99
C VAL B 608 -14.56 -12.28 7.54
N GLU B 609 -14.05 -13.16 6.68
CA GLU B 609 -13.88 -12.82 5.28
C GLU B 609 -15.24 -12.78 4.57
N SER B 610 -15.29 -12.05 3.46
N SER B 610 -15.30 -11.99 3.51
CA SER B 610 -16.55 -11.81 2.76
CA SER B 610 -16.51 -11.77 2.73
C SER B 610 -16.44 -12.02 1.25
C SER B 610 -16.17 -11.80 1.25
N ALA B 611 -15.52 -12.86 0.83
CA ALA B 611 -15.24 -13.09 -0.58
C ALA B 611 -16.46 -13.69 -1.23
N THR B 612 -17.23 -14.42 -0.46
CA THR B 612 -18.38 -15.07 -1.02
C THR B 612 -19.43 -14.16 -1.36
N CYS B 613 -19.50 -13.06 -0.59
CA CYS B 613 -20.48 -12.01 -0.55
C CYS B 613 -20.87 -11.64 0.89
N CYS B 614 -21.00 -12.66 1.72
CA CYS B 614 -21.49 -12.56 3.07
C CYS B 614 -20.49 -12.94 4.15
N SER B 615 -20.80 -13.87 5.03
CA SER B 615 -19.85 -14.25 6.08
C SER B 615 -19.25 -15.63 5.68
N ASP B 616 -18.06 -15.61 5.13
CA ASP B 616 -17.47 -16.84 4.58
C ASP B 616 -17.33 -17.90 5.67
N SER B 617 -17.73 -19.13 5.33
N SER B 617 -17.78 -19.05 5.31
CA SER B 617 -17.62 -20.23 6.28
CA SER B 617 -17.68 -20.15 6.26
C SER B 617 -16.27 -20.92 6.10
C SER B 617 -16.32 -20.84 6.08
N ALA B 618 -15.97 -21.88 6.99
CA ALA B 618 -14.71 -22.61 6.99
C ALA B 618 -14.96 -24.11 6.86
N PRO B 619 -15.36 -24.58 5.67
CA PRO B 619 -15.53 -26.03 5.47
C PRO B 619 -14.25 -26.84 5.62
N GLU B 620 -13.09 -26.19 5.66
CA GLU B 620 -11.84 -26.87 5.98
C GLU B 620 -11.73 -27.26 7.46
N HIS B 621 -12.59 -26.74 8.32
CA HIS B 621 -12.57 -27.08 9.73
C HIS B 621 -13.46 -28.30 9.98
N ARG B 622 -12.97 -29.23 10.81
CA ARG B 622 -13.54 -30.56 10.89
C ARG B 622 -15.01 -30.55 11.32
N MET B 623 -15.37 -29.73 12.30
CA MET B 623 -16.75 -29.74 12.76
C MET B 623 -17.72 -29.03 11.83
N PHE B 624 -17.22 -28.13 10.97
CA PHE B 624 -18.11 -27.61 9.94
C PHE B 624 -18.27 -28.61 8.80
N ALA B 625 -17.21 -29.30 8.42
CA ALA B 625 -17.34 -30.39 7.47
C ALA B 625 -18.36 -31.42 7.97
N LYS B 626 -18.31 -31.74 9.27
CA LYS B 626 -19.28 -32.69 9.80
C LYS B 626 -20.69 -32.12 9.75
N LEU B 627 -20.86 -30.85 10.11
CA LEU B 627 -22.19 -30.25 10.03
C LEU B 627 -22.75 -30.37 8.62
N ILE B 628 -21.91 -30.10 7.61
CA ILE B 628 -22.35 -30.19 6.22
C ILE B 628 -22.80 -31.61 5.89
N ALA B 629 -21.94 -32.59 6.20
CA ALA B 629 -22.29 -33.97 5.86
C ALA B 629 -23.55 -34.42 6.60
N ASP B 630 -23.67 -34.06 7.88
CA ASP B 630 -24.85 -34.44 8.66
C ASP B 630 -26.11 -33.78 8.11
N SER B 631 -25.98 -32.54 7.62
CA SER B 631 -27.11 -31.82 7.05
C SER B 631 -27.55 -32.48 5.75
N LEU B 632 -26.60 -32.76 4.86
CA LEU B 632 -26.90 -33.47 3.63
C LEU B 632 -27.53 -34.82 3.90
N ALA B 633 -27.13 -35.49 4.98
CA ALA B 633 -27.71 -36.80 5.29
C ALA B 633 -29.20 -36.69 5.59
N VAL B 634 -29.60 -35.61 6.27
CA VAL B 634 -31.02 -35.41 6.54
C VAL B 634 -31.78 -35.11 5.26
N TRP B 635 -31.28 -34.20 4.43
CA TRP B 635 -31.96 -33.93 3.18
C TRP B 635 -32.07 -35.18 2.34
N THR B 636 -31.03 -36.03 2.35
CA THR B 636 -31.04 -37.26 1.57
C THR B 636 -32.03 -38.27 2.13
N THR B 637 -31.92 -38.59 3.42
CA THR B 637 -32.71 -39.66 3.98
C THR B 637 -34.13 -39.20 4.31
N ASP B 638 -34.23 -38.06 5.00
CA ASP B 638 -35.53 -37.63 5.50
C ASP B 638 -36.36 -36.88 4.47
N TYR B 639 -35.71 -36.25 3.49
CA TYR B 639 -36.45 -35.51 2.48
C TYR B 639 -36.34 -36.10 1.08
N LYS B 640 -35.58 -37.17 0.91
CA LYS B 640 -35.52 -37.92 -0.36
C LYS B 640 -35.10 -37.04 -1.54
N ILE B 641 -34.12 -36.18 -1.28
CA ILE B 641 -33.52 -35.37 -2.34
C ILE B 641 -32.56 -36.24 -3.15
N ASP B 642 -32.56 -36.05 -4.47
CA ASP B 642 -31.80 -36.92 -5.37
C ASP B 642 -30.42 -36.38 -5.71
N GLY B 643 -30.17 -35.10 -5.51
CA GLY B 643 -28.86 -34.55 -5.80
C GLY B 643 -28.76 -33.16 -5.23
N PHE B 644 -27.53 -32.64 -5.21
CA PHE B 644 -27.25 -31.39 -4.55
C PHE B 644 -26.33 -30.55 -5.42
N ARG B 645 -26.64 -29.26 -5.49
CA ARG B 645 -25.82 -28.31 -6.21
C ARG B 645 -25.18 -27.37 -5.18
N PHE B 646 -23.88 -27.41 -5.09
CA PHE B 646 -23.15 -26.59 -4.14
C PHE B 646 -22.89 -25.21 -4.71
N ASP B 647 -23.48 -24.20 -4.09
CA ASP B 647 -23.16 -22.82 -4.42
C ASP B 647 -21.70 -22.57 -4.10
N LEU B 648 -20.99 -21.88 -5.00
CA LEU B 648 -19.61 -21.45 -4.77
C LEU B 648 -18.75 -22.58 -4.20
N MET B 649 -18.82 -23.72 -4.87
CA MET B 649 -18.16 -24.93 -4.39
C MET B 649 -16.65 -24.79 -4.30
N GLY B 650 -16.05 -23.89 -5.09
CA GLY B 650 -14.62 -23.67 -5.02
C GLY B 650 -14.13 -23.15 -3.68
N TYR B 651 -15.02 -22.62 -2.83
CA TYR B 651 -14.66 -22.21 -1.47
C TYR B 651 -14.57 -23.39 -0.52
N HIS B 652 -14.91 -24.60 -0.99
CA HIS B 652 -14.77 -25.83 -0.23
C HIS B 652 -13.52 -26.58 -0.65
N PRO B 653 -12.86 -27.25 0.28
CA PRO B 653 -11.78 -28.15 -0.12
C PRO B 653 -12.30 -29.31 -0.94
N LYS B 654 -11.56 -29.64 -2.01
CA LYS B 654 -11.84 -30.85 -2.76
C LYS B 654 -12.05 -32.04 -1.82
N ALA B 655 -11.18 -32.19 -0.83
CA ALA B 655 -11.23 -33.35 0.05
C ALA B 655 -12.50 -33.37 0.88
N GLN B 656 -13.05 -32.21 1.20
CA GLN B 656 -14.27 -32.13 1.99
C GLN B 656 -15.49 -32.49 1.17
N ILE B 657 -15.57 -32.00 -0.07
CA ILE B 657 -16.67 -32.39 -0.94
C ILE B 657 -16.67 -33.91 -1.17
N LEU B 658 -15.48 -34.48 -1.41
CA LEU B 658 -15.40 -35.91 -1.66
C LEU B 658 -15.72 -36.74 -0.42
N SER B 659 -15.28 -36.30 0.76
CA SER B 659 -15.65 -37.00 1.98
C SER B 659 -17.15 -36.93 2.21
N ALA B 660 -17.76 -35.76 2.00
CA ALA B 660 -19.21 -35.66 2.09
C ALA B 660 -19.88 -36.62 1.12
N TRP B 661 -19.36 -36.72 -0.10
CA TRP B 661 -19.97 -37.61 -1.08
C TRP B 661 -19.87 -39.07 -0.64
N GLU B 662 -18.71 -39.47 -0.12
CA GLU B 662 -18.56 -40.81 0.43
C GLU B 662 -19.59 -41.09 1.53
N ARG B 663 -19.79 -40.12 2.43
N ARG B 663 -19.83 -40.11 2.40
CA ARG B 663 -20.77 -40.27 3.50
CA ARG B 663 -20.76 -40.34 3.50
C ARG B 663 -22.16 -40.47 2.93
C ARG B 663 -22.19 -40.40 3.01
N ILE B 664 -22.55 -39.62 1.98
CA ILE B 664 -23.92 -39.64 1.50
C ILE B 664 -24.18 -40.87 0.63
N LYS B 665 -23.16 -41.35 -0.10
CA LYS B 665 -23.33 -42.56 -0.91
C LYS B 665 -23.67 -43.77 -0.06
N ALA B 666 -23.27 -43.76 1.21
CA ALA B 666 -23.66 -44.87 2.09
C ALA B 666 -25.14 -44.86 2.40
N LEU B 667 -25.78 -43.69 2.25
CA LEU B 667 -27.21 -43.53 2.50
C LEU B 667 -28.03 -43.66 1.21
N ASN B 668 -27.53 -43.09 0.12
CA ASN B 668 -28.19 -43.18 -1.19
C ASN B 668 -27.06 -43.39 -2.18
N PRO B 669 -26.87 -44.62 -2.64
CA PRO B 669 -25.69 -44.91 -3.48
C PRO B 669 -25.67 -44.14 -4.78
N ASP B 670 -26.82 -43.62 -5.24
CA ASP B 670 -26.91 -42.95 -6.53
C ASP B 670 -27.00 -41.43 -6.42
N ILE B 671 -26.71 -40.86 -5.24
CA ILE B 671 -26.79 -39.41 -5.09
C ILE B 671 -25.79 -38.76 -6.04
N TYR B 672 -26.16 -37.60 -6.59
CA TYR B 672 -25.27 -36.85 -7.47
C TYR B 672 -24.95 -35.50 -6.86
N PHE B 673 -23.65 -35.15 -6.85
CA PHE B 673 -23.18 -33.85 -6.38
C PHE B 673 -22.60 -33.07 -7.56
N PHE B 674 -22.92 -31.78 -7.63
CA PHE B 674 -22.24 -30.90 -8.58
C PHE B 674 -22.24 -29.50 -7.97
N GLY B 675 -21.55 -28.57 -8.61
CA GLY B 675 -21.51 -27.23 -8.07
C GLY B 675 -20.87 -26.24 -9.00
N GLU B 676 -20.86 -24.98 -8.54
CA GLU B 676 -20.09 -23.91 -9.17
C GLU B 676 -18.65 -24.04 -8.72
N GLY B 677 -17.81 -24.61 -9.57
CA GLY B 677 -16.43 -24.86 -9.25
C GLY B 677 -15.49 -23.80 -9.80
N TRP B 678 -15.90 -22.55 -9.76
CA TRP B 678 -15.02 -21.48 -10.21
C TRP B 678 -13.89 -21.28 -9.20
N ASP B 679 -12.80 -20.66 -9.65
CA ASP B 679 -11.70 -20.37 -8.75
C ASP B 679 -12.17 -19.46 -7.62
N SER B 680 -11.82 -19.83 -6.40
CA SER B 680 -12.24 -19.13 -5.18
C SER B 680 -11.11 -18.34 -4.56
N ASN B 681 -9.89 -18.42 -5.10
CA ASN B 681 -8.70 -17.81 -4.51
CA ASN B 681 -8.72 -17.79 -4.50
C ASN B 681 -8.33 -18.41 -3.16
N GLN B 682 -8.80 -19.63 -2.85
CA GLN B 682 -8.46 -20.27 -1.59
C GLN B 682 -7.37 -21.33 -1.74
N SER B 683 -6.74 -21.44 -2.92
CA SER B 683 -5.75 -22.50 -3.15
C SER B 683 -4.55 -22.39 -2.22
N ASP B 684 -4.28 -21.22 -1.64
CA ASP B 684 -3.21 -21.11 -0.67
C ASP B 684 -3.51 -21.85 0.63
N ARG B 685 -4.79 -22.09 0.91
CA ARG B 685 -5.20 -22.73 2.16
C ARG B 685 -5.47 -24.22 2.02
N PHE B 686 -5.85 -24.68 0.84
CA PHE B 686 -6.20 -26.08 0.60
C PHE B 686 -6.43 -26.25 -0.90
N GLU B 687 -6.41 -27.50 -1.35
CA GLU B 687 -6.77 -27.78 -2.73
C GLU B 687 -8.28 -27.60 -2.91
N ILE B 688 -8.68 -26.70 -3.80
CA ILE B 688 -10.07 -26.28 -3.88
C ILE B 688 -10.88 -27.22 -4.77
N ALA B 689 -12.20 -27.24 -4.53
CA ALA B 689 -13.14 -28.07 -5.31
C ALA B 689 -13.54 -27.33 -6.58
N SER B 690 -12.59 -27.24 -7.51
CA SER B 690 -12.73 -26.51 -8.75
C SER B 690 -12.94 -27.45 -9.94
N GLN B 691 -13.34 -26.85 -11.06
CA GLN B 691 -13.44 -27.58 -12.33
C GLN B 691 -12.17 -28.38 -12.61
N ILE B 692 -11.02 -27.72 -12.49
CA ILE B 692 -9.73 -28.38 -12.78
C ILE B 692 -9.48 -29.52 -11.82
N ASN B 693 -9.61 -29.27 -10.53
CA ASN B 693 -9.17 -30.24 -9.54
C ASN B 693 -10.12 -31.41 -9.40
N LEU B 694 -11.37 -31.27 -9.83
CA LEU B 694 -12.35 -32.33 -9.70
C LEU B 694 -12.33 -33.31 -10.86
N LYS B 695 -11.42 -33.14 -11.82
N LYS B 695 -11.41 -33.15 -11.82
CA LYS B 695 -11.37 -34.03 -12.97
CA LYS B 695 -11.36 -34.02 -12.98
C LYS B 695 -11.26 -35.47 -12.51
C LYS B 695 -11.23 -35.47 -12.55
N GLY B 696 -12.13 -36.32 -13.05
CA GLY B 696 -12.09 -37.73 -12.78
C GLY B 696 -12.73 -38.18 -11.48
N THR B 697 -13.21 -37.25 -10.65
CA THR B 697 -13.79 -37.60 -9.34
C THR B 697 -15.24 -38.00 -9.41
N GLY B 698 -15.96 -37.64 -10.46
CA GLY B 698 -17.39 -37.85 -10.51
C GLY B 698 -18.23 -36.74 -9.90
N ILE B 699 -17.60 -35.66 -9.42
CA ILE B 699 -18.32 -34.47 -8.95
C ILE B 699 -18.46 -33.54 -10.15
N GLY B 700 -19.70 -33.13 -10.45
CA GLY B 700 -19.93 -32.25 -11.58
C GLY B 700 -19.62 -30.80 -11.29
N THR B 701 -19.34 -30.05 -12.35
CA THR B 701 -19.21 -28.60 -12.25
C THR B 701 -19.91 -27.96 -13.44
N PHE B 702 -20.50 -26.80 -13.20
CA PHE B 702 -21.00 -26.00 -14.30
C PHE B 702 -19.83 -25.67 -15.21
N SER B 703 -20.06 -25.73 -16.52
CA SER B 703 -19.07 -25.29 -17.47
C SER B 703 -19.43 -23.90 -17.99
N ASP B 704 -18.48 -22.99 -17.90
CA ASP B 704 -18.61 -21.65 -18.45
C ASP B 704 -18.15 -21.55 -19.90
N ARG B 705 -17.61 -22.63 -20.47
CA ARG B 705 -17.05 -22.61 -21.82
C ARG B 705 -18.14 -22.48 -22.88
N LEU B 706 -18.96 -23.51 -23.06
CA LEU B 706 -20.06 -23.43 -24.02
C LEU B 706 -21.00 -22.28 -23.68
N ARG B 707 -21.29 -22.09 -22.40
CA ARG B 707 -22.14 -20.99 -21.97
C ARG B 707 -21.71 -19.66 -22.59
N ASP B 708 -20.45 -19.27 -22.38
CA ASP B 708 -19.97 -17.99 -22.89
C ASP B 708 -19.93 -17.99 -24.41
N ALA B 709 -19.55 -19.11 -25.02
CA ALA B 709 -19.42 -19.17 -26.48
C ALA B 709 -20.76 -18.95 -27.15
N VAL B 710 -21.82 -19.51 -26.56
CA VAL B 710 -23.15 -19.45 -27.17
C VAL B 710 -23.89 -18.17 -26.80
N ARG B 711 -23.84 -17.77 -25.52
CA ARG B 711 -24.46 -16.50 -25.13
C ARG B 711 -23.73 -15.31 -25.72
N GLY B 712 -22.41 -15.39 -25.81
CA GLY B 712 -21.58 -14.26 -26.14
C GLY B 712 -21.02 -13.57 -24.91
N GLY B 713 -19.79 -13.15 -25.00
CA GLY B 713 -19.23 -12.40 -23.90
C GLY B 713 -18.87 -13.19 -22.70
N GLY B 714 -18.85 -12.55 -21.58
CA GLY B 714 -18.46 -13.20 -20.37
C GLY B 714 -19.17 -12.58 -19.21
N PRO B 715 -18.97 -13.17 -18.03
CA PRO B 715 -19.71 -12.75 -16.85
C PRO B 715 -19.43 -11.33 -16.35
N PHE B 716 -18.33 -10.75 -16.75
N PHE B 716 -18.34 -10.74 -16.79
CA PHE B 716 -18.00 -9.43 -16.28
CA PHE B 716 -17.90 -9.40 -16.37
C PHE B 716 -18.22 -8.28 -17.28
C PHE B 716 -18.23 -8.27 -17.30
N ASP B 717 -19.01 -8.53 -18.31
CA ASP B 717 -19.34 -7.53 -19.29
C ASP B 717 -20.48 -6.59 -18.86
N SER B 718 -20.32 -5.32 -19.14
N SER B 718 -20.31 -5.32 -19.15
CA SER B 718 -21.33 -4.32 -18.85
CA SER B 718 -21.30 -4.30 -18.83
C SER B 718 -21.16 -3.16 -19.81
C SER B 718 -21.16 -3.18 -19.84
N GLY B 719 -22.23 -2.46 -20.08
CA GLY B 719 -22.18 -1.37 -21.02
C GLY B 719 -22.20 -1.87 -22.46
N ASP B 720 -21.48 -1.18 -23.34
CA ASP B 720 -21.52 -1.51 -24.76
C ASP B 720 -21.12 -2.95 -25.04
N ALA B 721 -20.26 -3.53 -24.21
CA ALA B 721 -19.81 -4.91 -24.45
C ALA B 721 -20.97 -5.89 -24.44
N LEU B 722 -22.04 -5.59 -23.72
CA LEU B 722 -23.20 -6.47 -23.71
C LEU B 722 -23.78 -6.63 -25.11
N ARG B 723 -23.67 -5.60 -25.94
CA ARG B 723 -24.13 -5.71 -27.33
C ARG B 723 -23.03 -6.17 -28.26
N GLN B 724 -21.81 -5.68 -28.05
CA GLN B 724 -20.72 -6.00 -28.96
C GLN B 724 -20.39 -7.49 -28.94
N ASN B 725 -20.46 -8.12 -27.77
CA ASN B 725 -19.99 -9.50 -27.61
C ASN B 725 -21.09 -10.50 -27.96
N GLN B 726 -21.35 -10.62 -29.26
CA GLN B 726 -22.31 -11.60 -29.75
C GLN B 726 -21.79 -13.02 -29.53
N GLY B 727 -22.71 -13.96 -29.42
CA GLY B 727 -22.38 -15.36 -29.27
C GLY B 727 -22.79 -16.17 -30.49
N VAL B 728 -22.44 -17.45 -30.47
CA VAL B 728 -22.90 -18.33 -31.53
C VAL B 728 -24.41 -18.27 -31.67
N GLY B 729 -25.12 -18.18 -30.55
CA GLY B 729 -26.56 -18.20 -30.59
C GLY B 729 -27.17 -16.92 -31.11
N SER B 730 -26.42 -15.82 -31.10
CA SER B 730 -26.92 -14.53 -31.54
C SER B 730 -26.21 -14.01 -32.78
N GLY B 731 -25.51 -14.87 -33.51
CA GLY B 731 -25.01 -14.51 -34.82
C GLY B 731 -23.62 -13.93 -34.88
N ALA B 732 -22.75 -14.28 -33.93
CA ALA B 732 -21.36 -13.81 -33.99
C ALA B 732 -20.78 -14.11 -35.38
N GLY B 733 -20.21 -13.09 -36.00
CA GLY B 733 -19.65 -13.23 -37.34
C GLY B 733 -20.69 -13.15 -38.45
N VAL B 734 -21.68 -14.03 -38.41
CA VAL B 734 -22.61 -14.22 -39.52
C VAL B 734 -23.74 -13.20 -39.58
N LEU B 735 -24.11 -12.59 -38.45
CA LEU B 735 -25.18 -11.60 -38.43
C LEU B 735 -24.78 -10.50 -37.47
N PRO B 736 -23.74 -9.75 -37.80
CA PRO B 736 -23.21 -8.76 -36.86
C PRO B 736 -24.18 -7.62 -36.63
N ASN B 737 -24.20 -7.14 -35.39
CA ASN B 737 -24.94 -5.92 -35.10
C ASN B 737 -24.09 -4.70 -35.47
N GLU B 738 -24.61 -3.51 -35.20
CA GLU B 738 -23.96 -2.28 -35.64
C GLU B 738 -22.77 -1.88 -34.78
N LEU B 739 -22.56 -2.52 -33.63
CA LEU B 739 -21.49 -2.14 -32.72
C LEU B 739 -20.31 -3.11 -32.70
N THR B 740 -20.56 -4.38 -33.01
CA THR B 740 -19.56 -5.42 -32.80
C THR B 740 -18.36 -5.25 -33.73
N THR B 741 -17.20 -5.74 -33.27
CA THR B 741 -16.00 -5.85 -34.10
C THR B 741 -15.49 -7.28 -34.17
N LEU B 742 -16.32 -8.26 -33.82
CA LEU B 742 -15.89 -9.65 -33.79
C LEU B 742 -15.42 -10.10 -35.16
N SER B 743 -14.24 -10.70 -35.20
CA SER B 743 -13.71 -11.20 -36.46
C SER B 743 -14.24 -12.61 -36.72
N ASP B 744 -14.07 -13.07 -37.97
N ASP B 744 -14.06 -13.07 -37.97
CA ASP B 744 -14.43 -14.44 -38.30
CA ASP B 744 -14.44 -14.43 -38.30
C ASP B 744 -13.63 -15.42 -37.46
C ASP B 744 -13.62 -15.45 -37.50
N ASP B 745 -12.37 -15.12 -37.22
CA ASP B 745 -11.52 -16.00 -36.43
C ASP B 745 -12.08 -16.09 -35.00
N GLN B 746 -12.48 -14.96 -34.42
CA GLN B 746 -13.07 -14.95 -33.09
C GLN B 746 -14.36 -15.76 -33.05
N ALA B 747 -15.22 -15.60 -34.07
CA ALA B 747 -16.44 -16.40 -34.13
C ALA B 747 -16.12 -17.88 -34.23
N ARG B 748 -15.11 -18.25 -35.02
N ARG B 748 -15.13 -18.24 -35.06
CA ARG B 748 -14.81 -19.68 -35.15
CA ARG B 748 -14.74 -19.65 -35.19
C ARG B 748 -14.18 -20.24 -33.89
C ARG B 748 -14.26 -20.21 -33.86
N HIS B 749 -13.51 -19.41 -33.09
CA HIS B 749 -13.05 -19.86 -31.78
C HIS B 749 -14.24 -20.20 -30.87
N LEU B 750 -15.27 -19.36 -30.89
CA LEU B 750 -16.47 -19.65 -30.13
C LEU B 750 -17.09 -20.97 -30.57
N ALA B 751 -17.05 -21.27 -31.87
CA ALA B 751 -17.60 -22.55 -32.31
C ALA B 751 -16.75 -23.72 -31.83
N ASP B 752 -15.43 -23.54 -31.75
CA ASP B 752 -14.59 -24.60 -31.20
C ASP B 752 -14.99 -24.91 -29.77
N LEU B 753 -15.18 -23.86 -28.95
CA LEU B 753 -15.61 -24.08 -27.57
C LEU B 753 -16.98 -24.74 -27.52
N THR B 754 -17.86 -24.36 -28.45
CA THR B 754 -19.21 -24.93 -28.46
C THR B 754 -19.17 -26.41 -28.82
N ARG B 755 -18.44 -26.76 -29.89
N ARG B 755 -18.44 -26.76 -29.89
CA ARG B 755 -18.30 -28.17 -30.26
CA ARG B 755 -18.31 -28.17 -30.26
C ARG B 755 -17.69 -28.96 -29.13
C ARG B 755 -17.68 -28.98 -29.13
N LEU B 756 -16.60 -28.45 -28.54
CA LEU B 756 -15.97 -29.13 -27.42
C LEU B 756 -16.98 -29.38 -26.30
N GLY B 757 -17.85 -28.38 -26.04
CA GLY B 757 -18.85 -28.55 -24.99
C GLY B 757 -19.93 -29.54 -25.35
N MET B 758 -20.33 -29.57 -26.63
CA MET B 758 -21.30 -30.57 -27.05
C MET B 758 -20.75 -31.98 -26.96
N ALA B 759 -19.44 -32.14 -26.98
CA ALA B 759 -18.81 -33.42 -26.72
C ALA B 759 -18.45 -33.63 -25.25
N GLY B 760 -18.97 -32.81 -24.35
CA GLY B 760 -18.81 -33.02 -22.93
C GLY B 760 -17.66 -32.27 -22.28
N ASN B 761 -17.03 -31.34 -22.99
CA ASN B 761 -15.93 -30.52 -22.47
C ASN B 761 -14.80 -31.36 -21.87
N LEU B 762 -14.42 -32.40 -22.59
CA LEU B 762 -13.41 -33.33 -22.12
C LEU B 762 -11.99 -32.83 -22.40
N ALA B 763 -11.09 -33.05 -21.45
CA ALA B 763 -9.70 -32.66 -21.61
C ALA B 763 -9.05 -33.37 -22.80
N ASP B 764 -9.40 -34.63 -23.04
CA ASP B 764 -8.69 -35.46 -24.00
C ASP B 764 -9.42 -35.64 -25.32
N PHE B 765 -10.61 -35.06 -25.47
CA PHE B 765 -11.34 -35.17 -26.73
C PHE B 765 -10.57 -34.46 -27.85
N VAL B 766 -10.46 -35.11 -29.00
CA VAL B 766 -9.64 -34.61 -30.11
C VAL B 766 -10.54 -33.97 -31.17
N LEU B 767 -10.29 -32.71 -31.48
CA LEU B 767 -11.04 -32.04 -32.54
C LEU B 767 -10.10 -31.29 -33.49
N ILE B 768 -10.67 -30.85 -34.61
CA ILE B 768 -9.99 -29.99 -35.57
C ILE B 768 -10.44 -28.58 -35.25
N ASP B 769 -9.49 -27.71 -34.92
CA ASP B 769 -9.82 -26.36 -34.49
C ASP B 769 -10.02 -25.43 -35.69
N LYS B 770 -10.28 -24.15 -35.38
CA LYS B 770 -10.63 -23.16 -36.38
C LYS B 770 -9.56 -22.98 -37.44
N ASP B 771 -8.31 -23.35 -37.14
CA ASP B 771 -7.21 -23.20 -38.07
C ASP B 771 -6.85 -24.51 -38.76
N GLY B 772 -7.62 -25.56 -38.53
CA GLY B 772 -7.33 -26.87 -39.07
C GLY B 772 -6.37 -27.71 -38.24
N ALA B 773 -5.97 -27.23 -37.06
CA ALA B 773 -5.02 -27.97 -36.24
C ALA B 773 -5.73 -29.02 -35.40
N VAL B 774 -5.03 -30.12 -35.16
CA VAL B 774 -5.50 -31.19 -34.29
C VAL B 774 -5.24 -30.77 -32.86
N LYS B 775 -6.31 -30.71 -32.05
CA LYS B 775 -6.23 -30.23 -30.68
C LYS B 775 -7.01 -31.13 -29.74
N ARG B 776 -6.40 -31.46 -28.60
CA ARG B 776 -7.18 -31.99 -27.49
C ARG B 776 -8.00 -30.87 -26.86
N GLY B 777 -9.07 -31.24 -26.16
CA GLY B 777 -9.91 -30.24 -25.51
C GLY B 777 -9.13 -29.34 -24.59
N SER B 778 -8.14 -29.92 -23.90
CA SER B 778 -7.33 -29.12 -22.98
C SER B 778 -6.47 -28.09 -23.71
N GLU B 779 -6.27 -28.25 -25.02
CA GLU B 779 -5.46 -27.31 -25.80
C GLU B 779 -6.29 -26.18 -26.40
N ILE B 780 -7.61 -26.23 -26.31
CA ILE B 780 -8.46 -25.15 -26.77
C ILE B 780 -8.52 -24.12 -25.65
N ASP B 781 -8.08 -22.90 -25.94
CA ASP B 781 -7.97 -21.90 -24.89
C ASP B 781 -9.33 -21.35 -24.49
N TYR B 782 -9.53 -21.19 -23.19
CA TYR B 782 -10.70 -20.49 -22.64
C TYR B 782 -10.17 -19.40 -21.72
N ASN B 783 -10.01 -18.20 -22.28
CA ASN B 783 -9.51 -17.04 -21.53
C ASN B 783 -8.26 -17.38 -20.71
N GLY B 784 -7.33 -18.09 -21.34
CA GLY B 784 -6.07 -18.40 -20.71
C GLY B 784 -6.02 -19.72 -19.96
N ALA B 785 -7.14 -20.41 -19.81
CA ALA B 785 -7.16 -21.69 -19.15
C ALA B 785 -7.43 -22.81 -20.15
N PRO B 786 -7.06 -24.05 -19.84
CA PRO B 786 -7.42 -25.17 -20.71
C PRO B 786 -8.93 -25.28 -20.81
N GLY B 787 -9.44 -25.31 -22.04
CA GLY B 787 -10.88 -25.28 -22.23
C GLY B 787 -11.54 -26.54 -21.73
N GLY B 788 -11.13 -27.69 -22.26
CA GLY B 788 -11.66 -28.96 -21.82
C GLY B 788 -10.96 -29.40 -20.54
N TYR B 789 -11.75 -29.69 -19.51
CA TYR B 789 -11.20 -30.02 -18.21
C TYR B 789 -11.64 -31.36 -17.64
N ALA B 790 -12.63 -32.02 -18.23
CA ALA B 790 -13.29 -33.14 -17.57
C ALA B 790 -12.77 -34.48 -18.08
N ALA B 791 -12.99 -35.51 -17.27
CA ALA B 791 -12.70 -36.89 -17.66
C ALA B 791 -13.90 -37.60 -18.26
N ASP B 792 -15.10 -37.22 -17.83
CA ASP B 792 -16.34 -37.79 -18.34
C ASP B 792 -17.34 -36.67 -18.51
N PRO B 793 -18.26 -36.79 -19.47
CA PRO B 793 -19.24 -35.71 -19.69
C PRO B 793 -20.17 -35.52 -18.53
N THR B 794 -20.34 -36.52 -17.67
CA THR B 794 -21.16 -36.38 -16.47
C THR B 794 -20.50 -35.53 -15.41
N GLU B 795 -19.27 -35.08 -15.64
CA GLU B 795 -18.62 -34.10 -14.79
C GLU B 795 -18.88 -32.67 -15.24
N VAL B 796 -19.63 -32.49 -16.32
CA VAL B 796 -19.83 -31.18 -16.94
C VAL B 796 -21.31 -30.89 -17.01
N VAL B 797 -21.71 -29.72 -16.53
CA VAL B 797 -23.09 -29.25 -16.63
C VAL B 797 -23.09 -28.05 -17.57
N ASN B 798 -23.61 -28.24 -18.78
CA ASN B 798 -23.70 -27.18 -19.78
C ASN B 798 -24.99 -26.39 -19.59
N TYR B 799 -24.94 -25.11 -19.94
CA TYR B 799 -26.10 -24.23 -19.81
C TYR B 799 -25.85 -22.95 -20.60
N VAL B 800 -26.96 -22.30 -20.96
CA VAL B 800 -26.92 -20.97 -21.56
C VAL B 800 -27.81 -19.98 -20.83
N SER B 801 -28.46 -20.37 -19.74
CA SER B 801 -29.22 -19.45 -18.90
C SER B 801 -29.33 -20.06 -17.51
N LYS B 802 -29.36 -19.19 -16.51
CA LYS B 802 -29.39 -19.58 -15.11
C LYS B 802 -29.99 -18.42 -14.34
N HIS B 803 -30.32 -18.65 -13.06
CA HIS B 803 -30.93 -17.59 -12.27
C HIS B 803 -30.05 -16.35 -12.21
N ASP B 804 -28.74 -16.51 -12.16
CA ASP B 804 -27.84 -15.38 -12.04
C ASP B 804 -27.41 -14.89 -13.42
N ASN B 805 -27.16 -13.58 -13.49
CA ASN B 805 -26.89 -12.88 -14.74
C ASN B 805 -28.12 -12.84 -15.63
N GLN B 806 -28.03 -12.20 -16.79
CA GLN B 806 -29.21 -11.92 -17.60
C GLN B 806 -29.78 -13.21 -18.18
N THR B 807 -31.09 -13.22 -18.39
CA THR B 807 -31.71 -14.35 -19.06
C THR B 807 -31.21 -14.44 -20.50
N LEU B 808 -31.35 -15.64 -21.07
CA LEU B 808 -30.98 -15.86 -22.46
C LEU B 808 -31.70 -14.88 -23.39
N TRP B 809 -33.01 -14.70 -23.21
CA TRP B 809 -33.75 -13.77 -24.07
C TRP B 809 -33.23 -12.35 -23.95
N ASP B 810 -32.93 -11.93 -22.72
CA ASP B 810 -32.41 -10.58 -22.54
C ASP B 810 -31.04 -10.42 -23.19
N MET B 811 -30.21 -11.48 -23.15
CA MET B 811 -28.94 -11.43 -23.87
C MET B 811 -29.13 -11.37 -25.38
N ILE B 812 -30.03 -12.18 -25.93
CA ILE B 812 -30.33 -12.08 -27.35
C ILE B 812 -30.83 -10.69 -27.69
N SER B 813 -31.61 -10.09 -26.80
CA SER B 813 -32.11 -8.74 -27.06
C SER B 813 -30.98 -7.70 -27.02
N TYR B 814 -29.99 -7.91 -26.16
CA TYR B 814 -28.83 -7.03 -26.16
C TYR B 814 -28.00 -7.18 -27.43
N LYS B 815 -27.91 -8.39 -27.97
CA LYS B 815 -26.88 -8.75 -28.94
C LYS B 815 -27.37 -8.88 -30.38
N ALA B 816 -28.65 -9.14 -30.59
CA ALA B 816 -29.13 -9.42 -31.94
C ALA B 816 -29.04 -8.20 -32.83
N ALA B 817 -28.69 -8.45 -34.10
CA ALA B 817 -28.71 -7.39 -35.09
C ALA B 817 -30.10 -6.78 -35.16
N GLN B 818 -30.13 -5.48 -35.46
N GLN B 818 -30.15 -5.48 -35.47
CA GLN B 818 -31.39 -4.74 -35.58
CA GLN B 818 -31.42 -4.78 -35.54
C GLN B 818 -32.34 -5.43 -36.55
C GLN B 818 -32.36 -5.42 -36.55
N GLU B 819 -31.81 -5.99 -37.63
CA GLU B 819 -32.64 -6.61 -38.64
C GLU B 819 -33.05 -8.04 -38.31
N ALA B 820 -32.57 -8.62 -37.22
CA ALA B 820 -33.07 -9.93 -36.79
C ALA B 820 -34.49 -9.74 -36.27
N ASP B 821 -35.47 -10.29 -36.98
CA ASP B 821 -36.87 -10.08 -36.63
C ASP B 821 -37.27 -10.93 -35.42
N LEU B 822 -38.51 -10.76 -34.97
CA LEU B 822 -38.95 -11.46 -33.76
C LEU B 822 -38.89 -12.97 -33.92
N ASP B 823 -39.34 -13.48 -35.07
N ASP B 823 -39.35 -13.48 -35.07
CA ASP B 823 -39.31 -14.92 -35.31
CA ASP B 823 -39.31 -14.93 -35.28
C ASP B 823 -37.87 -15.43 -35.31
C ASP B 823 -37.87 -15.45 -35.32
N THR B 824 -36.95 -14.66 -35.89
CA THR B 824 -35.55 -15.05 -35.87
C THR B 824 -35.02 -15.13 -34.44
N ARG B 825 -35.43 -14.20 -33.59
CA ARG B 825 -34.93 -14.20 -32.21
C ARG B 825 -35.46 -15.39 -31.42
N VAL B 826 -36.69 -15.80 -31.67
CA VAL B 826 -37.21 -17.03 -31.08
C VAL B 826 -36.34 -18.21 -31.52
N ARG B 827 -36.00 -18.28 -32.80
N ARG B 827 -36.00 -18.28 -32.80
CA ARG B 827 -35.12 -19.36 -33.27
CA ARG B 827 -35.13 -19.36 -33.26
C ARG B 827 -33.72 -19.25 -32.70
C ARG B 827 -33.72 -19.24 -32.70
N MET B 828 -33.22 -18.03 -32.48
CA MET B 828 -31.93 -17.88 -31.80
C MET B 828 -31.98 -18.47 -30.40
N GLN B 829 -33.07 -18.24 -29.68
CA GLN B 829 -33.22 -18.84 -28.37
C GLN B 829 -33.14 -20.36 -28.45
N ALA B 830 -33.88 -20.95 -29.40
CA ALA B 830 -33.90 -22.41 -29.54
C ALA B 830 -32.56 -22.96 -30.01
N VAL B 831 -31.92 -22.29 -30.97
CA VAL B 831 -30.60 -22.73 -31.42
C VAL B 831 -29.60 -22.70 -30.27
N SER B 832 -29.65 -21.63 -29.47
CA SER B 832 -28.78 -21.54 -28.29
C SER B 832 -28.99 -22.73 -27.36
N LEU B 833 -30.25 -23.03 -27.05
CA LEU B 833 -30.57 -24.15 -26.16
C LEU B 833 -30.23 -25.49 -26.78
N ALA B 834 -30.26 -25.59 -28.12
CA ALA B 834 -29.97 -26.86 -28.77
C ALA B 834 -28.54 -27.30 -28.52
N THR B 835 -27.61 -26.35 -28.37
CA THR B 835 -26.22 -26.73 -28.10
C THR B 835 -26.09 -27.42 -26.75
N VAL B 836 -26.96 -27.06 -25.79
CA VAL B 836 -26.98 -27.70 -24.47
C VAL B 836 -27.74 -29.02 -24.54
N MET B 837 -28.96 -28.98 -25.08
CA MET B 837 -29.85 -30.13 -25.01
C MET B 837 -29.37 -31.29 -25.86
N LEU B 838 -28.70 -31.02 -26.98
CA LEU B 838 -28.22 -32.08 -27.85
C LEU B 838 -26.76 -32.43 -27.59
N GLY B 839 -26.18 -31.89 -26.50
CA GLY B 839 -24.80 -32.20 -26.16
C GLY B 839 -24.67 -33.33 -25.16
N GLN B 840 -23.42 -33.81 -25.02
CA GLN B 840 -23.12 -34.95 -24.16
C GLN B 840 -23.03 -34.59 -22.69
N GLY B 841 -22.73 -33.33 -22.36
CA GLY B 841 -22.75 -32.93 -20.97
C GLY B 841 -24.15 -32.94 -20.41
N ILE B 842 -24.23 -32.95 -19.08
CA ILE B 842 -25.51 -32.81 -18.43
C ILE B 842 -26.12 -31.47 -18.85
N ALA B 843 -27.43 -31.47 -19.09
CA ALA B 843 -28.13 -30.29 -19.60
C ALA B 843 -28.81 -29.56 -18.44
N PHE B 844 -28.61 -28.25 -18.36
CA PHE B 844 -29.18 -27.43 -17.30
C PHE B 844 -29.76 -26.18 -17.93
N ASP B 845 -30.92 -25.75 -17.41
CA ASP B 845 -31.54 -24.55 -17.93
C ASP B 845 -32.39 -23.89 -16.86
N GLN B 846 -32.55 -22.58 -17.03
CA GLN B 846 -33.38 -21.74 -16.19
C GLN B 846 -34.86 -21.97 -16.46
N GLN B 847 -35.64 -22.05 -15.39
CA GLN B 847 -37.09 -22.08 -15.49
C GLN B 847 -37.55 -20.93 -16.40
N GLY B 848 -38.35 -21.26 -17.42
CA GLY B 848 -38.89 -20.24 -18.28
C GLY B 848 -38.11 -19.95 -19.55
N SER B 849 -36.94 -20.56 -19.77
CA SER B 849 -36.28 -20.39 -21.07
C SER B 849 -37.20 -20.81 -22.20
N GLU B 850 -38.05 -21.80 -21.96
CA GLU B 850 -39.01 -22.29 -22.94
C GLU B 850 -40.14 -21.30 -23.20
N LEU B 851 -40.26 -20.27 -22.36
CA LEU B 851 -41.19 -19.18 -22.53
C LEU B 851 -40.47 -17.86 -22.80
N LEU B 852 -39.24 -17.92 -23.32
CA LEU B 852 -38.51 -16.69 -23.68
C LEU B 852 -38.34 -15.75 -22.50
N ARG B 853 -38.16 -16.31 -21.30
CA ARG B 853 -38.24 -15.51 -20.07
C ARG B 853 -37.35 -14.29 -20.11
N SER B 854 -37.90 -13.14 -19.74
CA SER B 854 -37.17 -11.90 -19.56
C SER B 854 -37.29 -11.46 -18.10
N LYS B 855 -36.28 -10.70 -17.67
CA LYS B 855 -36.32 -9.98 -16.41
C LYS B 855 -36.27 -8.46 -16.65
N SER B 856 -36.67 -8.04 -17.85
CA SER B 856 -36.68 -6.63 -18.22
C SER B 856 -35.26 -6.07 -18.18
N PHE B 857 -34.29 -6.93 -18.55
CA PHE B 857 -32.84 -6.67 -18.56
C PHE B 857 -32.18 -6.74 -17.18
N THR B 858 -32.89 -7.09 -16.12
CA THR B 858 -32.22 -7.18 -14.81
C THR B 858 -31.10 -8.22 -14.86
N ARG B 859 -29.91 -7.81 -14.41
N ARG B 859 -29.91 -7.81 -14.41
CA ARG B 859 -28.78 -8.76 -14.41
CA ARG B 859 -28.78 -8.74 -14.40
C ARG B 859 -28.82 -9.66 -13.18
C ARG B 859 -28.81 -9.64 -13.18
N ASP B 860 -29.06 -9.08 -12.00
CA ASP B 860 -28.93 -9.77 -10.71
C ASP B 860 -30.24 -9.56 -9.97
N SER B 861 -31.17 -10.51 -10.14
CA SER B 861 -32.57 -10.28 -9.77
C SER B 861 -32.97 -10.84 -8.40
N TYR B 862 -31.98 -11.16 -7.54
CA TYR B 862 -32.21 -11.89 -6.28
C TYR B 862 -33.24 -11.23 -5.38
N ASP B 863 -33.37 -9.88 -5.44
N ASP B 863 -33.34 -9.89 -5.44
CA ASP B 863 -34.27 -9.12 -4.58
CA ASP B 863 -34.28 -9.14 -4.62
C ASP B 863 -35.16 -8.22 -5.42
C ASP B 863 -35.12 -8.18 -5.46
N SER B 864 -35.33 -8.54 -6.72
CA SER B 864 -36.11 -7.73 -7.65
C SER B 864 -37.58 -8.12 -7.68
N GLY B 865 -38.00 -8.99 -6.77
CA GLY B 865 -39.41 -9.17 -6.51
C GLY B 865 -40.15 -10.00 -7.54
N ASP B 866 -41.45 -10.15 -7.27
CA ASP B 866 -42.35 -10.78 -8.22
C ASP B 866 -42.39 -10.03 -9.55
N TRP B 867 -42.18 -8.71 -9.52
CA TRP B 867 -42.36 -7.90 -10.73
C TRP B 867 -41.35 -8.29 -11.81
N PHE B 868 -40.06 -8.26 -11.49
CA PHE B 868 -39.04 -8.53 -12.49
C PHE B 868 -38.77 -10.00 -12.71
N ASN B 869 -39.17 -10.86 -11.76
CA ASN B 869 -38.94 -12.30 -11.86
C ASN B 869 -40.14 -13.07 -12.37
N ARG B 870 -41.22 -12.37 -12.71
CA ARG B 870 -42.47 -12.97 -13.16
C ARG B 870 -42.27 -13.96 -14.30
N VAL B 871 -42.92 -15.13 -14.18
CA VAL B 871 -43.08 -16.09 -15.27
C VAL B 871 -44.57 -16.30 -15.45
N ASP B 872 -45.07 -16.04 -16.65
CA ASP B 872 -46.50 -16.04 -16.92
C ASP B 872 -46.90 -17.36 -17.58
N TYR B 873 -47.42 -18.28 -16.78
CA TYR B 873 -47.89 -19.56 -17.30
C TYR B 873 -49.23 -19.46 -18.02
N SER B 874 -49.82 -18.27 -18.10
CA SER B 874 -50.97 -18.05 -18.98
C SER B 874 -50.56 -17.62 -20.39
N LEU B 875 -49.26 -17.40 -20.63
CA LEU B 875 -48.68 -17.28 -21.97
C LEU B 875 -49.00 -15.95 -22.64
N GLN B 876 -49.25 -14.89 -21.88
CA GLN B 876 -49.58 -13.64 -22.54
C GLN B 876 -48.34 -12.85 -22.96
N ASP B 877 -47.27 -12.93 -22.18
CA ASP B 877 -46.02 -12.28 -22.57
C ASP B 877 -44.89 -12.90 -21.75
N ASN B 878 -43.66 -12.52 -22.08
CA ASN B 878 -42.47 -13.10 -21.44
C ASN B 878 -41.86 -12.20 -20.38
N ASN B 879 -42.56 -11.16 -19.95
CA ASN B 879 -42.09 -10.21 -18.94
C ASN B 879 -41.01 -9.25 -19.46
N TYR B 880 -40.87 -9.12 -20.77
CA TYR B 880 -39.96 -8.14 -21.34
C TYR B 880 -40.58 -6.76 -21.31
N ASN B 881 -39.73 -5.73 -21.18
CA ASN B 881 -40.18 -4.35 -21.26
C ASN B 881 -41.25 -4.04 -20.21
N VAL B 882 -40.95 -4.35 -18.95
CA VAL B 882 -41.85 -4.02 -17.83
C VAL B 882 -41.26 -2.96 -16.93
N GLY B 883 -40.30 -2.20 -17.44
CA GLY B 883 -39.66 -1.11 -16.71
C GLY B 883 -38.17 -1.31 -16.69
N MET B 884 -37.43 -0.20 -16.56
CA MET B 884 -35.99 -0.29 -16.45
C MET B 884 -35.62 -1.08 -15.20
N PRO B 885 -34.56 -1.89 -15.26
CA PRO B 885 -34.16 -2.70 -14.12
C PRO B 885 -33.48 -1.83 -13.06
N ARG B 886 -33.27 -2.44 -11.88
CA ARG B 886 -32.71 -1.75 -10.71
C ARG B 886 -31.53 -0.85 -11.06
N SER B 887 -31.64 0.42 -10.68
N SER B 887 -31.63 0.41 -10.65
CA SER B 887 -30.63 1.40 -11.08
CA SER B 887 -30.66 1.43 -11.04
C SER B 887 -29.29 1.14 -10.39
C SER B 887 -29.31 1.24 -10.35
N SER B 888 -29.31 0.68 -9.14
CA SER B 888 -28.05 0.54 -8.39
C SER B 888 -27.05 -0.29 -9.16
N ASP B 889 -27.50 -1.41 -9.73
CA ASP B 889 -26.63 -2.33 -10.43
C ASP B 889 -26.68 -2.20 -11.95
N ASP B 890 -27.83 -1.87 -12.54
CA ASP B 890 -27.99 -1.81 -13.98
C ASP B 890 -28.07 -0.39 -14.53
N GLY B 891 -27.97 0.63 -13.68
CA GLY B 891 -28.04 2.00 -14.16
C GLY B 891 -26.99 2.29 -15.23
N SER B 892 -25.81 1.71 -15.09
CA SER B 892 -24.77 1.91 -16.10
C SER B 892 -25.09 1.24 -17.42
N ASN B 893 -26.10 0.36 -17.46
CA ASN B 893 -26.56 -0.27 -18.69
C ASN B 893 -27.79 0.40 -19.30
N TYR B 894 -28.29 1.47 -18.67
CA TYR B 894 -29.50 2.11 -19.18
C TYR B 894 -29.34 2.64 -20.60
N ASP B 895 -28.17 3.20 -20.92
N ASP B 895 -28.16 3.17 -20.93
CA ASP B 895 -27.96 3.71 -22.27
CA ASP B 895 -27.98 3.71 -22.27
C ASP B 895 -28.09 2.60 -23.30
C ASP B 895 -28.04 2.62 -23.34
N ILE B 896 -27.41 1.47 -23.10
CA ILE B 896 -27.46 0.41 -24.09
C ILE B 896 -28.84 -0.25 -24.09
N ILE B 897 -29.48 -0.34 -22.93
CA ILE B 897 -30.84 -0.85 -22.88
C ILE B 897 -31.76 -0.02 -23.76
N ALA B 898 -31.71 1.30 -23.58
CA ALA B 898 -32.62 2.16 -24.33
C ALA B 898 -32.39 2.03 -25.83
N ARG B 899 -31.14 1.76 -26.25
CA ARG B 899 -30.85 1.66 -27.67
C ARG B 899 -31.36 0.36 -28.29
N VAL B 900 -31.37 -0.74 -27.53
CA VAL B 900 -31.75 -2.05 -28.07
C VAL B 900 -33.20 -2.44 -27.78
N LYS B 901 -33.83 -1.84 -26.76
CA LYS B 901 -34.98 -2.48 -26.14
C LYS B 901 -36.13 -2.66 -27.12
N ASP B 902 -36.38 -1.65 -27.96
CA ASP B 902 -37.59 -1.63 -28.76
C ASP B 902 -37.35 -2.07 -30.22
N ALA B 903 -36.28 -2.83 -30.48
CA ALA B 903 -35.96 -3.22 -31.85
C ALA B 903 -37.11 -3.99 -32.49
N VAL B 904 -37.72 -4.91 -31.76
CA VAL B 904 -38.83 -5.71 -32.26
C VAL B 904 -39.92 -5.75 -31.19
N ALA B 905 -41.04 -6.38 -31.53
CA ALA B 905 -42.16 -6.49 -30.61
C ALA B 905 -41.83 -7.43 -29.46
N THR B 906 -42.55 -7.28 -28.38
CA THR B 906 -42.45 -8.16 -27.23
C THR B 906 -43.19 -9.46 -27.50
N PRO B 907 -42.59 -10.61 -27.20
CA PRO B 907 -43.27 -11.89 -27.42
C PRO B 907 -44.64 -11.94 -26.77
N GLY B 908 -45.58 -12.57 -27.47
CA GLY B 908 -46.91 -12.84 -26.97
C GLY B 908 -47.21 -14.32 -27.08
N GLU B 909 -48.49 -14.70 -27.01
CA GLU B 909 -48.89 -16.09 -26.95
C GLU B 909 -48.33 -16.90 -28.13
N THR B 910 -48.35 -16.31 -29.32
CA THR B 910 -47.89 -17.04 -30.50
C THR B 910 -46.42 -17.43 -30.35
N GLU B 911 -45.58 -16.48 -29.93
CA GLU B 911 -44.15 -16.76 -29.80
C GLU B 911 -43.87 -17.69 -28.64
N LEU B 912 -44.60 -17.55 -27.53
N LEU B 912 -44.61 -17.55 -27.54
CA LEU B 912 -44.37 -18.42 -26.38
CA LEU B 912 -44.39 -18.41 -26.39
C LEU B 912 -44.76 -19.86 -26.70
C LEU B 912 -44.76 -19.85 -26.70
N LYS B 913 -45.88 -20.07 -27.39
CA LYS B 913 -46.25 -21.42 -27.78
C LYS B 913 -45.24 -22.00 -28.77
N GLN B 914 -44.77 -21.16 -29.70
CA GLN B 914 -43.75 -21.61 -30.64
C GLN B 914 -42.49 -22.05 -29.91
N MET B 915 -42.05 -21.26 -28.93
CA MET B 915 -40.83 -21.60 -28.21
C MET B 915 -41.01 -22.84 -27.34
N THR B 916 -42.17 -22.99 -26.71
CA THR B 916 -42.36 -24.19 -25.87
C THR B 916 -42.30 -25.44 -26.74
N ALA B 917 -42.86 -25.36 -27.94
CA ALA B 917 -42.79 -26.49 -28.87
C ALA B 917 -41.36 -26.76 -29.29
N PHE B 918 -40.58 -25.73 -29.62
CA PHE B 918 -39.17 -25.93 -29.94
C PHE B 918 -38.43 -26.58 -28.77
N TYR B 919 -38.71 -26.10 -27.55
CA TYR B 919 -38.01 -26.59 -26.37
C TYR B 919 -38.30 -28.05 -26.14
N GLN B 920 -39.59 -28.42 -26.18
N GLN B 920 -39.59 -28.42 -26.19
CA GLN B 920 -39.98 -29.81 -25.95
CA GLN B 920 -40.00 -29.80 -26.00
C GLN B 920 -39.56 -30.72 -27.09
C GLN B 920 -39.46 -30.72 -27.08
N GLU B 921 -39.36 -30.18 -28.29
N GLU B 921 -39.33 -30.20 -28.31
N GLU B 921 -39.37 -30.22 -28.30
CA GLU B 921 -38.73 -30.93 -29.36
CA GLU B 921 -38.71 -30.98 -29.37
CA GLU B 921 -38.70 -30.99 -29.34
C GLU B 921 -37.28 -31.27 -29.01
C GLU B 921 -37.25 -31.28 -29.05
C GLU B 921 -37.26 -31.32 -28.95
N LEU B 922 -36.54 -30.29 -28.49
CA LEU B 922 -35.13 -30.51 -28.13
C LEU B 922 -34.98 -31.53 -27.00
N THR B 923 -35.76 -31.39 -25.94
CA THR B 923 -35.66 -32.35 -24.84
C THR B 923 -36.11 -33.75 -25.26
N ALA B 924 -37.11 -33.83 -26.17
CA ALA B 924 -37.53 -35.15 -26.63
C ALA B 924 -36.44 -35.79 -27.49
N LEU B 925 -35.76 -34.97 -28.30
CA LEU B 925 -34.64 -35.51 -29.08
C LEU B 925 -33.53 -36.01 -28.17
N ARG B 926 -33.23 -35.26 -27.10
CA ARG B 926 -32.16 -35.66 -26.19
C ARG B 926 -32.40 -37.06 -25.64
N LYS B 927 -33.64 -37.40 -25.32
N LYS B 927 -33.64 -37.41 -25.32
CA LYS B 927 -33.94 -38.71 -24.77
CA LYS B 927 -33.94 -38.72 -24.77
C LYS B 927 -34.21 -39.78 -25.83
C LYS B 927 -34.44 -39.70 -25.83
N SER B 928 -34.26 -39.40 -27.11
CA SER B 928 -34.71 -40.28 -28.18
C SER B 928 -33.70 -41.36 -28.55
N SER B 929 -32.47 -41.27 -28.07
CA SER B 929 -31.47 -42.28 -28.37
C SER B 929 -30.44 -42.31 -27.25
N PRO B 930 -29.95 -43.49 -26.87
CA PRO B 930 -28.82 -43.54 -25.93
C PRO B 930 -27.58 -42.83 -26.44
N LEU B 931 -27.50 -42.57 -27.74
CA LEU B 931 -26.29 -41.99 -28.32
C LEU B 931 -26.04 -40.55 -27.88
N PHE B 932 -27.09 -39.82 -27.49
CA PHE B 932 -26.90 -38.44 -27.05
C PHE B 932 -26.25 -38.33 -25.67
N THR B 933 -26.26 -39.43 -24.90
CA THR B 933 -25.98 -39.39 -23.47
C THR B 933 -25.09 -40.58 -23.10
N LEU B 934 -23.93 -40.66 -23.77
CA LEU B 934 -23.05 -41.81 -23.63
C LEU B 934 -22.45 -41.94 -22.23
N GLY B 935 -22.32 -40.84 -21.49
CA GLY B 935 -21.83 -40.93 -20.10
C GLY B 935 -20.34 -41.08 -19.85
N ASP B 936 -19.72 -42.06 -20.48
N ASP B 936 -19.70 -42.07 -20.48
CA ASP B 936 -18.32 -42.33 -20.30
CA ASP B 936 -18.29 -42.34 -20.30
C ASP B 936 -17.45 -41.54 -21.29
C ASP B 936 -17.45 -41.54 -21.30
N GLY B 937 -16.40 -40.89 -20.80
CA GLY B 937 -15.55 -40.08 -21.66
C GLY B 937 -14.88 -40.88 -22.78
N ALA B 938 -14.39 -42.07 -22.47
CA ALA B 938 -13.73 -42.88 -23.50
C ALA B 938 -14.71 -43.25 -24.60
N THR B 939 -15.98 -43.46 -24.25
CA THR B 939 -17.00 -43.79 -25.24
C THR B 939 -17.34 -42.59 -26.11
N VAL B 940 -17.40 -41.40 -25.52
CA VAL B 940 -17.57 -40.18 -26.31
C VAL B 940 -16.44 -40.07 -27.33
N MET B 941 -15.20 -40.26 -26.88
CA MET B 941 -14.07 -40.14 -27.79
C MET B 941 -14.13 -41.17 -28.92
N LYS B 942 -14.64 -42.37 -28.64
N LYS B 942 -14.65 -42.36 -28.63
CA LYS B 942 -14.74 -43.40 -29.65
CA LYS B 942 -14.74 -43.40 -29.64
C LYS B 942 -15.88 -43.18 -30.65
C LYS B 942 -15.83 -43.12 -30.67
N ARG B 943 -16.85 -42.33 -30.33
CA ARG B 943 -18.05 -42.21 -31.13
C ARG B 943 -18.36 -40.82 -31.67
N VAL B 944 -17.95 -39.74 -31.00
CA VAL B 944 -18.40 -38.40 -31.34
C VAL B 944 -17.36 -37.71 -32.20
N ASP B 945 -17.81 -37.10 -33.30
CA ASP B 945 -16.94 -36.33 -34.18
C ASP B 945 -17.70 -35.10 -34.65
N PHE B 946 -17.00 -34.25 -35.40
CA PHE B 946 -17.57 -33.07 -36.00
C PHE B 946 -17.18 -32.95 -37.46
N ARG B 947 -18.08 -32.40 -38.26
CA ARG B 947 -17.80 -31.97 -39.62
C ARG B 947 -17.84 -30.45 -39.65
N ASN B 948 -17.60 -29.89 -40.83
CA ASN B 948 -17.56 -28.44 -41.01
C ASN B 948 -16.62 -27.77 -40.01
N THR B 949 -15.38 -28.23 -39.98
CA THR B 949 -14.34 -27.72 -39.11
C THR B 949 -13.20 -27.13 -39.95
N GLY B 950 -12.29 -26.42 -39.28
CA GLY B 950 -11.13 -25.86 -39.95
C GLY B 950 -11.38 -24.47 -40.51
N ALA B 951 -10.39 -23.99 -41.25
CA ALA B 951 -10.43 -22.63 -41.78
C ALA B 951 -11.38 -22.46 -42.97
N ASP B 952 -11.84 -23.55 -43.58
N ASP B 952 -11.84 -23.56 -43.57
CA ASP B 952 -12.81 -23.51 -44.66
CA ASP B 952 -12.80 -23.51 -44.66
C ASP B 952 -14.24 -23.69 -44.19
C ASP B 952 -14.23 -23.72 -44.19
N GLN B 953 -14.47 -23.69 -42.88
CA GLN B 953 -15.79 -24.00 -42.35
C GLN B 953 -16.80 -22.90 -42.69
N GLN B 954 -18.05 -23.30 -42.85
CA GLN B 954 -19.15 -22.35 -42.94
C GLN B 954 -19.47 -21.88 -41.53
N THR B 955 -19.25 -20.60 -41.27
CA THR B 955 -19.34 -20.07 -39.91
C THR B 955 -20.75 -20.25 -39.35
N GLY B 956 -20.83 -20.70 -38.09
CA GLY B 956 -22.09 -20.86 -37.41
C GLY B 956 -22.78 -22.20 -37.61
N LEU B 957 -22.29 -23.03 -38.52
CA LEU B 957 -22.87 -24.34 -38.75
C LEU B 957 -22.14 -25.38 -37.90
N LEU B 958 -22.87 -25.97 -36.94
CA LEU B 958 -22.32 -26.97 -36.06
C LEU B 958 -22.85 -28.32 -36.51
N VAL B 959 -21.94 -29.23 -36.89
CA VAL B 959 -22.34 -30.55 -37.36
C VAL B 959 -21.61 -31.58 -36.51
N MET B 960 -22.37 -32.31 -35.71
CA MET B 960 -21.83 -33.35 -34.85
C MET B 960 -22.33 -34.70 -35.32
N THR B 961 -21.43 -35.67 -35.36
CA THR B 961 -21.80 -37.05 -35.65
C THR B 961 -21.60 -37.92 -34.42
N ILE B 962 -22.49 -38.89 -34.26
CA ILE B 962 -22.37 -39.88 -33.19
C ILE B 962 -22.44 -41.26 -33.81
N ASP B 963 -21.36 -42.02 -33.67
CA ASP B 963 -21.24 -43.30 -34.35
C ASP B 963 -21.92 -44.40 -33.55
N ASP B 964 -22.70 -45.24 -34.25
CA ASP B 964 -23.17 -46.51 -33.71
C ASP B 964 -22.76 -47.69 -34.58
N GLY B 965 -21.81 -47.48 -35.50
CA GLY B 965 -21.40 -48.52 -36.43
C GLY B 965 -20.35 -49.42 -35.85
N MET B 966 -19.89 -50.36 -36.70
CA MET B 966 -19.04 -51.46 -36.24
C MET B 966 -17.72 -50.98 -35.67
N GLN B 967 -17.21 -49.83 -36.12
CA GLN B 967 -15.94 -49.34 -35.61
C GLN B 967 -16.06 -48.74 -34.22
N ALA B 968 -17.27 -48.40 -33.77
CA ALA B 968 -17.46 -47.84 -32.45
C ALA B 968 -17.46 -48.89 -31.37
N GLY B 969 -17.79 -50.14 -31.71
CA GLY B 969 -18.08 -51.18 -30.74
C GLY B 969 -19.48 -51.75 -30.97
N ALA B 970 -20.17 -52.02 -29.87
CA ALA B 970 -21.52 -52.55 -29.96
C ALA B 970 -22.49 -51.47 -30.43
N SER B 971 -23.58 -51.91 -31.06
CA SER B 971 -24.69 -51.02 -31.37
C SER B 971 -25.44 -50.70 -30.08
N LEU B 972 -25.36 -49.45 -29.64
CA LEU B 972 -26.10 -49.02 -28.46
C LEU B 972 -27.54 -48.65 -28.77
N ASP B 973 -27.89 -48.40 -30.03
CA ASP B 973 -29.23 -48.06 -30.45
C ASP B 973 -29.60 -48.98 -31.60
N SER B 974 -30.58 -49.86 -31.39
CA SER B 974 -30.96 -50.83 -32.40
C SER B 974 -31.67 -50.20 -33.59
N ARG B 975 -32.10 -48.94 -33.50
N ARG B 975 -32.06 -48.94 -33.51
CA ARG B 975 -32.79 -48.31 -34.61
CA ARG B 975 -32.75 -48.31 -34.62
C ARG B 975 -31.85 -47.62 -35.59
C ARG B 975 -31.85 -47.57 -35.59
N VAL B 976 -30.65 -47.24 -35.15
CA VAL B 976 -29.77 -46.41 -35.97
C VAL B 976 -28.34 -46.92 -35.93
N ASP B 977 -27.62 -46.68 -37.02
CA ASP B 977 -26.18 -46.87 -37.07
C ASP B 977 -25.41 -45.59 -36.78
N GLY B 978 -26.10 -44.47 -36.61
CA GLY B 978 -25.43 -43.21 -36.34
C GLY B 978 -26.42 -42.07 -36.35
N ILE B 979 -26.04 -40.96 -35.73
CA ILE B 979 -26.87 -39.76 -35.68
C ILE B 979 -26.04 -38.56 -36.12
N VAL B 980 -26.66 -37.66 -36.88
CA VAL B 980 -26.07 -36.37 -37.22
C VAL B 980 -26.90 -35.30 -36.54
N VAL B 981 -26.23 -34.42 -35.81
CA VAL B 981 -26.85 -33.22 -35.24
C VAL B 981 -26.31 -32.04 -36.04
N ALA B 982 -27.22 -31.30 -36.67
CA ALA B 982 -26.84 -30.10 -37.43
C ALA B 982 -27.58 -28.90 -36.84
N ILE B 983 -26.80 -27.93 -36.36
CA ILE B 983 -27.33 -26.67 -35.84
C ILE B 983 -26.81 -25.57 -36.76
N ASN B 984 -27.71 -24.96 -37.52
CA ASN B 984 -27.33 -23.93 -38.48
C ASN B 984 -27.61 -22.57 -37.85
N ALA B 985 -26.65 -22.07 -37.08
CA ALA B 985 -26.78 -20.79 -36.37
C ALA B 985 -26.35 -19.66 -37.31
N ALA B 986 -27.17 -19.41 -38.33
CA ALA B 986 -26.77 -18.48 -39.37
C ALA B 986 -28.01 -18.04 -40.13
N PRO B 987 -27.96 -16.88 -40.78
CA PRO B 987 -29.10 -16.37 -41.55
C PRO B 987 -29.19 -16.88 -42.98
N GLU B 988 -28.36 -17.86 -43.34
CA GLU B 988 -28.32 -18.44 -44.68
C GLU B 988 -28.76 -19.88 -44.62
N SER B 989 -29.26 -20.40 -45.74
CA SER B 989 -29.41 -21.84 -45.88
C SER B 989 -28.05 -22.46 -46.11
N ARG B 990 -27.83 -23.64 -45.53
CA ARG B 990 -26.58 -24.36 -45.69
C ARG B 990 -26.86 -25.76 -46.20
N THR B 991 -26.00 -26.25 -47.09
CA THR B 991 -26.08 -27.61 -47.59
C THR B 991 -24.92 -28.43 -47.03
N LEU B 992 -25.24 -29.60 -46.49
CA LEU B 992 -24.24 -30.58 -46.08
C LEU B 992 -24.00 -31.53 -47.26
N GLN B 993 -22.75 -31.63 -47.71
CA GLN B 993 -22.34 -32.59 -48.73
C GLN B 993 -21.56 -33.76 -48.15
N ASP B 994 -21.24 -33.74 -46.88
N ASP B 994 -21.24 -33.74 -46.87
CA ASP B 994 -20.45 -34.78 -46.25
CA ASP B 994 -20.46 -34.81 -46.25
C ASP B 994 -21.08 -36.16 -46.16
C ASP B 994 -21.08 -36.19 -46.21
N PHE B 995 -22.39 -36.26 -46.31
CA PHE B 995 -23.07 -37.54 -46.20
C PHE B 995 -23.67 -38.05 -47.45
N ALA B 996 -23.16 -37.54 -48.54
CA ALA B 996 -23.66 -37.95 -49.80
C ALA B 996 -23.40 -39.43 -50.01
N GLY B 997 -24.39 -40.08 -50.57
CA GLY B 997 -24.32 -41.49 -50.84
C GLY B 997 -24.68 -42.34 -49.67
N THR B 998 -25.30 -41.74 -48.65
CA THR B 998 -25.63 -42.42 -47.38
C THR B 998 -27.09 -42.54 -46.83
N SER B 999 -28.08 -41.98 -47.47
CA SER B 999 -29.46 -42.10 -47.00
C SER B 999 -29.86 -41.72 -45.52
N LEU B 1000 -29.55 -40.51 -45.10
CA LEU B 1000 -29.95 -40.05 -43.78
C LEU B 1000 -31.43 -39.79 -43.80
N GLN B 1001 -32.06 -39.88 -42.64
N GLN B 1001 -32.07 -39.87 -42.65
CA GLN B 1001 -33.48 -39.65 -42.47
CA GLN B 1001 -33.47 -39.59 -42.50
C GLN B 1001 -33.72 -38.71 -41.31
C GLN B 1001 -33.68 -38.66 -41.32
N LEU B 1002 -34.61 -37.74 -41.48
CA LEU B 1002 -34.95 -36.83 -40.38
C LEU B 1002 -35.59 -37.61 -39.24
N SER B 1003 -35.25 -37.23 -38.00
N SER B 1003 -35.25 -37.25 -38.01
CA SER B 1003 -35.83 -37.86 -36.83
CA SER B 1003 -35.79 -37.92 -36.84
C SER B 1003 -37.34 -37.85 -36.89
C SER B 1003 -37.32 -37.85 -36.86
N ALA B 1004 -37.96 -38.96 -36.49
CA ALA B 1004 -39.41 -39.02 -36.46
C ALA B 1004 -40.01 -37.97 -35.55
N ILE B 1005 -39.30 -37.60 -34.48
CA ILE B 1005 -39.80 -36.57 -33.58
C ILE B 1005 -39.94 -35.24 -34.32
N GLN B 1006 -38.93 -34.89 -35.12
CA GLN B 1006 -39.02 -33.62 -35.85
C GLN B 1006 -40.04 -33.70 -36.97
N GLN B 1007 -40.14 -34.86 -37.65
N GLN B 1007 -40.16 -34.85 -37.63
CA GLN B 1007 -41.17 -35.02 -38.67
CA GLN B 1007 -41.17 -35.00 -38.67
C GLN B 1007 -42.56 -34.79 -38.08
C GLN B 1007 -42.58 -34.82 -38.11
N ALA B 1008 -42.82 -35.37 -36.91
CA ALA B 1008 -44.14 -35.26 -36.27
C ALA B 1008 -44.52 -33.83 -35.94
N ALA B 1009 -43.52 -32.95 -35.76
CA ALA B 1009 -43.82 -31.56 -35.48
C ALA B 1009 -44.15 -30.74 -36.73
N GLY B 1010 -43.88 -31.30 -37.91
CA GLY B 1010 -44.29 -30.61 -39.14
C GLY B 1010 -43.66 -29.23 -39.25
N ASP B 1011 -44.47 -28.25 -39.63
CA ASP B 1011 -43.94 -26.91 -39.82
C ASP B 1011 -43.71 -26.16 -38.52
N ARG B 1012 -43.96 -26.79 -37.38
CA ARG B 1012 -43.60 -26.24 -36.09
C ARG B 1012 -42.24 -26.72 -35.61
N SER B 1013 -41.59 -27.59 -36.37
CA SER B 1013 -40.29 -28.13 -35.98
C SER B 1013 -39.17 -27.13 -36.21
N LEU B 1014 -38.13 -27.25 -35.39
CA LEU B 1014 -36.89 -26.54 -35.69
C LEU B 1014 -36.27 -27.00 -37.00
N ALA B 1015 -36.67 -28.16 -37.50
CA ALA B 1015 -36.22 -28.67 -38.78
C ALA B 1015 -37.20 -28.42 -39.90
N SER B 1016 -38.20 -27.57 -39.70
CA SER B 1016 -39.12 -27.24 -40.77
C SER B 1016 -38.35 -26.69 -41.96
N GLY B 1017 -38.59 -27.27 -43.13
CA GLY B 1017 -37.91 -26.85 -44.34
C GLY B 1017 -36.61 -27.57 -44.64
N VAL B 1018 -36.12 -28.41 -43.74
CA VAL B 1018 -34.95 -29.23 -44.04
C VAL B 1018 -35.28 -30.15 -45.22
N GLN B 1019 -34.31 -30.30 -46.11
CA GLN B 1019 -34.46 -31.14 -47.31
C GLN B 1019 -33.37 -32.19 -47.32
N VAL B 1020 -33.75 -33.45 -47.48
CA VAL B 1020 -32.81 -34.53 -47.74
C VAL B 1020 -32.99 -34.92 -49.20
N ALA B 1021 -32.00 -34.63 -50.03
CA ALA B 1021 -32.12 -34.80 -51.48
C ALA B 1021 -31.74 -36.22 -51.90
N ALA B 1022 -32.07 -36.54 -53.16
CA ALA B 1022 -31.78 -37.87 -53.70
C ALA B 1022 -30.29 -38.18 -53.68
N ASP B 1023 -29.43 -37.18 -53.89
CA ASP B 1023 -27.99 -37.39 -53.85
C ASP B 1023 -27.43 -37.48 -52.43
N GLY B 1024 -28.27 -37.43 -51.41
CA GLY B 1024 -27.83 -37.51 -50.04
C GLY B 1024 -27.47 -36.19 -49.40
N SER B 1025 -27.41 -35.11 -50.16
CA SER B 1025 -27.15 -33.81 -49.58
C SER B 1025 -28.33 -33.37 -48.73
N VAL B 1026 -28.05 -32.68 -47.63
CA VAL B 1026 -29.06 -32.18 -46.71
C VAL B 1026 -28.98 -30.67 -46.72
N THR B 1027 -30.10 -30.00 -46.92
CA THR B 1027 -30.13 -28.55 -46.84
C THR B 1027 -30.91 -28.11 -45.60
N LEU B 1028 -30.34 -27.14 -44.89
N LEU B 1028 -30.30 -27.20 -44.83
CA LEU B 1028 -30.86 -26.62 -43.65
CA LEU B 1028 -30.92 -26.65 -43.64
C LEU B 1028 -31.23 -25.16 -43.84
C LEU B 1028 -31.25 -25.18 -43.87
N PRO B 1029 -32.45 -24.75 -43.54
CA PRO B 1029 -32.77 -23.32 -43.59
C PRO B 1029 -32.01 -22.55 -42.51
N ALA B 1030 -32.10 -21.23 -42.60
CA ALA B 1030 -31.54 -20.35 -41.58
C ALA B 1030 -32.08 -20.73 -40.20
N TRP B 1031 -31.20 -20.62 -39.19
CA TRP B 1031 -31.57 -20.75 -37.78
C TRP B 1031 -32.39 -22.01 -37.52
N SER B 1032 -31.86 -23.15 -37.96
N SER B 1032 -31.85 -23.15 -37.95
CA SER B 1032 -32.56 -24.42 -37.89
CA SER B 1032 -32.56 -24.42 -37.89
C SER B 1032 -31.70 -25.43 -37.13
C SER B 1032 -31.69 -25.47 -37.20
N VAL B 1033 -32.37 -26.50 -36.69
CA VAL B 1033 -31.72 -27.61 -35.99
C VAL B 1033 -32.31 -28.88 -36.59
N ALA B 1034 -31.45 -29.77 -37.07
CA ALA B 1034 -31.89 -31.03 -37.63
C ALA B 1034 -31.15 -32.18 -36.95
N VAL B 1035 -31.90 -33.19 -36.55
CA VAL B 1035 -31.35 -34.46 -36.07
C VAL B 1035 -31.68 -35.49 -37.14
N LEU B 1036 -30.64 -36.05 -37.74
CA LEU B 1036 -30.80 -37.01 -38.81
C LEU B 1036 -30.19 -38.32 -38.36
N GLU B 1037 -30.74 -39.41 -38.87
N GLU B 1037 -30.74 -39.41 -38.87
CA GLU B 1037 -30.33 -40.74 -38.41
CA GLU B 1037 -30.38 -40.75 -38.42
C GLU B 1037 -30.02 -41.62 -39.61
C GLU B 1037 -30.06 -41.64 -39.60
N LEU B 1038 -29.10 -42.56 -39.38
CA LEU B 1038 -28.82 -43.63 -40.32
C LEU B 1038 -29.61 -44.84 -39.87
N PRO B 1039 -30.69 -45.21 -40.55
CA PRO B 1039 -31.50 -46.35 -40.08
C PRO B 1039 -30.69 -47.64 -40.10
N GLN B 1040 -30.85 -48.42 -39.04
CA GLN B 1040 -30.12 -49.67 -38.91
C GLN B 1040 -30.86 -50.77 -39.66
N GLY B 1041 -30.14 -51.53 -40.46
CA GLY B 1041 -30.69 -52.62 -41.25
C GLY B 1041 -30.76 -53.91 -40.48
N GLU B 1042 -30.62 -55.02 -41.22
CA GLU B 1042 -30.70 -56.34 -40.59
CA GLU B 1042 -30.69 -56.34 -40.60
C GLU B 1042 -29.57 -56.56 -39.60
N SER B 1043 -28.40 -55.97 -39.85
N SER B 1043 -28.40 -55.96 -39.84
CA SER B 1043 -27.26 -56.06 -38.94
CA SER B 1043 -27.28 -56.05 -38.91
C SER B 1043 -26.66 -54.67 -38.75
C SER B 1043 -26.67 -54.66 -38.74
N GLN B 1044 -25.81 -54.53 -37.74
CA GLN B 1044 -25.12 -53.28 -37.48
C GLN B 1044 -24.33 -52.86 -38.72
N GLY B 1045 -24.46 -51.59 -39.10
CA GLY B 1045 -23.87 -51.08 -40.31
C GLY B 1045 -22.56 -50.35 -40.08
N ALA B 1046 -22.12 -49.64 -41.13
CA ALA B 1046 -20.83 -48.97 -41.10
C ALA B 1046 -20.85 -47.71 -40.22
N GLY B 1047 -22.00 -47.05 -40.13
CA GLY B 1047 -22.15 -45.90 -39.26
C GLY B 1047 -21.38 -44.68 -39.71
N LEU B 1048 -20.92 -43.91 -38.72
CA LEU B 1048 -20.20 -42.65 -38.92
C LEU B 1048 -18.91 -42.70 -38.10
N PRO B 1049 -17.92 -43.47 -38.55
CA PRO B 1049 -16.73 -43.66 -37.73
C PRO B 1049 -15.97 -42.35 -37.51
N VAL B 1050 -15.47 -42.19 -36.29
CA VAL B 1050 -14.65 -41.03 -35.97
C VAL B 1050 -13.41 -41.05 -36.84
N SER B 1051 -13.08 -39.92 -37.44
CA SER B 1051 -11.90 -39.84 -38.28
C SER B 1051 -10.63 -39.88 -37.43
N SER B 1052 -9.61 -40.56 -37.94
N SER B 1052 -9.57 -40.44 -38.00
CA SER B 1052 -8.29 -40.51 -37.30
CA SER B 1052 -8.27 -40.51 -37.36
C SER B 1052 -7.70 -39.12 -37.47
C SER B 1052 -7.64 -39.13 -37.50
N LYS B 1053 -7.04 -38.63 -36.43
CA LYS B 1053 -6.54 -37.26 -36.45
C LYS B 1053 -5.08 -37.16 -36.00
MG MG C . 44.60 23.78 40.29
MG MG D . 15.74 2.99 1.27
MG MG E . -5.77 6.94 -26.44
MG MG F . -13.52 16.71 -1.94
MG MG G . 22.10 32.45 -6.60
MG MG H . 31.85 25.93 -9.94
MG MG I . 55.81 31.96 -4.83
MG MG J . 35.75 38.99 -12.27
MG MG K . 16.69 -20.01 -2.89
MG MG L . 25.85 42.86 10.07
MG MG M . 8.26 48.27 4.90
C ACT N . 12.52 18.13 24.02
O ACT N . 11.48 18.63 24.45
OXT ACT N . 12.99 17.04 24.44
CH3 ACT N . 13.42 19.11 23.37
C ACT O . 27.94 -2.01 6.93
O ACT O . 27.09 -2.05 7.84
OXT ACT O . 28.85 -1.16 6.71
CH3 ACT O . 27.75 -2.95 5.79
C ACT P . 49.38 22.68 39.53
O ACT P . 48.43 22.71 38.74
OXT ACT P . 49.28 22.66 40.76
CH3 ACT P . 50.63 22.10 38.99
MG MG Q . 12.63 8.09 18.89
MG MG R . -36.58 -18.38 6.92
MG MG S . -27.36 -49.22 -33.82
MG MG T . -10.32 14.52 24.88
MG MG U . -6.98 -15.62 1.75
MG MG V . -33.24 -51.08 -28.84
MG MG W . -23.58 -0.80 -12.85
MG MG X . 7.70 19.94 20.27
MG MG Y . -51.14 -39.93 -5.55
MG MG Z . -36.69 -41.25 28.64
MG MG AA . -50.22 -16.92 4.94
CA CA BA . -37.32 -9.11 -0.98
C ACT CA . -5.08 -2.37 25.60
O ACT CA . -5.75 -1.99 24.66
OXT ACT CA . -4.50 -3.48 25.64
CH3 ACT CA . -5.09 -1.50 26.82
C ACT DA . -46.65 -44.91 13.03
O ACT DA . -46.33 -45.17 11.89
OXT ACT DA . -45.80 -44.66 13.86
CH3 ACT DA . -48.10 -44.78 13.36
C ACT EA . -58.45 -21.54 -7.77
O ACT EA . -58.81 -22.49 -8.43
OXT ACT EA . -58.66 -21.49 -6.62
CH3 ACT EA . -57.81 -20.37 -8.47
C ACT FA . -19.17 -17.07 -13.53
O ACT FA . -20.33 -16.81 -13.27
OXT ACT FA . -18.83 -17.66 -14.53
CH3 ACT FA . -18.13 -16.67 -12.52
C ACT GA . -51.79 -1.35 -18.57
O ACT GA . -52.99 -1.38 -18.33
OXT ACT GA . -51.12 -2.31 -18.94
CH3 ACT GA . -51.14 -0.02 -18.50
#